data_9PT0
# 
_entry.id   9PT0 
# 
_audit_conform.dict_name       mmcif_pdbx.dic 
_audit_conform.dict_version    5.406 
_audit_conform.dict_location   http://mmcif.pdb.org/dictionaries/ascii/mmcif_pdbx.dic 
# 
loop_
_database_2.database_id 
_database_2.database_code 
_database_2.pdbx_database_accession 
_database_2.pdbx_DOI 
PDB   9PT0         pdb_00009pt0 10.2210/pdb9pt0/pdb 
WWPDB D_1000298342 ?            ?                   
# 
_pdbx_audit_revision_history.ordinal             1 
_pdbx_audit_revision_history.data_content_type   'Structure model' 
_pdbx_audit_revision_history.major_revision      1 
_pdbx_audit_revision_history.minor_revision      0 
_pdbx_audit_revision_history.revision_date       2025-10-01 
_pdbx_audit_revision_history.part_number         ? 
# 
_pdbx_audit_revision_details.ordinal             1 
_pdbx_audit_revision_details.revision_ordinal    1 
_pdbx_audit_revision_details.data_content_type   'Structure model' 
_pdbx_audit_revision_details.provider            repository 
_pdbx_audit_revision_details.type                'Initial release' 
_pdbx_audit_revision_details.description         ? 
_pdbx_audit_revision_details.details             ? 
# 
_pdbx_database_status.status_code                     REL 
_pdbx_database_status.status_code_sf                  REL 
_pdbx_database_status.status_code_mr                  ? 
_pdbx_database_status.entry_id                        9PT0 
_pdbx_database_status.recvd_initial_deposition_date   2025-07-27 
_pdbx_database_status.SG_entry                        N 
_pdbx_database_status.deposit_site                    RCSB 
_pdbx_database_status.process_site                    RCSB 
_pdbx_database_status.status_code_cs                  ? 
_pdbx_database_status.status_code_nmr_data            ? 
_pdbx_database_status.methods_development_category    ? 
_pdbx_database_status.pdb_format_compatible           N 
# 
_pdbx_contact_author.id                 2 
_pdbx_contact_author.email              geigerj@msu.edu 
_pdbx_contact_author.name_first         'James H.' 
_pdbx_contact_author.name_last          Geiger 
_pdbx_contact_author.name_mi            ? 
_pdbx_contact_author.role               'principal investigator/group leader' 
_pdbx_contact_author.identifier_ORCID   0000-0002-9443-4488 
# 
loop_
_audit_author.name 
_audit_author.pdbx_ordinal 
_audit_author.identifier_ORCID 
'Ghanbarpour, A.' 1 ? 
'Bingham, C.'     2 ? 
'Geiger, J.H.'    3 ? 
# 
_citation.abstract                  ? 
_citation.abstract_id_CAS           ? 
_citation.book_id_ISBN              ? 
_citation.book_publisher            ? 
_citation.book_publisher_city       ? 
_citation.book_title                ? 
_citation.coordinate_linkage        ? 
_citation.country                   ? 
_citation.database_id_Medline       ? 
_citation.details                   ? 
_citation.id                        primary 
_citation.journal_abbrev            'To Be Published' 
_citation.journal_id_ASTM           ? 
_citation.journal_id_CSD            0353 
_citation.journal_id_ISSN           ? 
_citation.journal_full              ? 
_citation.journal_issue             ? 
_citation.journal_volume            ? 
_citation.language                  ? 
_citation.page_first                ? 
_citation.page_last                 ? 
_citation.title                     'Exploring the Structure-Property Relationships of Protein/Fluorophore Complex' 
_citation.year                      ? 
_citation.database_id_CSD           ? 
_citation.pdbx_database_id_DOI      ? 
_citation.pdbx_database_id_PubMed   ? 
_citation.pdbx_database_id_patent   ? 
_citation.unpublished_flag          ? 
# 
loop_
_citation_author.citation_id 
_citation_author.name 
_citation_author.ordinal 
_citation_author.identifier_ORCID 
primary 'Santos, E.'      1 ? 
primary 'Ghanbarpour, A.' 2 ? 
primary 'Chandra, I.'     3 ? 
primary 'Bingham, C.'     4 ? 
primary 'Vasileiou, C.'   5 ? 
primary 'Geiger, J.H.'    6 ? 
primary 'Borhan, B.'      7 ? 
# 
loop_
_entity.id 
_entity.type 
_entity.src_method 
_entity.pdbx_description 
_entity.formula_weight 
_entity.pdbx_number_of_molecules 
_entity.pdbx_ec 
_entity.pdbx_mutation 
_entity.pdbx_fragment 
_entity.details 
1 polymer     man 'Retinol-binding protein 2'                                   15634.491 1  ? 
Q108K:K40L:T51V:T53S:R58W:Y19W:L117E ? ? 
2 non-polymer syn "(2E)-3-[5'-(dimethylamino)[2,2'-bithiophen]-5-yl]but-2-enal" 277.405   1  ? ? ? ? 
3 non-polymer syn 'ACETATE ION'                                                 59.044    1  ? ? ? ? 
4 water       nat water                                                         18.015    62 ? ? ? ? 
# 
_entity_name_com.entity_id   1 
_entity_name_com.name        'Cellular retinol-binding protein II,CRBP-II' 
# 
_entity_poly.entity_id                      1 
_entity_poly.type                           'polypeptide(L)' 
_entity_poly.nstd_linkage                   no 
_entity_poly.nstd_monomer                   no 
_entity_poly.pdbx_seq_one_letter_code       
;TRDQNGTWEMESNENFEGWMKALDIDFATRKIAVRLTQTLVIDQDGDNFKVKSTSTFWNYDVDFTVGVEFDEYTKSLDNR
HVKALVTWEGDVLVCVQKGEKENRGWKKWIEGDKLYEELTCGDQVCRQVFKKK
;
_entity_poly.pdbx_seq_one_letter_code_can   
;TRDQNGTWEMESNENFEGWMKALDIDFATRKIAVRLTQTLVIDQDGDNFKVKSTSTFWNYDVDFTVGVEFDEYTKSLDNR
HVKALVTWEGDVLVCVQKGEKENRGWKKWIEGDKLYEELTCGDQVCRQVFKKK
;
_entity_poly.pdbx_strand_id                 A 
_entity_poly.pdbx_target_identifier         ? 
# 
loop_
_pdbx_entity_nonpoly.entity_id 
_pdbx_entity_nonpoly.name 
_pdbx_entity_nonpoly.comp_id 
2 "(2E)-3-[5'-(dimethylamino)[2,2'-bithiophen]-5-yl]but-2-enal" A1CKZ 
3 'ACETATE ION'                                                 ACT   
4 water                                                         HOH   
# 
loop_
_entity_poly_seq.entity_id 
_entity_poly_seq.num 
_entity_poly_seq.mon_id 
_entity_poly_seq.hetero 
1 1   THR n 
1 2   ARG n 
1 3   ASP n 
1 4   GLN n 
1 5   ASN n 
1 6   GLY n 
1 7   THR n 
1 8   TRP n 
1 9   GLU n 
1 10  MET n 
1 11  GLU n 
1 12  SER n 
1 13  ASN n 
1 14  GLU n 
1 15  ASN n 
1 16  PHE n 
1 17  GLU n 
1 18  GLY n 
1 19  TRP n 
1 20  MET n 
1 21  LYS n 
1 22  ALA n 
1 23  LEU n 
1 24  ASP n 
1 25  ILE n 
1 26  ASP n 
1 27  PHE n 
1 28  ALA n 
1 29  THR n 
1 30  ARG n 
1 31  LYS n 
1 32  ILE n 
1 33  ALA n 
1 34  VAL n 
1 35  ARG n 
1 36  LEU n 
1 37  THR n 
1 38  GLN n 
1 39  THR n 
1 40  LEU n 
1 41  VAL n 
1 42  ILE n 
1 43  ASP n 
1 44  GLN n 
1 45  ASP n 
1 46  GLY n 
1 47  ASP n 
1 48  ASN n 
1 49  PHE n 
1 50  LYS n 
1 51  VAL n 
1 52  LYS n 
1 53  SER n 
1 54  THR n 
1 55  SER n 
1 56  THR n 
1 57  PHE n 
1 58  TRP n 
1 59  ASN n 
1 60  TYR n 
1 61  ASP n 
1 62  VAL n 
1 63  ASP n 
1 64  PHE n 
1 65  THR n 
1 66  VAL n 
1 67  GLY n 
1 68  VAL n 
1 69  GLU n 
1 70  PHE n 
1 71  ASP n 
1 72  GLU n 
1 73  TYR n 
1 74  THR n 
1 75  LYS n 
1 76  SER n 
1 77  LEU n 
1 78  ASP n 
1 79  ASN n 
1 80  ARG n 
1 81  HIS n 
1 82  VAL n 
1 83  LYS n 
1 84  ALA n 
1 85  LEU n 
1 86  VAL n 
1 87  THR n 
1 88  TRP n 
1 89  GLU n 
1 90  GLY n 
1 91  ASP n 
1 92  VAL n 
1 93  LEU n 
1 94  VAL n 
1 95  CYS n 
1 96  VAL n 
1 97  GLN n 
1 98  LYS n 
1 99  GLY n 
1 100 GLU n 
1 101 LYS n 
1 102 GLU n 
1 103 ASN n 
1 104 ARG n 
1 105 GLY n 
1 106 TRP n 
1 107 LYS n 
1 108 LYS n 
1 109 TRP n 
1 110 ILE n 
1 111 GLU n 
1 112 GLY n 
1 113 ASP n 
1 114 LYS n 
1 115 LEU n 
1 116 TYR n 
1 117 GLU n 
1 118 GLU n 
1 119 LEU n 
1 120 THR n 
1 121 CYS n 
1 122 GLY n 
1 123 ASP n 
1 124 GLN n 
1 125 VAL n 
1 126 CYS n 
1 127 ARG n 
1 128 GLN n 
1 129 VAL n 
1 130 PHE n 
1 131 LYS n 
1 132 LYS n 
1 133 LYS n 
# 
_entity_src_gen.entity_id                          1 
_entity_src_gen.pdbx_src_id                        1 
_entity_src_gen.pdbx_alt_source_flag               sample 
_entity_src_gen.pdbx_seq_type                      'Biological sequence' 
_entity_src_gen.pdbx_beg_seq_num                   1 
_entity_src_gen.pdbx_end_seq_num                   133 
_entity_src_gen.gene_src_common_name               human 
_entity_src_gen.gene_src_genus                     ? 
_entity_src_gen.pdbx_gene_src_gene                 'RBP2, CRBP2' 
_entity_src_gen.gene_src_species                   ? 
_entity_src_gen.gene_src_strain                    ? 
_entity_src_gen.gene_src_tissue                    ? 
_entity_src_gen.gene_src_tissue_fraction           ? 
_entity_src_gen.gene_src_details                   ? 
_entity_src_gen.pdbx_gene_src_fragment             ? 
_entity_src_gen.pdbx_gene_src_scientific_name      'Homo sapiens' 
_entity_src_gen.pdbx_gene_src_ncbi_taxonomy_id     9606 
_entity_src_gen.pdbx_gene_src_variant              ? 
_entity_src_gen.pdbx_gene_src_cell_line            ? 
_entity_src_gen.pdbx_gene_src_atcc                 ? 
_entity_src_gen.pdbx_gene_src_organ                ? 
_entity_src_gen.pdbx_gene_src_organelle            ? 
_entity_src_gen.pdbx_gene_src_cell                 ? 
_entity_src_gen.pdbx_gene_src_cellular_location    ? 
_entity_src_gen.host_org_common_name               ? 
_entity_src_gen.pdbx_host_org_scientific_name      'Escherichia coli' 
_entity_src_gen.pdbx_host_org_ncbi_taxonomy_id     562 
_entity_src_gen.host_org_genus                     ? 
_entity_src_gen.pdbx_host_org_gene                 ? 
_entity_src_gen.pdbx_host_org_organ                ? 
_entity_src_gen.host_org_species                   ? 
_entity_src_gen.pdbx_host_org_tissue               ? 
_entity_src_gen.pdbx_host_org_tissue_fraction      ? 
_entity_src_gen.pdbx_host_org_strain               ? 
_entity_src_gen.pdbx_host_org_variant              ? 
_entity_src_gen.pdbx_host_org_cell_line            ? 
_entity_src_gen.pdbx_host_org_atcc                 ? 
_entity_src_gen.pdbx_host_org_culture_collection   ? 
_entity_src_gen.pdbx_host_org_cell                 ? 
_entity_src_gen.pdbx_host_org_organelle            ? 
_entity_src_gen.pdbx_host_org_cellular_location    ? 
_entity_src_gen.pdbx_host_org_vector_type          ? 
_entity_src_gen.pdbx_host_org_vector               ? 
_entity_src_gen.host_org_details                   ? 
_entity_src_gen.expression_system_id               ? 
_entity_src_gen.plasmid_name                       ? 
_entity_src_gen.plasmid_details                    ? 
_entity_src_gen.pdbx_description                   ? 
# 
loop_
_chem_comp.id 
_chem_comp.type 
_chem_comp.mon_nstd_flag 
_chem_comp.name 
_chem_comp.pdbx_synonyms 
_chem_comp.formula 
_chem_comp.formula_weight 
A1CKZ non-polymer         . "(2E)-3-[5'-(dimethylamino)[2,2'-bithiophen]-5-yl]but-2-enal" ? 'C14 H15 N O S2' 277.405 
ACT   non-polymer         . 'ACETATE ION'                                                 ? 'C2 H3 O2 -1'    59.044  
ALA   'L-peptide linking' y ALANINE                                                       ? 'C3 H7 N O2'     89.093  
ARG   'L-peptide linking' y ARGININE                                                      ? 'C6 H15 N4 O2 1' 175.209 
ASN   'L-peptide linking' y ASPARAGINE                                                    ? 'C4 H8 N2 O3'    132.118 
ASP   'L-peptide linking' y 'ASPARTIC ACID'                                               ? 'C4 H7 N O4'     133.103 
CYS   'L-peptide linking' y CYSTEINE                                                      ? 'C3 H7 N O2 S'   121.158 
GLN   'L-peptide linking' y GLUTAMINE                                                     ? 'C5 H10 N2 O3'   146.144 
GLU   'L-peptide linking' y 'GLUTAMIC ACID'                                               ? 'C5 H9 N O4'     147.129 
GLY   'peptide linking'   y GLYCINE                                                       ? 'C2 H5 N O2'     75.067  
HIS   'L-peptide linking' y HISTIDINE                                                     ? 'C6 H10 N3 O2 1' 156.162 
HOH   non-polymer         . WATER                                                         ? 'H2 O'           18.015  
ILE   'L-peptide linking' y ISOLEUCINE                                                    ? 'C6 H13 N O2'    131.173 
LEU   'L-peptide linking' y LEUCINE                                                       ? 'C6 H13 N O2'    131.173 
LYS   'L-peptide linking' y LYSINE                                                        ? 'C6 H15 N2 O2 1' 147.195 
MET   'L-peptide linking' y METHIONINE                                                    ? 'C5 H11 N O2 S'  149.211 
PHE   'L-peptide linking' y PHENYLALANINE                                                 ? 'C9 H11 N O2'    165.189 
SER   'L-peptide linking' y SERINE                                                        ? 'C3 H7 N O3'     105.093 
THR   'L-peptide linking' y THREONINE                                                     ? 'C4 H9 N O3'     119.119 
TRP   'L-peptide linking' y TRYPTOPHAN                                                    ? 'C11 H12 N2 O2'  204.225 
TYR   'L-peptide linking' y TYROSINE                                                      ? 'C9 H11 N O3'    181.189 
VAL   'L-peptide linking' y VALINE                                                        ? 'C5 H11 N O2'    117.146 
# 
loop_
_pdbx_poly_seq_scheme.asym_id 
_pdbx_poly_seq_scheme.entity_id 
_pdbx_poly_seq_scheme.seq_id 
_pdbx_poly_seq_scheme.mon_id 
_pdbx_poly_seq_scheme.ndb_seq_num 
_pdbx_poly_seq_scheme.pdb_seq_num 
_pdbx_poly_seq_scheme.auth_seq_num 
_pdbx_poly_seq_scheme.pdb_mon_id 
_pdbx_poly_seq_scheme.auth_mon_id 
_pdbx_poly_seq_scheme.pdb_strand_id 
_pdbx_poly_seq_scheme.pdb_ins_code 
_pdbx_poly_seq_scheme.hetero 
A 1 1   THR 1   1   1   THR THR A . n 
A 1 2   ARG 2   2   2   ARG ARG A . n 
A 1 3   ASP 3   3   3   ASP ASP A . n 
A 1 4   GLN 4   4   4   GLN GLN A . n 
A 1 5   ASN 5   5   5   ASN ASN A . n 
A 1 6   GLY 6   6   6   GLY GLY A . n 
A 1 7   THR 7   7   7   THR THR A . n 
A 1 8   TRP 8   8   8   TRP TRP A . n 
A 1 9   GLU 9   9   9   GLU GLU A . n 
A 1 10  MET 10  10  10  MET MET A . n 
A 1 11  GLU 11  11  11  GLU GLU A . n 
A 1 12  SER 12  12  12  SER SER A . n 
A 1 13  ASN 13  13  13  ASN ASN A . n 
A 1 14  GLU 14  14  14  GLU GLU A . n 
A 1 15  ASN 15  15  15  ASN ASN A . n 
A 1 16  PHE 16  16  16  PHE PHE A . n 
A 1 17  GLU 17  17  17  GLU GLU A . n 
A 1 18  GLY 18  18  18  GLY GLY A . n 
A 1 19  TRP 19  19  19  TRP TRP A . n 
A 1 20  MET 20  20  20  MET MET A . n 
A 1 21  LYS 21  21  21  LYS LYS A . n 
A 1 22  ALA 22  22  22  ALA ALA A . n 
A 1 23  LEU 23  23  23  LEU LEU A . n 
A 1 24  ASP 24  24  24  ASP ASP A . n 
A 1 25  ILE 25  25  25  ILE ILE A . n 
A 1 26  ASP 26  26  26  ASP ASP A . n 
A 1 27  PHE 27  27  27  PHE PHE A . n 
A 1 28  ALA 28  28  28  ALA ALA A . n 
A 1 29  THR 29  29  29  THR THR A . n 
A 1 30  ARG 30  30  30  ARG ARG A . n 
A 1 31  LYS 31  31  31  LYS LYS A . n 
A 1 32  ILE 32  32  32  ILE ILE A . n 
A 1 33  ALA 33  33  33  ALA ALA A . n 
A 1 34  VAL 34  34  34  VAL VAL A . n 
A 1 35  ARG 35  35  35  ARG ARG A . n 
A 1 36  LEU 36  36  36  LEU LEU A . n 
A 1 37  THR 37  37  37  THR THR A . n 
A 1 38  GLN 38  38  38  GLN GLN A . n 
A 1 39  THR 39  39  39  THR THR A . n 
A 1 40  LEU 40  40  40  LEU LEU A . n 
A 1 41  VAL 41  41  41  VAL VAL A . n 
A 1 42  ILE 42  42  42  ILE ILE A . n 
A 1 43  ASP 43  43  43  ASP ASP A . n 
A 1 44  GLN 44  44  44  GLN GLN A . n 
A 1 45  ASP 45  45  45  ASP ASP A . n 
A 1 46  GLY 46  46  46  GLY GLY A . n 
A 1 47  ASP 47  47  47  ASP ASP A . n 
A 1 48  ASN 48  48  48  ASN ASN A . n 
A 1 49  PHE 49  49  49  PHE PHE A . n 
A 1 50  LYS 50  50  50  LYS LYS A . n 
A 1 51  VAL 51  51  51  VAL VAL A . n 
A 1 52  LYS 52  52  52  LYS LYS A . n 
A 1 53  SER 53  53  53  SER SER A . n 
A 1 54  THR 54  54  54  THR THR A . n 
A 1 55  SER 55  55  55  SER SER A . n 
A 1 56  THR 56  56  56  THR THR A . n 
A 1 57  PHE 57  57  57  PHE PHE A . n 
A 1 58  TRP 58  58  58  TRP TRP A . n 
A 1 59  ASN 59  59  59  ASN ASN A . n 
A 1 60  TYR 60  60  60  TYR TYR A . n 
A 1 61  ASP 61  61  61  ASP ASP A . n 
A 1 62  VAL 62  62  62  VAL VAL A . n 
A 1 63  ASP 63  63  63  ASP ASP A . n 
A 1 64  PHE 64  64  64  PHE PHE A . n 
A 1 65  THR 65  65  65  THR THR A . n 
A 1 66  VAL 66  66  66  VAL VAL A . n 
A 1 67  GLY 67  67  67  GLY GLY A . n 
A 1 68  VAL 68  68  68  VAL VAL A . n 
A 1 69  GLU 69  69  69  GLU GLU A . n 
A 1 70  PHE 70  70  70  PHE PHE A . n 
A 1 71  ASP 71  71  71  ASP ASP A . n 
A 1 72  GLU 72  72  72  GLU GLU A . n 
A 1 73  TYR 73  73  73  TYR TYR A . n 
A 1 74  THR 74  74  74  THR THR A . n 
A 1 75  LYS 75  75  75  LYS LYS A . n 
A 1 76  SER 76  76  76  SER SER A . n 
A 1 77  LEU 77  77  77  LEU LEU A . n 
A 1 78  ASP 78  78  78  ASP ASP A . n 
A 1 79  ASN 79  79  79  ASN ASN A . n 
A 1 80  ARG 80  80  80  ARG ARG A . n 
A 1 81  HIS 81  81  81  HIS HIS A . n 
A 1 82  VAL 82  82  82  VAL VAL A . n 
A 1 83  LYS 83  83  83  LYS LYS A . n 
A 1 84  ALA 84  84  84  ALA ALA A . n 
A 1 85  LEU 85  85  85  LEU LEU A . n 
A 1 86  VAL 86  86  86  VAL VAL A . n 
A 1 87  THR 87  87  87  THR THR A . n 
A 1 88  TRP 88  88  88  TRP TRP A . n 
A 1 89  GLU 89  89  89  GLU GLU A . n 
A 1 90  GLY 90  90  90  GLY GLY A . n 
A 1 91  ASP 91  91  91  ASP ASP A . n 
A 1 92  VAL 92  92  92  VAL VAL A . n 
A 1 93  LEU 93  93  93  LEU LEU A . n 
A 1 94  VAL 94  94  94  VAL VAL A . n 
A 1 95  CYS 95  95  95  CYS CYS A . n 
A 1 96  VAL 96  96  96  VAL VAL A . n 
A 1 97  GLN 97  97  97  GLN GLN A . n 
A 1 98  LYS 98  98  98  LYS LYS A . n 
A 1 99  GLY 99  99  99  GLY GLY A . n 
A 1 100 GLU 100 100 100 GLU GLU A . n 
A 1 101 LYS 101 101 101 LYS LYS A . n 
A 1 102 GLU 102 102 102 GLU GLU A . n 
A 1 103 ASN 103 103 103 ASN ASN A . n 
A 1 104 ARG 104 104 104 ARG ARG A . n 
A 1 105 GLY 105 105 105 GLY GLY A . n 
A 1 106 TRP 106 106 106 TRP TRP A . n 
A 1 107 LYS 107 107 107 LYS LYS A . n 
A 1 108 LYS 108 108 108 LYS LYS A . n 
A 1 109 TRP 109 109 109 TRP TRP A . n 
A 1 110 ILE 110 110 110 ILE ILE A . n 
A 1 111 GLU 111 111 111 GLU GLU A . n 
A 1 112 GLY 112 112 112 GLY GLY A . n 
A 1 113 ASP 113 113 113 ASP ASP A . n 
A 1 114 LYS 114 114 114 LYS LYS A . n 
A 1 115 LEU 115 115 115 LEU LEU A . n 
A 1 116 TYR 116 116 116 TYR TYR A . n 
A 1 117 GLU 117 117 117 GLU GLU A . n 
A 1 118 GLU 118 118 118 GLU GLU A . n 
A 1 119 LEU 119 119 119 LEU LEU A . n 
A 1 120 THR 120 120 120 THR THR A . n 
A 1 121 CYS 121 121 121 CYS CYS A . n 
A 1 122 GLY 122 122 122 GLY GLY A . n 
A 1 123 ASP 123 123 123 ASP ASP A . n 
A 1 124 GLN 124 124 124 GLN GLN A . n 
A 1 125 VAL 125 125 125 VAL VAL A . n 
A 1 126 CYS 126 126 126 CYS CYS A . n 
A 1 127 ARG 127 127 127 ARG ARG A . n 
A 1 128 GLN 128 128 128 GLN GLN A . n 
A 1 129 VAL 129 129 129 VAL VAL A . n 
A 1 130 PHE 130 130 130 PHE PHE A . n 
A 1 131 LYS 131 131 131 LYS LYS A . n 
A 1 132 LYS 132 132 132 LYS LYS A . n 
A 1 133 LYS 133 133 133 LYS LYS A . n 
# 
_pdbx_entity_instance_feature.ordinal        1 
_pdbx_entity_instance_feature.comp_id        A1CKZ 
_pdbx_entity_instance_feature.asym_id        ? 
_pdbx_entity_instance_feature.seq_num        ? 
_pdbx_entity_instance_feature.auth_comp_id   A1CKZ 
_pdbx_entity_instance_feature.auth_asym_id   ? 
_pdbx_entity_instance_feature.auth_seq_num   ? 
_pdbx_entity_instance_feature.feature_type   'SUBJECT OF INVESTIGATION' 
_pdbx_entity_instance_feature.details        ? 
# 
loop_
_pdbx_nonpoly_scheme.asym_id 
_pdbx_nonpoly_scheme.entity_id 
_pdbx_nonpoly_scheme.mon_id 
_pdbx_nonpoly_scheme.ndb_seq_num 
_pdbx_nonpoly_scheme.pdb_seq_num 
_pdbx_nonpoly_scheme.auth_seq_num 
_pdbx_nonpoly_scheme.pdb_mon_id 
_pdbx_nonpoly_scheme.auth_mon_id 
_pdbx_nonpoly_scheme.pdb_strand_id 
_pdbx_nonpoly_scheme.pdb_ins_code 
B 2 A1CKZ 1  201 201 A1CKZ TF8 A . 
C 3 ACT   1  202 1   ACT   ACT A . 
D 4 HOH   1  301 30  HOH   HOH A . 
D 4 HOH   2  302 56  HOH   HOH A . 
D 4 HOH   3  303 47  HOH   HOH A . 
D 4 HOH   4  304 66  HOH   HOH A . 
D 4 HOH   5  305 32  HOH   HOH A . 
D 4 HOH   6  306 18  HOH   HOH A . 
D 4 HOH   7  307 44  HOH   HOH A . 
D 4 HOH   8  308 17  HOH   HOH A . 
D 4 HOH   9  309 12  HOH   HOH A . 
D 4 HOH   10 310 14  HOH   HOH A . 
D 4 HOH   11 311 8   HOH   HOH A . 
D 4 HOH   12 312 50  HOH   HOH A . 
D 4 HOH   13 313 11  HOH   HOH A . 
D 4 HOH   14 314 20  HOH   HOH A . 
D 4 HOH   15 315 33  HOH   HOH A . 
D 4 HOH   16 316 28  HOH   HOH A . 
D 4 HOH   17 317 16  HOH   HOH A . 
D 4 HOH   18 318 4   HOH   HOH A . 
D 4 HOH   19 319 36  HOH   HOH A . 
D 4 HOH   20 320 71  HOH   HOH A . 
D 4 HOH   21 321 65  HOH   HOH A . 
D 4 HOH   22 322 13  HOH   HOH A . 
D 4 HOH   23 323 43  HOH   HOH A . 
D 4 HOH   24 324 1   HOH   HOH A . 
D 4 HOH   25 325 10  HOH   HOH A . 
D 4 HOH   26 326 35  HOH   HOH A . 
D 4 HOH   27 327 52  HOH   HOH A . 
D 4 HOH   28 328 21  HOH   HOH A . 
D 4 HOH   29 329 22  HOH   HOH A . 
D 4 HOH   30 330 6   HOH   HOH A . 
D 4 HOH   31 331 23  HOH   HOH A . 
D 4 HOH   32 332 39  HOH   HOH A . 
D 4 HOH   33 333 5   HOH   HOH A . 
D 4 HOH   34 334 9   HOH   HOH A . 
D 4 HOH   35 335 68  HOH   HOH A . 
D 4 HOH   36 336 77  HOH   HOH A . 
D 4 HOH   37 337 34  HOH   HOH A . 
D 4 HOH   38 338 29  HOH   HOH A . 
D 4 HOH   39 339 79  HOH   HOH A . 
D 4 HOH   40 340 19  HOH   HOH A . 
D 4 HOH   41 341 38  HOH   HOH A . 
D 4 HOH   42 342 61  HOH   HOH A . 
D 4 HOH   43 343 72  HOH   HOH A . 
D 4 HOH   44 344 2   HOH   HOH A . 
D 4 HOH   45 345 7   HOH   HOH A . 
D 4 HOH   46 346 51  HOH   HOH A . 
D 4 HOH   47 347 48  HOH   HOH A . 
D 4 HOH   48 348 73  HOH   HOH A . 
D 4 HOH   49 349 78  HOH   HOH A . 
D 4 HOH   50 350 24  HOH   HOH A . 
D 4 HOH   51 351 27  HOH   HOH A . 
D 4 HOH   52 352 70  HOH   HOH A . 
D 4 HOH   53 353 53  HOH   HOH A . 
D 4 HOH   54 354 26  HOH   HOH A . 
D 4 HOH   55 355 3   HOH   HOH A . 
D 4 HOH   56 356 76  HOH   HOH A . 
D 4 HOH   57 357 15  HOH   HOH A . 
D 4 HOH   58 358 49  HOH   HOH A . 
D 4 HOH   59 359 62  HOH   HOH A . 
D 4 HOH   60 360 63  HOH   HOH A . 
D 4 HOH   61 361 42  HOH   HOH A . 
D 4 HOH   62 362 31  HOH   HOH A . 
# 
loop_
_software.citation_id 
_software.classification 
_software.compiler_name 
_software.compiler_version 
_software.contact_author 
_software.contact_author_email 
_software.date 
_software.description 
_software.dependencies 
_software.hardware 
_software.language 
_software.location 
_software.mods 
_software.name 
_software.os 
_software.os_version 
_software.type 
_software.version 
_software.pdbx_reference_DOI 
_software.pdbx_ordinal 
? refinement       ? ? ? ? ? ? ? ? ? ? ? PHENIX   ? ? ? 1.21.2_5419 ? 1 
? 'model building' ? ? ? ? ? ? ? ? ? ? ? Coot     ? ? ? .           ? 2 
? 'data scaling'   ? ? ? ? ? ? ? ? ? ? ? HKL-2000 ? ? ? .           ? 3 
? phasing          ? ? ? ? ? ? ? ? ? ? ? PHASER   ? ? ? .           ? 4 
# 
_cell.angle_alpha                  90.000 
_cell.angle_alpha_esd              ? 
_cell.angle_beta                   90.375 
_cell.angle_beta_esd               ? 
_cell.angle_gamma                  90.000 
_cell.angle_gamma_esd              ? 
_cell.entry_id                     9PT0 
_cell.details                      ? 
_cell.formula_units_Z              ? 
_cell.length_a                     29.303 
_cell.length_a_esd                 ? 
_cell.length_b                     66.469 
_cell.length_b_esd                 ? 
_cell.length_c                     64.285 
_cell.length_c_esd                 ? 
_cell.volume                       125207.855 
_cell.volume_esd                   ? 
_cell.Z_PDB                        4 
_cell.reciprocal_angle_alpha       ? 
_cell.reciprocal_angle_beta        ? 
_cell.reciprocal_angle_gamma       ? 
_cell.reciprocal_angle_alpha_esd   ? 
_cell.reciprocal_angle_beta_esd    ? 
_cell.reciprocal_angle_gamma_esd   ? 
_cell.reciprocal_length_a          ? 
_cell.reciprocal_length_b          ? 
_cell.reciprocal_length_c          ? 
_cell.reciprocal_length_a_esd      ? 
_cell.reciprocal_length_b_esd      ? 
_cell.reciprocal_length_c_esd      ? 
_cell.pdbx_unique_axis             ? 
_cell.pdbx_esd_method              ? 
# 
_symmetry.entry_id                         9PT0 
_symmetry.cell_setting                     ? 
_symmetry.Int_Tables_number                5 
_symmetry.space_group_name_Hall            'C 2y' 
_symmetry.space_group_name_H-M             'C 1 2 1' 
_symmetry.pdbx_full_space_group_name_H-M   ? 
# 
_exptl.absorpt_coefficient_mu     ? 
_exptl.absorpt_correction_T_max   ? 
_exptl.absorpt_correction_T_min   ? 
_exptl.absorpt_correction_type    ? 
_exptl.absorpt_process_details    ? 
_exptl.entry_id                   9PT0 
_exptl.crystals_number            1 
_exptl.details                    ? 
_exptl.method                     'X-RAY DIFFRACTION' 
_exptl.method_details             ? 
# 
_exptl_crystal.colour                       ? 
_exptl_crystal.density_diffrn               ? 
_exptl_crystal.density_Matthews             2.00 
_exptl_crystal.density_method               ? 
_exptl_crystal.density_percent_sol          38.56 
_exptl_crystal.description                  ? 
_exptl_crystal.F_000                        ? 
_exptl_crystal.id                           1 
_exptl_crystal.preparation                  ? 
_exptl_crystal.size_max                     ? 
_exptl_crystal.size_mid                     ? 
_exptl_crystal.size_min                     ? 
_exptl_crystal.size_rad                     ? 
_exptl_crystal.colour_lustre                ? 
_exptl_crystal.colour_modifier              ? 
_exptl_crystal.colour_primary               ? 
_exptl_crystal.density_meas                 ? 
_exptl_crystal.density_meas_esd             ? 
_exptl_crystal.density_meas_gt              ? 
_exptl_crystal.density_meas_lt              ? 
_exptl_crystal.density_meas_temp            ? 
_exptl_crystal.density_meas_temp_esd        ? 
_exptl_crystal.density_meas_temp_gt         ? 
_exptl_crystal.density_meas_temp_lt         ? 
_exptl_crystal.pdbx_crystal_image_url       ? 
_exptl_crystal.pdbx_crystal_image_format    ? 
_exptl_crystal.pdbx_mosaicity               ? 
_exptl_crystal.pdbx_mosaicity_esd           ? 
_exptl_crystal.pdbx_mosaic_method           ? 
_exptl_crystal.pdbx_mosaic_block_size       ? 
_exptl_crystal.pdbx_mosaic_block_size_esd   ? 
# 
_exptl_crystal_grow.apparatus       ? 
_exptl_crystal_grow.atmosphere      ? 
_exptl_crystal_grow.crystal_id      1 
_exptl_crystal_grow.details         ? 
_exptl_crystal_grow.method          'VAPOR DIFFUSION, HANGING DROP' 
_exptl_crystal_grow.method_ref      ? 
_exptl_crystal_grow.pH              ? 
_exptl_crystal_grow.pressure        ? 
_exptl_crystal_grow.pressure_esd    ? 
_exptl_crystal_grow.seeding         ? 
_exptl_crystal_grow.seeding_ref     ? 
_exptl_crystal_grow.temp_details    ? 
_exptl_crystal_grow.temp_esd        ? 
_exptl_crystal_grow.time            ? 
_exptl_crystal_grow.pdbx_details    'PEG4000, ammonium acetate, 100 mM sodium acetate, pH 4.0 - 4.8' 
_exptl_crystal_grow.pdbx_pH_range   ? 
_exptl_crystal_grow.temp            298 
# 
_diffrn.ambient_environment              ? 
_diffrn.ambient_temp                     100 
_diffrn.ambient_temp_details             ? 
_diffrn.ambient_temp_esd                 ? 
_diffrn.crystal_id                       1 
_diffrn.crystal_support                  ? 
_diffrn.crystal_treatment                ? 
_diffrn.details                          ? 
_diffrn.id                               1 
_diffrn.ambient_pressure                 ? 
_diffrn.ambient_pressure_esd             ? 
_diffrn.ambient_pressure_gt              ? 
_diffrn.ambient_pressure_lt              ? 
_diffrn.ambient_temp_gt                  ? 
_diffrn.ambient_temp_lt                  ? 
_diffrn.pdbx_serial_crystal_experiment   N 
# 
_diffrn_detector.details                      ? 
_diffrn_detector.detector                     PIXEL 
_diffrn_detector.diffrn_id                    1 
_diffrn_detector.type                         'DECTRIS EIGER X 9M' 
_diffrn_detector.area_resol_mean              ? 
_diffrn_detector.dtime                        ? 
_diffrn_detector.pdbx_frames_total            ? 
_diffrn_detector.pdbx_collection_time_total   ? 
_diffrn_detector.pdbx_collection_date         2017-12-19 
_diffrn_detector.pdbx_frequency               ? 
_diffrn_detector.id                           ? 
_diffrn_detector.number_of_axes               ? 
# 
_diffrn_radiation.collimation                      ? 
_diffrn_radiation.diffrn_id                        1 
_diffrn_radiation.filter_edge                      ? 
_diffrn_radiation.inhomogeneity                    ? 
_diffrn_radiation.monochromator                    ? 
_diffrn_radiation.polarisn_norm                    ? 
_diffrn_radiation.polarisn_ratio                   ? 
_diffrn_radiation.probe                            ? 
_diffrn_radiation.type                             ? 
_diffrn_radiation.xray_symbol                      ? 
_diffrn_radiation.wavelength_id                    1 
_diffrn_radiation.pdbx_monochromatic_or_laue_m_l   M 
_diffrn_radiation.pdbx_wavelength_list             ? 
_diffrn_radiation.pdbx_wavelength                  ? 
_diffrn_radiation.pdbx_diffrn_protocol             'SINGLE WAVELENGTH' 
_diffrn_radiation.pdbx_analyzer                    ? 
_diffrn_radiation.pdbx_scattering_type             x-ray 
# 
_diffrn_radiation_wavelength.id           1 
_diffrn_radiation_wavelength.wavelength   1.0 
_diffrn_radiation_wavelength.wt           1.0 
# 
_diffrn_source.current                     ? 
_diffrn_source.details                     ? 
_diffrn_source.diffrn_id                   1 
_diffrn_source.power                       ? 
_diffrn_source.size                        ? 
_diffrn_source.source                      SYNCHROTRON 
_diffrn_source.target                      ? 
_diffrn_source.type                        'APS BEAMLINE 21-ID-D' 
_diffrn_source.voltage                     ? 
_diffrn_source.take-off_angle              ? 
_diffrn_source.pdbx_wavelength_list        1.0 
_diffrn_source.pdbx_wavelength             ? 
_diffrn_source.pdbx_synchrotron_beamline   21-ID-D 
_diffrn_source.pdbx_synchrotron_site       APS 
# 
_reflns.B_iso_Wilson_estimate                          ? 
_reflns.entry_id                                       9PT0 
_reflns.data_reduction_details                         ? 
_reflns.data_reduction_method                          ? 
_reflns.d_resolution_high                              1.64 
_reflns.d_resolution_low                               33.23 
_reflns.details                                        ? 
_reflns.limit_h_max                                    ? 
_reflns.limit_h_min                                    ? 
_reflns.limit_k_max                                    ? 
_reflns.limit_k_min                                    ? 
_reflns.limit_l_max                                    ? 
_reflns.limit_l_min                                    ? 
_reflns.number_all                                     ? 
_reflns.number_obs                                     14611 
_reflns.observed_criterion                             ? 
_reflns.observed_criterion_F_max                       ? 
_reflns.observed_criterion_F_min                       ? 
_reflns.observed_criterion_I_max                       ? 
_reflns.observed_criterion_I_min                       ? 
_reflns.observed_criterion_sigma_F                     ? 
_reflns.observed_criterion_sigma_I                     ? 
_reflns.percent_possible_obs                           97.20 
_reflns.R_free_details                                 ? 
_reflns.Rmerge_F_all                                   ? 
_reflns.Rmerge_F_obs                                   ? 
_reflns.Friedel_coverage                               ? 
_reflns.number_gt                                      ? 
_reflns.threshold_expression                           ? 
_reflns.pdbx_redundancy                                4.5 
_reflns.pdbx_netI_over_av_sigmaI                       ? 
_reflns.pdbx_netI_over_sigmaI                          28.6 
_reflns.pdbx_res_netI_over_av_sigmaI_2                 ? 
_reflns.pdbx_res_netI_over_sigmaI_2                    ? 
_reflns.pdbx_chi_squared                               ? 
_reflns.pdbx_scaling_rejects                           ? 
_reflns.pdbx_d_res_high_opt                            ? 
_reflns.pdbx_d_res_low_opt                             ? 
_reflns.pdbx_d_res_opt_method                          ? 
_reflns.phase_calculation_details                      ? 
_reflns.pdbx_Rrim_I_all                                ? 
_reflns.pdbx_Rpim_I_all                                ? 
_reflns.pdbx_d_opt                                     ? 
_reflns.pdbx_number_measured_all                       ? 
_reflns.pdbx_diffrn_id                                 1 
_reflns.pdbx_ordinal                                   1 
_reflns.pdbx_CC_half                                   ? 
_reflns.pdbx_CC_star                                   ? 
_reflns.pdbx_R_split                                   ? 
_reflns.pdbx_Rmerge_I_obs                              0.069 
_reflns.pdbx_Rmerge_I_all                              ? 
_reflns.pdbx_Rsym_value                                ? 
_reflns.pdbx_CC_split_method                           ? 
_reflns.pdbx_aniso_diffraction_limit_axis_1_ortho[1]   ? 
_reflns.pdbx_aniso_diffraction_limit_axis_1_ortho[2]   ? 
_reflns.pdbx_aniso_diffraction_limit_axis_1_ortho[3]   ? 
_reflns.pdbx_aniso_diffraction_limit_axis_2_ortho[1]   ? 
_reflns.pdbx_aniso_diffraction_limit_axis_2_ortho[2]   ? 
_reflns.pdbx_aniso_diffraction_limit_axis_2_ortho[3]   ? 
_reflns.pdbx_aniso_diffraction_limit_axis_3_ortho[1]   ? 
_reflns.pdbx_aniso_diffraction_limit_axis_3_ortho[2]   ? 
_reflns.pdbx_aniso_diffraction_limit_axis_3_ortho[3]   ? 
_reflns.pdbx_aniso_diffraction_limit_1                 ? 
_reflns.pdbx_aniso_diffraction_limit_2                 ? 
_reflns.pdbx_aniso_diffraction_limit_3                 ? 
_reflns.pdbx_aniso_B_tensor_eigenvector_1_ortho[1]     ? 
_reflns.pdbx_aniso_B_tensor_eigenvector_1_ortho[2]     ? 
_reflns.pdbx_aniso_B_tensor_eigenvector_1_ortho[3]     ? 
_reflns.pdbx_aniso_B_tensor_eigenvector_2_ortho[1]     ? 
_reflns.pdbx_aniso_B_tensor_eigenvector_2_ortho[2]     ? 
_reflns.pdbx_aniso_B_tensor_eigenvector_2_ortho[3]     ? 
_reflns.pdbx_aniso_B_tensor_eigenvector_3_ortho[1]     ? 
_reflns.pdbx_aniso_B_tensor_eigenvector_3_ortho[2]     ? 
_reflns.pdbx_aniso_B_tensor_eigenvector_3_ortho[3]     ? 
_reflns.pdbx_aniso_B_tensor_eigenvalue_1               ? 
_reflns.pdbx_aniso_B_tensor_eigenvalue_2               ? 
_reflns.pdbx_aniso_B_tensor_eigenvalue_3               ? 
_reflns.pdbx_orthogonalization_convention              ? 
_reflns.pdbx_percent_possible_ellipsoidal              ? 
_reflns.pdbx_percent_possible_spherical                ? 
_reflns.pdbx_percent_possible_ellipsoidal_anomalous    ? 
_reflns.pdbx_percent_possible_spherical_anomalous      ? 
_reflns.pdbx_redundancy_anomalous                      ? 
_reflns.pdbx_CC_half_anomalous                         ? 
_reflns.pdbx_absDiff_over_sigma_anomalous              ? 
_reflns.pdbx_percent_possible_anomalous                ? 
_reflns.pdbx_observed_signal_threshold                 ? 
_reflns.pdbx_signal_type                               ? 
_reflns.pdbx_signal_details                            ? 
_reflns.pdbx_signal_software_id                        ? 
# 
_reflns_shell.d_res_high                                    1.64 
_reflns_shell.d_res_low                                     1.70 
_reflns_shell.meanI_over_sigI_all                           ? 
_reflns_shell.meanI_over_sigI_obs                           ? 
_reflns_shell.number_measured_all                           ? 
_reflns_shell.number_measured_obs                           ? 
_reflns_shell.number_possible                               ? 
_reflns_shell.number_unique_all                             ? 
_reflns_shell.number_unique_obs                             1373 
_reflns_shell.percent_possible_obs                          ? 
_reflns_shell.Rmerge_F_all                                  ? 
_reflns_shell.Rmerge_F_obs                                  ? 
_reflns_shell.meanI_over_sigI_gt                            ? 
_reflns_shell.meanI_over_uI_all                             ? 
_reflns_shell.meanI_over_uI_gt                              ? 
_reflns_shell.number_measured_gt                            ? 
_reflns_shell.number_unique_gt                              ? 
_reflns_shell.percent_possible_gt                           ? 
_reflns_shell.Rmerge_F_gt                                   ? 
_reflns_shell.Rmerge_I_gt                                   ? 
_reflns_shell.pdbx_redundancy                               ? 
_reflns_shell.pdbx_chi_squared                              ? 
_reflns_shell.pdbx_netI_over_sigmaI_all                     ? 
_reflns_shell.pdbx_netI_over_sigmaI_obs                     ? 
_reflns_shell.pdbx_Rrim_I_all                               ? 
_reflns_shell.pdbx_Rpim_I_all                               ? 
_reflns_shell.pdbx_rejects                                  ? 
_reflns_shell.pdbx_ordinal                                  1 
_reflns_shell.pdbx_diffrn_id                                1 
_reflns_shell.pdbx_CC_half                                  ? 
_reflns_shell.pdbx_CC_star                                  ? 
_reflns_shell.pdbx_R_split                                  ? 
_reflns_shell.percent_possible_all                          ? 
_reflns_shell.Rmerge_I_all                                  ? 
_reflns_shell.Rmerge_I_obs                                  0.990 
_reflns_shell.pdbx_Rsym_value                               ? 
_reflns_shell.pdbx_percent_possible_ellipsoidal             ? 
_reflns_shell.pdbx_percent_possible_spherical               ? 
_reflns_shell.pdbx_percent_possible_ellipsoidal_anomalous   ? 
_reflns_shell.pdbx_percent_possible_spherical_anomalous     ? 
_reflns_shell.pdbx_redundancy_anomalous                     ? 
_reflns_shell.pdbx_CC_half_anomalous                        ? 
_reflns_shell.pdbx_absDiff_over_sigma_anomalous             ? 
_reflns_shell.pdbx_percent_possible_anomalous               ? 
# 
_refine.aniso_B[1][1]                            ? 
_refine.aniso_B[1][2]                            ? 
_refine.aniso_B[1][3]                            ? 
_refine.aniso_B[2][2]                            ? 
_refine.aniso_B[2][3]                            ? 
_refine.aniso_B[3][3]                            ? 
_refine.B_iso_max                                ? 
_refine.B_iso_mean                               21.13 
_refine.B_iso_min                                ? 
_refine.correlation_coeff_Fo_to_Fc               ? 
_refine.correlation_coeff_Fo_to_Fc_free          ? 
_refine.details                                  ? 
_refine.diff_density_max                         ? 
_refine.diff_density_max_esd                     ? 
_refine.diff_density_min                         ? 
_refine.diff_density_min_esd                     ? 
_refine.diff_density_rms                         ? 
_refine.diff_density_rms_esd                     ? 
_refine.entry_id                                 9PT0 
_refine.pdbx_refine_id                           'X-RAY DIFFRACTION' 
_refine.ls_abs_structure_details                 ? 
_refine.ls_abs_structure_Flack                   ? 
_refine.ls_abs_structure_Flack_esd               ? 
_refine.ls_abs_structure_Rogers                  ? 
_refine.ls_abs_structure_Rogers_esd              ? 
_refine.ls_d_res_high                            1.64 
_refine.ls_d_res_low                             33.23 
_refine.ls_extinction_coef                       ? 
_refine.ls_extinction_coef_esd                   ? 
_refine.ls_extinction_expression                 ? 
_refine.ls_extinction_method                     ? 
_refine.ls_goodness_of_fit_all                   ? 
_refine.ls_goodness_of_fit_all_esd               ? 
_refine.ls_goodness_of_fit_obs                   ? 
_refine.ls_goodness_of_fit_obs_esd               ? 
_refine.ls_hydrogen_treatment                    ? 
_refine.ls_matrix_type                           ? 
_refine.ls_number_constraints                    ? 
_refine.ls_number_parameters                     ? 
_refine.ls_number_reflns_all                     ? 
_refine.ls_number_reflns_obs                     14605 
_refine.ls_number_reflns_R_free                  1438 
_refine.ls_number_reflns_R_work                  13167 
_refine.ls_number_restraints                     ? 
_refine.ls_percent_reflns_obs                    97.14 
_refine.ls_percent_reflns_R_free                 9.85 
_refine.ls_R_factor_all                          ? 
_refine.ls_R_factor_obs                          0.1791 
_refine.ls_R_factor_R_free                       0.2225 
_refine.ls_R_factor_R_free_error                 ? 
_refine.ls_R_factor_R_free_error_details         ? 
_refine.ls_R_factor_R_work                       0.1745 
_refine.ls_R_Fsqd_factor_obs                     ? 
_refine.ls_R_I_factor_obs                        ? 
_refine.ls_redundancy_reflns_all                 ? 
_refine.ls_redundancy_reflns_obs                 ? 
_refine.ls_restrained_S_all                      ? 
_refine.ls_restrained_S_obs                      ? 
_refine.ls_shift_over_esd_max                    ? 
_refine.ls_shift_over_esd_mean                   ? 
_refine.ls_structure_factor_coef                 ? 
_refine.ls_weighting_details                     ? 
_refine.ls_weighting_scheme                      ? 
_refine.ls_wR_factor_all                         ? 
_refine.ls_wR_factor_obs                         ? 
_refine.ls_wR_factor_R_free                      ? 
_refine.ls_wR_factor_R_work                      ? 
_refine.occupancy_max                            ? 
_refine.occupancy_min                            ? 
_refine.solvent_model_details                    'FLAT BULK SOLVENT MODEL' 
_refine.solvent_model_param_bsol                 ? 
_refine.solvent_model_param_ksol                 ? 
_refine.correlation_coeff_I_to_Fcsqd_work        ? 
_refine.correlation_coeff_I_to_Fcsqd_free        ? 
_refine.pdbx_R_complete                          ? 
_refine.ls_R_factor_gt                           ? 
_refine.ls_goodness_of_fit_gt                    ? 
_refine.ls_goodness_of_fit_ref                   ? 
_refine.ls_shift_over_su_max                     ? 
_refine.ls_shift_over_su_max_lt                  ? 
_refine.ls_shift_over_su_mean                    ? 
_refine.ls_shift_over_su_mean_lt                 ? 
_refine.pdbx_ls_sigma_I                          ? 
_refine.pdbx_ls_sigma_F                          1.39 
_refine.pdbx_ls_sigma_Fsqd                       ? 
_refine.pdbx_data_cutoff_high_absF               ? 
_refine.pdbx_data_cutoff_high_rms_absF           ? 
_refine.pdbx_data_cutoff_low_absF                ? 
_refine.pdbx_isotropic_thermal_model             ? 
_refine.pdbx_ls_cross_valid_method               'FREE R-VALUE' 
_refine.pdbx_method_to_determine_struct          'MOLECULAR REPLACEMENT' 
_refine.pdbx_starting_model                      ? 
_refine.pdbx_stereochemistry_target_values       'GeoStd + Monomer Library + CDL v1.2' 
_refine.pdbx_R_Free_selection_details            ? 
_refine.pdbx_stereochem_target_val_spec_case     ? 
_refine.pdbx_overall_ESU_R                       ? 
_refine.pdbx_overall_ESU_R_Free                  ? 
_refine.pdbx_solvent_vdw_probe_radii             1.1100 
_refine.pdbx_solvent_ion_probe_radii             ? 
_refine.pdbx_solvent_shrinkage_radii             0.9000 
_refine.pdbx_real_space_R                        ? 
_refine.pdbx_density_correlation                 ? 
_refine.pdbx_pd_number_of_powder_patterns        ? 
_refine.pdbx_pd_number_of_points                 ? 
_refine.pdbx_pd_meas_number_of_points            ? 
_refine.pdbx_pd_proc_ls_prof_R_factor            ? 
_refine.pdbx_pd_proc_ls_prof_wR_factor           ? 
_refine.pdbx_pd_Marquardt_correlation_coeff      ? 
_refine.pdbx_pd_Fsqrd_R_factor                   ? 
_refine.pdbx_pd_ls_matrix_band_width             ? 
_refine.pdbx_overall_phase_error                 21.3620 
_refine.pdbx_overall_SU_R_free_Cruickshank_DPI   ? 
_refine.pdbx_overall_SU_R_free_Blow_DPI          ? 
_refine.pdbx_overall_SU_R_Blow_DPI               ? 
_refine.pdbx_TLS_residual_ADP_flag               ? 
_refine.pdbx_diffrn_id                           1 
_refine.overall_SU_B                             ? 
_refine.overall_SU_ML                            0.1714 
_refine.overall_SU_R_Cruickshank_DPI             ? 
_refine.overall_SU_R_free                        ? 
_refine.overall_FOM_free_R_set                   ? 
_refine.overall_FOM_work_R_set                   ? 
_refine.pdbx_average_fsc_overall                 ? 
_refine.pdbx_average_fsc_work                    ? 
_refine.pdbx_average_fsc_free                    ? 
# 
_refine_hist.pdbx_refine_id                   'X-RAY DIFFRACTION' 
_refine_hist.cycle_id                         LAST 
_refine_hist.details                          ? 
_refine_hist.d_res_high                       1.64 
_refine_hist.d_res_low                        33.23 
_refine_hist.number_atoms_solvent             62 
_refine_hist.number_atoms_total               1182 
_refine_hist.number_reflns_all                ? 
_refine_hist.number_reflns_obs                ? 
_refine_hist.number_reflns_R_free             ? 
_refine_hist.number_reflns_R_work             ? 
_refine_hist.R_factor_all                     ? 
_refine_hist.R_factor_obs                     ? 
_refine_hist.R_factor_R_free                  ? 
_refine_hist.R_factor_R_work                  ? 
_refine_hist.pdbx_number_residues_total       ? 
_refine_hist.pdbx_B_iso_mean_ligand           ? 
_refine_hist.pdbx_B_iso_mean_solvent          ? 
_refine_hist.pdbx_number_atoms_protein        1099 
_refine_hist.pdbx_number_atoms_nucleic_acid   0 
_refine_hist.pdbx_number_atoms_ligand         21 
_refine_hist.pdbx_number_atoms_lipid          ? 
_refine_hist.pdbx_number_atoms_carb           ? 
_refine_hist.pdbx_pseudo_atom_details         ? 
# 
loop_
_refine_ls_restr.pdbx_refine_id 
_refine_ls_restr.criterion 
_refine_ls_restr.dev_ideal 
_refine_ls_restr.dev_ideal_target 
_refine_ls_restr.number 
_refine_ls_restr.rejects 
_refine_ls_restr.type 
_refine_ls_restr.weight 
_refine_ls_restr.pdbx_Zscore 
_refine_ls_restr.pdbx_restraint_function 
'X-RAY DIFFRACTION' ? 0.0092  ? 1148 ? f_bond_d           ? ? ? 
'X-RAY DIFFRACTION' ? 1.0174  ? 1549 ? f_angle_d          ? ? ? 
'X-RAY DIFFRACTION' ? 0.3996  ? 161  ? f_chiral_restr     ? ? ? 
'X-RAY DIFFRACTION' ? 0.0044  ? 200  ? f_plane_restr      ? ? ? 
'X-RAY DIFFRACTION' ? 25.1492 ? 416  ? f_dihedral_angle_d ? ? ? 
# 
loop_
_refine_ls_shell.pdbx_refine_id 
_refine_ls_shell.d_res_high 
_refine_ls_shell.d_res_low 
_refine_ls_shell.number_reflns_all 
_refine_ls_shell.number_reflns_obs 
_refine_ls_shell.number_reflns_R_free 
_refine_ls_shell.number_reflns_R_work 
_refine_ls_shell.percent_reflns_obs 
_refine_ls_shell.percent_reflns_R_free 
_refine_ls_shell.R_factor_all 
_refine_ls_shell.R_factor_obs 
_refine_ls_shell.R_factor_R_free_error 
_refine_ls_shell.R_factor_R_work 
_refine_ls_shell.redundancy_reflns_all 
_refine_ls_shell.redundancy_reflns_obs 
_refine_ls_shell.wR_factor_all 
_refine_ls_shell.wR_factor_obs 
_refine_ls_shell.wR_factor_R_free 
_refine_ls_shell.wR_factor_R_work 
_refine_ls_shell.pdbx_R_complete 
_refine_ls_shell.correlation_coeff_Fo_to_Fc 
_refine_ls_shell.correlation_coeff_Fo_to_Fc_free 
_refine_ls_shell.correlation_coeff_I_to_Fcsqd_work 
_refine_ls_shell.correlation_coeff_I_to_Fcsqd_free 
_refine_ls_shell.pdbx_total_number_of_bins_used 
_refine_ls_shell.pdbx_phase_error 
_refine_ls_shell.pdbx_fsc_work 
_refine_ls_shell.pdbx_fsc_free 
_refine_ls_shell.R_factor_R_free 
'X-RAY DIFFRACTION' 1.64 1.70  . . 134 1228 91.96 . . . . 0.1982 . . . . . . . . . . . . . . . 0.2386 
'X-RAY DIFFRACTION' 1.70 1.77  . . 147 1306 97.65 . . . . 0.2029 . . . . . . . . . . . . . . . 0.2646 
'X-RAY DIFFRACTION' 1.77 1.85  . . 139 1264 93.22 . . . . 0.2039 . . . . . . . . . . . . . . . 0.2373 
'X-RAY DIFFRACTION' 1.85 1.95  . . 150 1325 98.79 . . . . 0.1910 . . . . . . . . . . . . . . . 0.2530 
'X-RAY DIFFRACTION' 1.95 2.07  . . 140 1351 99.20 . . . . 0.1710 . . . . . . . . . . . . . . . 0.2289 
'X-RAY DIFFRACTION' 2.07 2.23  . . 147 1349 98.94 . . . . 0.1731 . . . . . . . . . . . . . . . 0.2292 
'X-RAY DIFFRACTION' 2.23 2.45  . . 142 1338 98.47 . . . . 0.1887 . . . . . . . . . . . . . . . 0.2020 
'X-RAY DIFFRACTION' 2.46 2.81  . . 146 1331 98.73 . . . . 0.1790 . . . . . . . . . . . . . . . 0.2676 
'X-RAY DIFFRACTION' 2.81 3.54  . . 142 1291 94.46 . . . . 0.1758 . . . . . . . . . . . . . . . 0.1997 
'X-RAY DIFFRACTION' 3.54 33.23 . . 151 1384 99.87 . . . . 0.1536 . . . . . . . . . . . . . . . 0.2037 
# 
_struct.entry_id                     9PT0 
_struct.title                        'Q108K:K40L:T51V:T53S:R58W:Y19W:L117E mutant of hCRBPII bound to fluorophore TD-1V-8' 
_struct.pdbx_model_details           ? 
_struct.pdbx_formula_weight          ? 
_struct.pdbx_formula_weight_method   ? 
_struct.pdbx_model_type_details      ? 
_struct.pdbx_CASP_flag               N 
# 
_struct_keywords.entry_id        9PT0 
_struct_keywords.text            
'human cellular retinol binding protein II, hCRBPII, fluorescent protein, engineered protein, RETINOL BINDING PROTEIN' 
_struct_keywords.pdbx_keywords   'RETINOL BINDING PROTEIN' 
# 
loop_
_struct_asym.id 
_struct_asym.pdbx_blank_PDB_chainid_flag 
_struct_asym.pdbx_modified 
_struct_asym.entity_id 
_struct_asym.details 
A N N 1 ? 
B N N 2 ? 
C N N 3 ? 
D N N 4 ? 
# 
_struct_ref.id                         1 
_struct_ref.db_name                    UNP 
_struct_ref.db_code                    RET2_HUMAN 
_struct_ref.pdbx_db_accession          P50120 
_struct_ref.pdbx_db_isoform            ? 
_struct_ref.entity_id                  1 
_struct_ref.pdbx_seq_one_letter_code   
;TRDQNGTWEMESNENFEGYMKALDIDFATRKIAVRLTQTKVIDQDGDNFKTKTTSTFRNYDVDFTVGVEFDEYTKSLDNR
HVKALVTWEGDVLVCVQKGEKENRGWKQWIEGDKLYLELTCGDQVCRQVFKKK
;
_struct_ref.pdbx_align_begin           0 
# 
_struct_ref_seq.align_id                      1 
_struct_ref_seq.ref_id                        1 
_struct_ref_seq.pdbx_PDB_id_code              9PT0 
_struct_ref_seq.pdbx_strand_id                A 
_struct_ref_seq.seq_align_beg                 1 
_struct_ref_seq.pdbx_seq_align_beg_ins_code   ? 
_struct_ref_seq.seq_align_end                 133 
_struct_ref_seq.pdbx_seq_align_end_ins_code   ? 
_struct_ref_seq.pdbx_db_accession             P50120 
_struct_ref_seq.db_align_beg                  2 
_struct_ref_seq.pdbx_db_align_beg_ins_code    ? 
_struct_ref_seq.db_align_end                  134 
_struct_ref_seq.pdbx_db_align_end_ins_code    ? 
_struct_ref_seq.pdbx_auth_seq_align_beg       1 
_struct_ref_seq.pdbx_auth_seq_align_end       133 
# 
loop_
_struct_ref_seq_dif.align_id 
_struct_ref_seq_dif.pdbx_pdb_id_code 
_struct_ref_seq_dif.mon_id 
_struct_ref_seq_dif.pdbx_pdb_strand_id 
_struct_ref_seq_dif.seq_num 
_struct_ref_seq_dif.pdbx_pdb_ins_code 
_struct_ref_seq_dif.pdbx_seq_db_name 
_struct_ref_seq_dif.pdbx_seq_db_accession_code 
_struct_ref_seq_dif.db_mon_id 
_struct_ref_seq_dif.pdbx_seq_db_seq_num 
_struct_ref_seq_dif.details 
_struct_ref_seq_dif.pdbx_auth_seq_num 
_struct_ref_seq_dif.pdbx_ordinal 
1 9PT0 TRP A 19  ? UNP P50120 TYR 20  'engineered mutation' 19  1 
1 9PT0 LEU A 40  ? UNP P50120 LYS 41  'engineered mutation' 40  2 
1 9PT0 VAL A 51  ? UNP P50120 THR 52  'engineered mutation' 51  3 
1 9PT0 SER A 53  ? UNP P50120 THR 54  'engineered mutation' 53  4 
1 9PT0 TRP A 58  ? UNP P50120 ARG 59  'engineered mutation' 58  5 
1 9PT0 LYS A 108 ? UNP P50120 GLN 109 'engineered mutation' 108 6 
1 9PT0 GLU A 117 ? UNP P50120 LEU 118 'engineered mutation' 117 7 
# 
_pdbx_struct_assembly.id                   1 
_pdbx_struct_assembly.details              author_defined_assembly 
_pdbx_struct_assembly.method_details       ? 
_pdbx_struct_assembly.oligomeric_details   monomeric 
_pdbx_struct_assembly.oligomeric_count     1 
# 
_pdbx_struct_assembly_gen.assembly_id       1 
_pdbx_struct_assembly_gen.oper_expression   1 
_pdbx_struct_assembly_gen.asym_id_list      A,B,C,D 
# 
_pdbx_struct_assembly_auth_evidence.id                     1 
_pdbx_struct_assembly_auth_evidence.assembly_id            1 
_pdbx_struct_assembly_auth_evidence.experimental_support   'gel filtration' 
_pdbx_struct_assembly_auth_evidence.details                ? 
# 
_pdbx_struct_oper_list.id                   1 
_pdbx_struct_oper_list.type                 'identity operation' 
_pdbx_struct_oper_list.name                 1_555 
_pdbx_struct_oper_list.symmetry_operation   x,y,z 
_pdbx_struct_oper_list.matrix[1][1]         1.0000000000 
_pdbx_struct_oper_list.matrix[1][2]         0.0000000000 
_pdbx_struct_oper_list.matrix[1][3]         0.0000000000 
_pdbx_struct_oper_list.vector[1]            0.0000000000 
_pdbx_struct_oper_list.matrix[2][1]         0.0000000000 
_pdbx_struct_oper_list.matrix[2][2]         1.0000000000 
_pdbx_struct_oper_list.matrix[2][3]         0.0000000000 
_pdbx_struct_oper_list.vector[2]            0.0000000000 
_pdbx_struct_oper_list.matrix[3][1]         0.0000000000 
_pdbx_struct_oper_list.matrix[3][2]         0.0000000000 
_pdbx_struct_oper_list.matrix[3][3]         1.0000000000 
_pdbx_struct_oper_list.vector[3]            0.0000000000 
# 
loop_
_struct_conf.conf_type_id 
_struct_conf.id 
_struct_conf.pdbx_PDB_helix_id 
_struct_conf.beg_label_comp_id 
_struct_conf.beg_label_asym_id 
_struct_conf.beg_label_seq_id 
_struct_conf.pdbx_beg_PDB_ins_code 
_struct_conf.end_label_comp_id 
_struct_conf.end_label_asym_id 
_struct_conf.end_label_seq_id 
_struct_conf.pdbx_end_PDB_ins_code 
_struct_conf.beg_auth_comp_id 
_struct_conf.beg_auth_asym_id 
_struct_conf.beg_auth_seq_id 
_struct_conf.end_auth_comp_id 
_struct_conf.end_auth_asym_id 
_struct_conf.end_auth_seq_id 
_struct_conf.pdbx_PDB_helix_class 
_struct_conf.details 
_struct_conf.pdbx_PDB_helix_length 
HELX_P HELX_P1 AA1 ASN A 15 ? LEU A 23 ? ASN A 15 LEU A 23 1 ? 9 
HELX_P HELX_P2 AA2 ASP A 26 ? VAL A 34 ? ASP A 26 VAL A 34 1 ? 9 
# 
_struct_conf_type.id          HELX_P 
_struct_conf_type.criteria    ? 
_struct_conf_type.reference   ? 
# 
_struct_conn.id                            covale1 
_struct_conn.conn_type_id                  covale 
_struct_conn.pdbx_leaving_atom_flag        one 
_struct_conn.pdbx_PDB_id                   ? 
_struct_conn.ptnr1_label_asym_id           A 
_struct_conn.ptnr1_label_comp_id           LYS 
_struct_conn.ptnr1_label_seq_id            108 
_struct_conn.ptnr1_label_atom_id           NZ 
_struct_conn.pdbx_ptnr1_label_alt_id       ? 
_struct_conn.pdbx_ptnr1_PDB_ins_code       ? 
_struct_conn.pdbx_ptnr1_standard_comp_id   ? 
_struct_conn.ptnr1_symmetry                1_555 
_struct_conn.ptnr2_label_asym_id           B 
_struct_conn.ptnr2_label_comp_id           A1CKZ 
_struct_conn.ptnr2_label_seq_id            . 
_struct_conn.ptnr2_label_atom_id           C08 
_struct_conn.pdbx_ptnr2_label_alt_id       ? 
_struct_conn.pdbx_ptnr2_PDB_ins_code       ? 
_struct_conn.ptnr1_auth_asym_id            A 
_struct_conn.ptnr1_auth_comp_id            LYS 
_struct_conn.ptnr1_auth_seq_id             108 
_struct_conn.ptnr2_auth_asym_id            A 
_struct_conn.ptnr2_auth_comp_id            A1CKZ 
_struct_conn.ptnr2_auth_seq_id             201 
_struct_conn.ptnr2_symmetry                1_555 
_struct_conn.pdbx_ptnr3_label_atom_id      ? 
_struct_conn.pdbx_ptnr3_label_seq_id       ? 
_struct_conn.pdbx_ptnr3_label_comp_id      ? 
_struct_conn.pdbx_ptnr3_label_asym_id      ? 
_struct_conn.pdbx_ptnr3_label_alt_id       ? 
_struct_conn.pdbx_ptnr3_PDB_ins_code       ? 
_struct_conn.details                       ? 
_struct_conn.pdbx_dist_value               1.274 
_struct_conn.pdbx_value_order              ? 
_struct_conn.pdbx_role                     ? 
# 
_struct_conn_type.id          covale 
_struct_conn_type.criteria    ? 
_struct_conn_type.reference   ? 
# 
_pdbx_modification_feature.ordinal                            1 
_pdbx_modification_feature.label_comp_id                      A1CKZ 
_pdbx_modification_feature.label_asym_id                      B 
_pdbx_modification_feature.label_seq_id                       . 
_pdbx_modification_feature.label_alt_id                       ? 
_pdbx_modification_feature.modified_residue_label_comp_id     LYS 
_pdbx_modification_feature.modified_residue_label_asym_id     A 
_pdbx_modification_feature.modified_residue_label_seq_id      108 
_pdbx_modification_feature.modified_residue_label_alt_id      ? 
_pdbx_modification_feature.auth_comp_id                       A1CKZ 
_pdbx_modification_feature.auth_asym_id                       A 
_pdbx_modification_feature.auth_seq_id                        201 
_pdbx_modification_feature.PDB_ins_code                       ? 
_pdbx_modification_feature.symmetry                           1_555 
_pdbx_modification_feature.modified_residue_auth_comp_id      LYS 
_pdbx_modification_feature.modified_residue_auth_asym_id      A 
_pdbx_modification_feature.modified_residue_auth_seq_id       108 
_pdbx_modification_feature.modified_residue_PDB_ins_code      ? 
_pdbx_modification_feature.modified_residue_symmetry          1_555 
_pdbx_modification_feature.comp_id_linking_atom               C08 
_pdbx_modification_feature.modified_residue_id_linking_atom   NZ 
_pdbx_modification_feature.modified_residue_id                LYS 
_pdbx_modification_feature.ref_pcm_id                         1 
_pdbx_modification_feature.ref_comp_id                        A1CKZ 
_pdbx_modification_feature.type                               None 
_pdbx_modification_feature.category                           'Covalent chemical modification' 
# 
_struct_sheet.id               AA1 
_struct_sheet.type             ? 
_struct_sheet.number_strands   10 
_struct_sheet.details          ? 
# 
loop_
_struct_sheet_order.sheet_id 
_struct_sheet_order.range_id_1 
_struct_sheet_order.range_id_2 
_struct_sheet_order.offset 
_struct_sheet_order.sense 
AA1 1 2  ? anti-parallel 
AA1 2 3  ? anti-parallel 
AA1 3 4  ? anti-parallel 
AA1 4 5  ? anti-parallel 
AA1 5 6  ? anti-parallel 
AA1 6 7  ? anti-parallel 
AA1 7 8  ? anti-parallel 
AA1 8 9  ? anti-parallel 
AA1 9 10 ? anti-parallel 
# 
loop_
_struct_sheet_range.sheet_id 
_struct_sheet_range.id 
_struct_sheet_range.beg_label_comp_id 
_struct_sheet_range.beg_label_asym_id 
_struct_sheet_range.beg_label_seq_id 
_struct_sheet_range.pdbx_beg_PDB_ins_code 
_struct_sheet_range.end_label_comp_id 
_struct_sheet_range.end_label_asym_id 
_struct_sheet_range.end_label_seq_id 
_struct_sheet_range.pdbx_end_PDB_ins_code 
_struct_sheet_range.beg_auth_comp_id 
_struct_sheet_range.beg_auth_asym_id 
_struct_sheet_range.beg_auth_seq_id 
_struct_sheet_range.end_auth_comp_id 
_struct_sheet_range.end_auth_asym_id 
_struct_sheet_range.end_auth_seq_id 
AA1 1  ASN A 59  ? THR A 65  ? ASN A 59  THR A 65  
AA1 2  ASN A 48  ? THR A 54  ? ASN A 48  THR A 54  
AA1 3  THR A 39  ? ASP A 45  ? THR A 39  ASP A 45  
AA1 4  GLY A 6   ? GLU A 14  ? GLY A 6   GLU A 14  
AA1 5  GLN A 124 ? LYS A 132 ? GLN A 124 LYS A 132 
AA1 6  LYS A 114 ? CYS A 121 ? LYS A 114 CYS A 121 
AA1 7  GLY A 105 ? GLU A 111 ? GLY A 105 GLU A 111 
AA1 8  VAL A 92  ? LYS A 98  ? VAL A 92  LYS A 98  
AA1 9  HIS A 81  ? GLU A 89  ? HIS A 81  GLU A 89  
AA1 10 PHE A 70  ? TYR A 73  ? PHE A 70  TYR A 73  
# 
loop_
_pdbx_struct_sheet_hbond.sheet_id 
_pdbx_struct_sheet_hbond.range_id_1 
_pdbx_struct_sheet_hbond.range_id_2 
_pdbx_struct_sheet_hbond.range_1_label_atom_id 
_pdbx_struct_sheet_hbond.range_1_label_comp_id 
_pdbx_struct_sheet_hbond.range_1_label_asym_id 
_pdbx_struct_sheet_hbond.range_1_label_seq_id 
_pdbx_struct_sheet_hbond.range_1_PDB_ins_code 
_pdbx_struct_sheet_hbond.range_1_auth_atom_id 
_pdbx_struct_sheet_hbond.range_1_auth_comp_id 
_pdbx_struct_sheet_hbond.range_1_auth_asym_id 
_pdbx_struct_sheet_hbond.range_1_auth_seq_id 
_pdbx_struct_sheet_hbond.range_2_label_atom_id 
_pdbx_struct_sheet_hbond.range_2_label_comp_id 
_pdbx_struct_sheet_hbond.range_2_label_asym_id 
_pdbx_struct_sheet_hbond.range_2_label_seq_id 
_pdbx_struct_sheet_hbond.range_2_PDB_ins_code 
_pdbx_struct_sheet_hbond.range_2_auth_atom_id 
_pdbx_struct_sheet_hbond.range_2_auth_comp_id 
_pdbx_struct_sheet_hbond.range_2_auth_asym_id 
_pdbx_struct_sheet_hbond.range_2_auth_seq_id 
AA1 1 2  O VAL A 62  ? O VAL A 62  N VAL A 51  ? N VAL A 51  
AA1 2 3  O LYS A 50  ? O LYS A 50  N ASP A 43  ? N ASP A 43  
AA1 3 4  O LEU A 40  ? O LEU A 40  N TRP A 8   ? N TRP A 8   
AA1 4 5  N GLU A 11  ? N GLU A 11  O VAL A 129 ? O VAL A 129 
AA1 5 6  O CYS A 126 ? O CYS A 126 N LEU A 119 ? N LEU A 119 
AA1 6 7  O TYR A 116 ? O TYR A 116 N TRP A 109 ? N TRP A 109 
AA1 7 8  O LYS A 108 ? O LYS A 108 N LEU A 93  ? N LEU A 93  
AA1 8 9  O VAL A 94  ? O VAL A 94  N THR A 87  ? N THR A 87  
AA1 9 10 O ALA A 84  ? O ALA A 84  N PHE A 70  ? N PHE A 70  
# 
_pdbx_entry_details.entry_id                   9PT0 
_pdbx_entry_details.nonpolymer_details         ? 
_pdbx_entry_details.sequence_details           ? 
_pdbx_entry_details.compound_details           ? 
_pdbx_entry_details.source_details             ? 
_pdbx_entry_details.has_ligand_of_interest     Y 
_pdbx_entry_details.has_protein_modification   Y 
# 
loop_
_pdbx_validate_torsion.id 
_pdbx_validate_torsion.PDB_model_num 
_pdbx_validate_torsion.auth_comp_id 
_pdbx_validate_torsion.auth_asym_id 
_pdbx_validate_torsion.auth_seq_id 
_pdbx_validate_torsion.PDB_ins_code 
_pdbx_validate_torsion.label_alt_id 
_pdbx_validate_torsion.phi 
_pdbx_validate_torsion.psi 
1 1 LYS A 75 ? ? 58.14  -133.08 
2 1 LEU A 77 ? ? -64.49 -78.44  
# 
loop_
_space_group_symop.id 
_space_group_symop.operation_xyz 
1 x,y,z           
2 -x,y,-z         
3 x+1/2,y+1/2,z   
4 -x+1/2,y+1/2,-z 
# 
loop_
_chem_comp_atom.comp_id 
_chem_comp_atom.atom_id 
_chem_comp_atom.type_symbol 
_chem_comp_atom.pdbx_aromatic_flag 
_chem_comp_atom.pdbx_stereo_config 
_chem_comp_atom.pdbx_ordinal 
A1CKZ C01  C Y N 1   
A1CKZ C03  C Y N 2   
A1CKZ C04  C Y N 3   
A1CKZ C05  C Y N 4   
A1CKZ C06  C N N 5   
A1CKZ C07  C N N 6   
A1CKZ C08  C N N 7   
A1CKZ C11  C N N 8   
A1CKZ C12  C Y N 9   
A1CKZ C13  C Y N 10  
A1CKZ C14  C Y N 11  
A1CKZ C15  C Y N 12  
A1CKZ C18  C N N 13  
A1CKZ C19  C N N 14  
A1CKZ N17  N N N 15  
A1CKZ S02  S Y N 16  
A1CKZ S16  S Y N 17  
A1CKZ H20  H N N 18  
A1CKZ H21  H N N 19  
A1CKZ H22  H N N 20  
A1CKZ H10  H N N 21  
A1CKZ H24  H N N 22  
A1CKZ H23  H N N 23  
A1CKZ H25  H N N 24  
A1CKZ H26  H N N 25  
A1CKZ H27  H N N 26  
A1CKZ H29  H N N 27  
A1CKZ H28  H N N 28  
A1CKZ H30  H N N 29  
A1CKZ H31  H N N 30  
A1CKZ H33  H N N 31  
A1CKZ H32  H N N 32  
A1CKZ O1   O N N 33  
ACT   C    C N N 34  
ACT   O    O N N 35  
ACT   OXT  O N N 36  
ACT   CH3  C N N 37  
ACT   H1   H N N 38  
ACT   H2   H N N 39  
ACT   H3   H N N 40  
ALA   N    N N N 41  
ALA   CA   C N S 42  
ALA   C    C N N 43  
ALA   O    O N N 44  
ALA   CB   C N N 45  
ALA   OXT  O N N 46  
ALA   H    H N N 47  
ALA   H2   H N N 48  
ALA   HA   H N N 49  
ALA   HB1  H N N 50  
ALA   HB2  H N N 51  
ALA   HB3  H N N 52  
ALA   HXT  H N N 53  
ARG   N    N N N 54  
ARG   CA   C N S 55  
ARG   C    C N N 56  
ARG   O    O N N 57  
ARG   CB   C N N 58  
ARG   CG   C N N 59  
ARG   CD   C N N 60  
ARG   NE   N N N 61  
ARG   CZ   C N N 62  
ARG   NH1  N N N 63  
ARG   NH2  N N N 64  
ARG   OXT  O N N 65  
ARG   H    H N N 66  
ARG   H2   H N N 67  
ARG   HA   H N N 68  
ARG   HB2  H N N 69  
ARG   HB3  H N N 70  
ARG   HG2  H N N 71  
ARG   HG3  H N N 72  
ARG   HD2  H N N 73  
ARG   HD3  H N N 74  
ARG   HE   H N N 75  
ARG   HH11 H N N 76  
ARG   HH12 H N N 77  
ARG   HH21 H N N 78  
ARG   HH22 H N N 79  
ARG   HXT  H N N 80  
ASN   N    N N N 81  
ASN   CA   C N S 82  
ASN   C    C N N 83  
ASN   O    O N N 84  
ASN   CB   C N N 85  
ASN   CG   C N N 86  
ASN   OD1  O N N 87  
ASN   ND2  N N N 88  
ASN   OXT  O N N 89  
ASN   H    H N N 90  
ASN   H2   H N N 91  
ASN   HA   H N N 92  
ASN   HB2  H N N 93  
ASN   HB3  H N N 94  
ASN   HD21 H N N 95  
ASN   HD22 H N N 96  
ASN   HXT  H N N 97  
ASP   N    N N N 98  
ASP   CA   C N S 99  
ASP   C    C N N 100 
ASP   O    O N N 101 
ASP   CB   C N N 102 
ASP   CG   C N N 103 
ASP   OD1  O N N 104 
ASP   OD2  O N N 105 
ASP   OXT  O N N 106 
ASP   H    H N N 107 
ASP   H2   H N N 108 
ASP   HA   H N N 109 
ASP   HB2  H N N 110 
ASP   HB3  H N N 111 
ASP   HD2  H N N 112 
ASP   HXT  H N N 113 
CYS   N    N N N 114 
CYS   CA   C N R 115 
CYS   C    C N N 116 
CYS   O    O N N 117 
CYS   CB   C N N 118 
CYS   SG   S N N 119 
CYS   OXT  O N N 120 
CYS   H    H N N 121 
CYS   H2   H N N 122 
CYS   HA   H N N 123 
CYS   HB2  H N N 124 
CYS   HB3  H N N 125 
CYS   HG   H N N 126 
CYS   HXT  H N N 127 
GLN   N    N N N 128 
GLN   CA   C N S 129 
GLN   C    C N N 130 
GLN   O    O N N 131 
GLN   CB   C N N 132 
GLN   CG   C N N 133 
GLN   CD   C N N 134 
GLN   OE1  O N N 135 
GLN   NE2  N N N 136 
GLN   OXT  O N N 137 
GLN   H    H N N 138 
GLN   H2   H N N 139 
GLN   HA   H N N 140 
GLN   HB2  H N N 141 
GLN   HB3  H N N 142 
GLN   HG2  H N N 143 
GLN   HG3  H N N 144 
GLN   HE21 H N N 145 
GLN   HE22 H N N 146 
GLN   HXT  H N N 147 
GLU   N    N N N 148 
GLU   CA   C N S 149 
GLU   C    C N N 150 
GLU   O    O N N 151 
GLU   CB   C N N 152 
GLU   CG   C N N 153 
GLU   CD   C N N 154 
GLU   OE1  O N N 155 
GLU   OE2  O N N 156 
GLU   OXT  O N N 157 
GLU   H    H N N 158 
GLU   H2   H N N 159 
GLU   HA   H N N 160 
GLU   HB2  H N N 161 
GLU   HB3  H N N 162 
GLU   HG2  H N N 163 
GLU   HG3  H N N 164 
GLU   HE2  H N N 165 
GLU   HXT  H N N 166 
GLY   N    N N N 167 
GLY   CA   C N N 168 
GLY   C    C N N 169 
GLY   O    O N N 170 
GLY   OXT  O N N 171 
GLY   H    H N N 172 
GLY   H2   H N N 173 
GLY   HA2  H N N 174 
GLY   HA3  H N N 175 
GLY   HXT  H N N 176 
HIS   N    N N N 177 
HIS   CA   C N S 178 
HIS   C    C N N 179 
HIS   O    O N N 180 
HIS   CB   C N N 181 
HIS   CG   C Y N 182 
HIS   ND1  N Y N 183 
HIS   CD2  C Y N 184 
HIS   CE1  C Y N 185 
HIS   NE2  N Y N 186 
HIS   OXT  O N N 187 
HIS   H    H N N 188 
HIS   H2   H N N 189 
HIS   HA   H N N 190 
HIS   HB2  H N N 191 
HIS   HB3  H N N 192 
HIS   HD1  H N N 193 
HIS   HD2  H N N 194 
HIS   HE1  H N N 195 
HIS   HE2  H N N 196 
HIS   HXT  H N N 197 
HOH   O    O N N 198 
HOH   H1   H N N 199 
HOH   H2   H N N 200 
ILE   N    N N N 201 
ILE   CA   C N S 202 
ILE   C    C N N 203 
ILE   O    O N N 204 
ILE   CB   C N S 205 
ILE   CG1  C N N 206 
ILE   CG2  C N N 207 
ILE   CD1  C N N 208 
ILE   OXT  O N N 209 
ILE   H    H N N 210 
ILE   H2   H N N 211 
ILE   HA   H N N 212 
ILE   HB   H N N 213 
ILE   HG12 H N N 214 
ILE   HG13 H N N 215 
ILE   HG21 H N N 216 
ILE   HG22 H N N 217 
ILE   HG23 H N N 218 
ILE   HD11 H N N 219 
ILE   HD12 H N N 220 
ILE   HD13 H N N 221 
ILE   HXT  H N N 222 
LEU   N    N N N 223 
LEU   CA   C N S 224 
LEU   C    C N N 225 
LEU   O    O N N 226 
LEU   CB   C N N 227 
LEU   CG   C N N 228 
LEU   CD1  C N N 229 
LEU   CD2  C N N 230 
LEU   OXT  O N N 231 
LEU   H    H N N 232 
LEU   H2   H N N 233 
LEU   HA   H N N 234 
LEU   HB2  H N N 235 
LEU   HB3  H N N 236 
LEU   HG   H N N 237 
LEU   HD11 H N N 238 
LEU   HD12 H N N 239 
LEU   HD13 H N N 240 
LEU   HD21 H N N 241 
LEU   HD22 H N N 242 
LEU   HD23 H N N 243 
LEU   HXT  H N N 244 
LYS   N    N N N 245 
LYS   CA   C N S 246 
LYS   C    C N N 247 
LYS   O    O N N 248 
LYS   CB   C N N 249 
LYS   CG   C N N 250 
LYS   CD   C N N 251 
LYS   CE   C N N 252 
LYS   NZ   N N N 253 
LYS   OXT  O N N 254 
LYS   H    H N N 255 
LYS   H2   H N N 256 
LYS   HA   H N N 257 
LYS   HB2  H N N 258 
LYS   HB3  H N N 259 
LYS   HG2  H N N 260 
LYS   HG3  H N N 261 
LYS   HD2  H N N 262 
LYS   HD3  H N N 263 
LYS   HE2  H N N 264 
LYS   HE3  H N N 265 
LYS   HZ1  H N N 266 
LYS   HZ2  H N N 267 
LYS   HZ3  H N N 268 
LYS   HXT  H N N 269 
MET   N    N N N 270 
MET   CA   C N S 271 
MET   C    C N N 272 
MET   O    O N N 273 
MET   CB   C N N 274 
MET   CG   C N N 275 
MET   SD   S N N 276 
MET   CE   C N N 277 
MET   OXT  O N N 278 
MET   H    H N N 279 
MET   H2   H N N 280 
MET   HA   H N N 281 
MET   HB2  H N N 282 
MET   HB3  H N N 283 
MET   HG2  H N N 284 
MET   HG3  H N N 285 
MET   HE1  H N N 286 
MET   HE2  H N N 287 
MET   HE3  H N N 288 
MET   HXT  H N N 289 
PHE   N    N N N 290 
PHE   CA   C N S 291 
PHE   C    C N N 292 
PHE   O    O N N 293 
PHE   CB   C N N 294 
PHE   CG   C Y N 295 
PHE   CD1  C Y N 296 
PHE   CD2  C Y N 297 
PHE   CE1  C Y N 298 
PHE   CE2  C Y N 299 
PHE   CZ   C Y N 300 
PHE   OXT  O N N 301 
PHE   H    H N N 302 
PHE   H2   H N N 303 
PHE   HA   H N N 304 
PHE   HB2  H N N 305 
PHE   HB3  H N N 306 
PHE   HD1  H N N 307 
PHE   HD2  H N N 308 
PHE   HE1  H N N 309 
PHE   HE2  H N N 310 
PHE   HZ   H N N 311 
PHE   HXT  H N N 312 
SER   N    N N N 313 
SER   CA   C N S 314 
SER   C    C N N 315 
SER   O    O N N 316 
SER   CB   C N N 317 
SER   OG   O N N 318 
SER   OXT  O N N 319 
SER   H    H N N 320 
SER   H2   H N N 321 
SER   HA   H N N 322 
SER   HB2  H N N 323 
SER   HB3  H N N 324 
SER   HG   H N N 325 
SER   HXT  H N N 326 
THR   N    N N N 327 
THR   CA   C N S 328 
THR   C    C N N 329 
THR   O    O N N 330 
THR   CB   C N R 331 
THR   OG1  O N N 332 
THR   CG2  C N N 333 
THR   OXT  O N N 334 
THR   H    H N N 335 
THR   H2   H N N 336 
THR   HA   H N N 337 
THR   HB   H N N 338 
THR   HG1  H N N 339 
THR   HG21 H N N 340 
THR   HG22 H N N 341 
THR   HG23 H N N 342 
THR   HXT  H N N 343 
TRP   N    N N N 344 
TRP   CA   C N S 345 
TRP   C    C N N 346 
TRP   O    O N N 347 
TRP   CB   C N N 348 
TRP   CG   C Y N 349 
TRP   CD1  C Y N 350 
TRP   CD2  C Y N 351 
TRP   NE1  N Y N 352 
TRP   CE2  C Y N 353 
TRP   CE3  C Y N 354 
TRP   CZ2  C Y N 355 
TRP   CZ3  C Y N 356 
TRP   CH2  C Y N 357 
TRP   OXT  O N N 358 
TRP   H    H N N 359 
TRP   H2   H N N 360 
TRP   HA   H N N 361 
TRP   HB2  H N N 362 
TRP   HB3  H N N 363 
TRP   HD1  H N N 364 
TRP   HE1  H N N 365 
TRP   HE3  H N N 366 
TRP   HZ2  H N N 367 
TRP   HZ3  H N N 368 
TRP   HH2  H N N 369 
TRP   HXT  H N N 370 
TYR   N    N N N 371 
TYR   CA   C N S 372 
TYR   C    C N N 373 
TYR   O    O N N 374 
TYR   CB   C N N 375 
TYR   CG   C Y N 376 
TYR   CD1  C Y N 377 
TYR   CD2  C Y N 378 
TYR   CE1  C Y N 379 
TYR   CE2  C Y N 380 
TYR   CZ   C Y N 381 
TYR   OH   O N N 382 
TYR   OXT  O N N 383 
TYR   H    H N N 384 
TYR   H2   H N N 385 
TYR   HA   H N N 386 
TYR   HB2  H N N 387 
TYR   HB3  H N N 388 
TYR   HD1  H N N 389 
TYR   HD2  H N N 390 
TYR   HE1  H N N 391 
TYR   HE2  H N N 392 
TYR   HH   H N N 393 
TYR   HXT  H N N 394 
VAL   N    N N N 395 
VAL   CA   C N S 396 
VAL   C    C N N 397 
VAL   O    O N N 398 
VAL   CB   C N N 399 
VAL   CG1  C N N 400 
VAL   CG2  C N N 401 
VAL   OXT  O N N 402 
VAL   H    H N N 403 
VAL   H2   H N N 404 
VAL   HA   H N N 405 
VAL   HB   H N N 406 
VAL   HG11 H N N 407 
VAL   HG12 H N N 408 
VAL   HG13 H N N 409 
VAL   HG21 H N N 410 
VAL   HG22 H N N 411 
VAL   HG23 H N N 412 
VAL   HXT  H N N 413 
# 
loop_
_chem_comp_bond.comp_id 
_chem_comp_bond.atom_id_1 
_chem_comp_bond.atom_id_2 
_chem_comp_bond.value_order 
_chem_comp_bond.pdbx_aromatic_flag 
_chem_comp_bond.pdbx_stereo_config 
_chem_comp_bond.pdbx_ordinal 
A1CKZ C01 S02  sing Y N 1   
A1CKZ S02 C03  sing Y N 2   
A1CKZ C03 C04  doub Y N 3   
A1CKZ C04 C05  sing Y N 4   
A1CKZ C05 C01  doub Y N 5   
A1CKZ C03 C06  sing N N 6   
A1CKZ C06 C07  doub N E 7   
A1CKZ C07 C08  sing N N 8   
A1CKZ C06 C11  sing N N 9   
A1CKZ C12 C13  doub Y N 10  
A1CKZ C13 C14  sing Y N 11  
A1CKZ C14 C15  doub Y N 12  
A1CKZ C15 S16  sing Y N 13  
A1CKZ S16 C12  sing Y N 14  
A1CKZ C15 C01  sing N N 15  
A1CKZ C12 N17  sing N N 16  
A1CKZ N17 C18  sing N N 17  
A1CKZ N17 C19  sing N N 18  
A1CKZ C04 H20  sing N N 19  
A1CKZ C05 H21  sing N N 20  
A1CKZ C07 H22  sing N N 21  
A1CKZ C08 H10  sing N N 22  
A1CKZ C11 H24  sing N N 23  
A1CKZ C11 H23  sing N N 24  
A1CKZ C11 H25  sing N N 25  
A1CKZ C13 H26  sing N N 26  
A1CKZ C14 H27  sing N N 27  
A1CKZ C18 H29  sing N N 28  
A1CKZ C18 H28  sing N N 29  
A1CKZ C18 H30  sing N N 30  
A1CKZ C19 H31  sing N N 31  
A1CKZ C19 H33  sing N N 32  
A1CKZ C19 H32  sing N N 33  
A1CKZ C08 O1   doub N N 34  
ACT   C   O    doub N N 35  
ACT   C   OXT  sing N N 36  
ACT   C   CH3  sing N N 37  
ACT   CH3 H1   sing N N 38  
ACT   CH3 H2   sing N N 39  
ACT   CH3 H3   sing N N 40  
ALA   N   CA   sing N N 41  
ALA   N   H    sing N N 42  
ALA   N   H2   sing N N 43  
ALA   CA  C    sing N N 44  
ALA   CA  CB   sing N N 45  
ALA   CA  HA   sing N N 46  
ALA   C   O    doub N N 47  
ALA   C   OXT  sing N N 48  
ALA   CB  HB1  sing N N 49  
ALA   CB  HB2  sing N N 50  
ALA   CB  HB3  sing N N 51  
ALA   OXT HXT  sing N N 52  
ARG   N   CA   sing N N 53  
ARG   N   H    sing N N 54  
ARG   N   H2   sing N N 55  
ARG   CA  C    sing N N 56  
ARG   CA  CB   sing N N 57  
ARG   CA  HA   sing N N 58  
ARG   C   O    doub N N 59  
ARG   C   OXT  sing N N 60  
ARG   CB  CG   sing N N 61  
ARG   CB  HB2  sing N N 62  
ARG   CB  HB3  sing N N 63  
ARG   CG  CD   sing N N 64  
ARG   CG  HG2  sing N N 65  
ARG   CG  HG3  sing N N 66  
ARG   CD  NE   sing N N 67  
ARG   CD  HD2  sing N N 68  
ARG   CD  HD3  sing N N 69  
ARG   NE  CZ   sing N N 70  
ARG   NE  HE   sing N N 71  
ARG   CZ  NH1  sing N N 72  
ARG   CZ  NH2  doub N N 73  
ARG   NH1 HH11 sing N N 74  
ARG   NH1 HH12 sing N N 75  
ARG   NH2 HH21 sing N N 76  
ARG   NH2 HH22 sing N N 77  
ARG   OXT HXT  sing N N 78  
ASN   N   CA   sing N N 79  
ASN   N   H    sing N N 80  
ASN   N   H2   sing N N 81  
ASN   CA  C    sing N N 82  
ASN   CA  CB   sing N N 83  
ASN   CA  HA   sing N N 84  
ASN   C   O    doub N N 85  
ASN   C   OXT  sing N N 86  
ASN   CB  CG   sing N N 87  
ASN   CB  HB2  sing N N 88  
ASN   CB  HB3  sing N N 89  
ASN   CG  OD1  doub N N 90  
ASN   CG  ND2  sing N N 91  
ASN   ND2 HD21 sing N N 92  
ASN   ND2 HD22 sing N N 93  
ASN   OXT HXT  sing N N 94  
ASP   N   CA   sing N N 95  
ASP   N   H    sing N N 96  
ASP   N   H2   sing N N 97  
ASP   CA  C    sing N N 98  
ASP   CA  CB   sing N N 99  
ASP   CA  HA   sing N N 100 
ASP   C   O    doub N N 101 
ASP   C   OXT  sing N N 102 
ASP   CB  CG   sing N N 103 
ASP   CB  HB2  sing N N 104 
ASP   CB  HB3  sing N N 105 
ASP   CG  OD1  doub N N 106 
ASP   CG  OD2  sing N N 107 
ASP   OD2 HD2  sing N N 108 
ASP   OXT HXT  sing N N 109 
CYS   N   CA   sing N N 110 
CYS   N   H    sing N N 111 
CYS   N   H2   sing N N 112 
CYS   CA  C    sing N N 113 
CYS   CA  CB   sing N N 114 
CYS   CA  HA   sing N N 115 
CYS   C   O    doub N N 116 
CYS   C   OXT  sing N N 117 
CYS   CB  SG   sing N N 118 
CYS   CB  HB2  sing N N 119 
CYS   CB  HB3  sing N N 120 
CYS   SG  HG   sing N N 121 
CYS   OXT HXT  sing N N 122 
GLN   N   CA   sing N N 123 
GLN   N   H    sing N N 124 
GLN   N   H2   sing N N 125 
GLN   CA  C    sing N N 126 
GLN   CA  CB   sing N N 127 
GLN   CA  HA   sing N N 128 
GLN   C   O    doub N N 129 
GLN   C   OXT  sing N N 130 
GLN   CB  CG   sing N N 131 
GLN   CB  HB2  sing N N 132 
GLN   CB  HB3  sing N N 133 
GLN   CG  CD   sing N N 134 
GLN   CG  HG2  sing N N 135 
GLN   CG  HG3  sing N N 136 
GLN   CD  OE1  doub N N 137 
GLN   CD  NE2  sing N N 138 
GLN   NE2 HE21 sing N N 139 
GLN   NE2 HE22 sing N N 140 
GLN   OXT HXT  sing N N 141 
GLU   N   CA   sing N N 142 
GLU   N   H    sing N N 143 
GLU   N   H2   sing N N 144 
GLU   CA  C    sing N N 145 
GLU   CA  CB   sing N N 146 
GLU   CA  HA   sing N N 147 
GLU   C   O    doub N N 148 
GLU   C   OXT  sing N N 149 
GLU   CB  CG   sing N N 150 
GLU   CB  HB2  sing N N 151 
GLU   CB  HB3  sing N N 152 
GLU   CG  CD   sing N N 153 
GLU   CG  HG2  sing N N 154 
GLU   CG  HG3  sing N N 155 
GLU   CD  OE1  doub N N 156 
GLU   CD  OE2  sing N N 157 
GLU   OE2 HE2  sing N N 158 
GLU   OXT HXT  sing N N 159 
GLY   N   CA   sing N N 160 
GLY   N   H    sing N N 161 
GLY   N   H2   sing N N 162 
GLY   CA  C    sing N N 163 
GLY   CA  HA2  sing N N 164 
GLY   CA  HA3  sing N N 165 
GLY   C   O    doub N N 166 
GLY   C   OXT  sing N N 167 
GLY   OXT HXT  sing N N 168 
HIS   N   CA   sing N N 169 
HIS   N   H    sing N N 170 
HIS   N   H2   sing N N 171 
HIS   CA  C    sing N N 172 
HIS   CA  CB   sing N N 173 
HIS   CA  HA   sing N N 174 
HIS   C   O    doub N N 175 
HIS   C   OXT  sing N N 176 
HIS   CB  CG   sing N N 177 
HIS   CB  HB2  sing N N 178 
HIS   CB  HB3  sing N N 179 
HIS   CG  ND1  sing Y N 180 
HIS   CG  CD2  doub Y N 181 
HIS   ND1 CE1  doub Y N 182 
HIS   ND1 HD1  sing N N 183 
HIS   CD2 NE2  sing Y N 184 
HIS   CD2 HD2  sing N N 185 
HIS   CE1 NE2  sing Y N 186 
HIS   CE1 HE1  sing N N 187 
HIS   NE2 HE2  sing N N 188 
HIS   OXT HXT  sing N N 189 
HOH   O   H1   sing N N 190 
HOH   O   H2   sing N N 191 
ILE   N   CA   sing N N 192 
ILE   N   H    sing N N 193 
ILE   N   H2   sing N N 194 
ILE   CA  C    sing N N 195 
ILE   CA  CB   sing N N 196 
ILE   CA  HA   sing N N 197 
ILE   C   O    doub N N 198 
ILE   C   OXT  sing N N 199 
ILE   CB  CG1  sing N N 200 
ILE   CB  CG2  sing N N 201 
ILE   CB  HB   sing N N 202 
ILE   CG1 CD1  sing N N 203 
ILE   CG1 HG12 sing N N 204 
ILE   CG1 HG13 sing N N 205 
ILE   CG2 HG21 sing N N 206 
ILE   CG2 HG22 sing N N 207 
ILE   CG2 HG23 sing N N 208 
ILE   CD1 HD11 sing N N 209 
ILE   CD1 HD12 sing N N 210 
ILE   CD1 HD13 sing N N 211 
ILE   OXT HXT  sing N N 212 
LEU   N   CA   sing N N 213 
LEU   N   H    sing N N 214 
LEU   N   H2   sing N N 215 
LEU   CA  C    sing N N 216 
LEU   CA  CB   sing N N 217 
LEU   CA  HA   sing N N 218 
LEU   C   O    doub N N 219 
LEU   C   OXT  sing N N 220 
LEU   CB  CG   sing N N 221 
LEU   CB  HB2  sing N N 222 
LEU   CB  HB3  sing N N 223 
LEU   CG  CD1  sing N N 224 
LEU   CG  CD2  sing N N 225 
LEU   CG  HG   sing N N 226 
LEU   CD1 HD11 sing N N 227 
LEU   CD1 HD12 sing N N 228 
LEU   CD1 HD13 sing N N 229 
LEU   CD2 HD21 sing N N 230 
LEU   CD2 HD22 sing N N 231 
LEU   CD2 HD23 sing N N 232 
LEU   OXT HXT  sing N N 233 
LYS   N   CA   sing N N 234 
LYS   N   H    sing N N 235 
LYS   N   H2   sing N N 236 
LYS   CA  C    sing N N 237 
LYS   CA  CB   sing N N 238 
LYS   CA  HA   sing N N 239 
LYS   C   O    doub N N 240 
LYS   C   OXT  sing N N 241 
LYS   CB  CG   sing N N 242 
LYS   CB  HB2  sing N N 243 
LYS   CB  HB3  sing N N 244 
LYS   CG  CD   sing N N 245 
LYS   CG  HG2  sing N N 246 
LYS   CG  HG3  sing N N 247 
LYS   CD  CE   sing N N 248 
LYS   CD  HD2  sing N N 249 
LYS   CD  HD3  sing N N 250 
LYS   CE  NZ   sing N N 251 
LYS   CE  HE2  sing N N 252 
LYS   CE  HE3  sing N N 253 
LYS   NZ  HZ1  sing N N 254 
LYS   NZ  HZ2  sing N N 255 
LYS   NZ  HZ3  sing N N 256 
LYS   OXT HXT  sing N N 257 
MET   N   CA   sing N N 258 
MET   N   H    sing N N 259 
MET   N   H2   sing N N 260 
MET   CA  C    sing N N 261 
MET   CA  CB   sing N N 262 
MET   CA  HA   sing N N 263 
MET   C   O    doub N N 264 
MET   C   OXT  sing N N 265 
MET   CB  CG   sing N N 266 
MET   CB  HB2  sing N N 267 
MET   CB  HB3  sing N N 268 
MET   CG  SD   sing N N 269 
MET   CG  HG2  sing N N 270 
MET   CG  HG3  sing N N 271 
MET   SD  CE   sing N N 272 
MET   CE  HE1  sing N N 273 
MET   CE  HE2  sing N N 274 
MET   CE  HE3  sing N N 275 
MET   OXT HXT  sing N N 276 
PHE   N   CA   sing N N 277 
PHE   N   H    sing N N 278 
PHE   N   H2   sing N N 279 
PHE   CA  C    sing N N 280 
PHE   CA  CB   sing N N 281 
PHE   CA  HA   sing N N 282 
PHE   C   O    doub N N 283 
PHE   C   OXT  sing N N 284 
PHE   CB  CG   sing N N 285 
PHE   CB  HB2  sing N N 286 
PHE   CB  HB3  sing N N 287 
PHE   CG  CD1  doub Y N 288 
PHE   CG  CD2  sing Y N 289 
PHE   CD1 CE1  sing Y N 290 
PHE   CD1 HD1  sing N N 291 
PHE   CD2 CE2  doub Y N 292 
PHE   CD2 HD2  sing N N 293 
PHE   CE1 CZ   doub Y N 294 
PHE   CE1 HE1  sing N N 295 
PHE   CE2 CZ   sing Y N 296 
PHE   CE2 HE2  sing N N 297 
PHE   CZ  HZ   sing N N 298 
PHE   OXT HXT  sing N N 299 
SER   N   CA   sing N N 300 
SER   N   H    sing N N 301 
SER   N   H2   sing N N 302 
SER   CA  C    sing N N 303 
SER   CA  CB   sing N N 304 
SER   CA  HA   sing N N 305 
SER   C   O    doub N N 306 
SER   C   OXT  sing N N 307 
SER   CB  OG   sing N N 308 
SER   CB  HB2  sing N N 309 
SER   CB  HB3  sing N N 310 
SER   OG  HG   sing N N 311 
SER   OXT HXT  sing N N 312 
THR   N   CA   sing N N 313 
THR   N   H    sing N N 314 
THR   N   H2   sing N N 315 
THR   CA  C    sing N N 316 
THR   CA  CB   sing N N 317 
THR   CA  HA   sing N N 318 
THR   C   O    doub N N 319 
THR   C   OXT  sing N N 320 
THR   CB  OG1  sing N N 321 
THR   CB  CG2  sing N N 322 
THR   CB  HB   sing N N 323 
THR   OG1 HG1  sing N N 324 
THR   CG2 HG21 sing N N 325 
THR   CG2 HG22 sing N N 326 
THR   CG2 HG23 sing N N 327 
THR   OXT HXT  sing N N 328 
TRP   N   CA   sing N N 329 
TRP   N   H    sing N N 330 
TRP   N   H2   sing N N 331 
TRP   CA  C    sing N N 332 
TRP   CA  CB   sing N N 333 
TRP   CA  HA   sing N N 334 
TRP   C   O    doub N N 335 
TRP   C   OXT  sing N N 336 
TRP   CB  CG   sing N N 337 
TRP   CB  HB2  sing N N 338 
TRP   CB  HB3  sing N N 339 
TRP   CG  CD1  doub Y N 340 
TRP   CG  CD2  sing Y N 341 
TRP   CD1 NE1  sing Y N 342 
TRP   CD1 HD1  sing N N 343 
TRP   CD2 CE2  doub Y N 344 
TRP   CD2 CE3  sing Y N 345 
TRP   NE1 CE2  sing Y N 346 
TRP   NE1 HE1  sing N N 347 
TRP   CE2 CZ2  sing Y N 348 
TRP   CE3 CZ3  doub Y N 349 
TRP   CE3 HE3  sing N N 350 
TRP   CZ2 CH2  doub Y N 351 
TRP   CZ2 HZ2  sing N N 352 
TRP   CZ3 CH2  sing Y N 353 
TRP   CZ3 HZ3  sing N N 354 
TRP   CH2 HH2  sing N N 355 
TRP   OXT HXT  sing N N 356 
TYR   N   CA   sing N N 357 
TYR   N   H    sing N N 358 
TYR   N   H2   sing N N 359 
TYR   CA  C    sing N N 360 
TYR   CA  CB   sing N N 361 
TYR   CA  HA   sing N N 362 
TYR   C   O    doub N N 363 
TYR   C   OXT  sing N N 364 
TYR   CB  CG   sing N N 365 
TYR   CB  HB2  sing N N 366 
TYR   CB  HB3  sing N N 367 
TYR   CG  CD1  doub Y N 368 
TYR   CG  CD2  sing Y N 369 
TYR   CD1 CE1  sing Y N 370 
TYR   CD1 HD1  sing N N 371 
TYR   CD2 CE2  doub Y N 372 
TYR   CD2 HD2  sing N N 373 
TYR   CE1 CZ   doub Y N 374 
TYR   CE1 HE1  sing N N 375 
TYR   CE2 CZ   sing Y N 376 
TYR   CE2 HE2  sing N N 377 
TYR   CZ  OH   sing N N 378 
TYR   OH  HH   sing N N 379 
TYR   OXT HXT  sing N N 380 
VAL   N   CA   sing N N 381 
VAL   N   H    sing N N 382 
VAL   N   H2   sing N N 383 
VAL   CA  C    sing N N 384 
VAL   CA  CB   sing N N 385 
VAL   CA  HA   sing N N 386 
VAL   C   O    doub N N 387 
VAL   C   OXT  sing N N 388 
VAL   CB  CG1  sing N N 389 
VAL   CB  CG2  sing N N 390 
VAL   CB  HB   sing N N 391 
VAL   CG1 HG11 sing N N 392 
VAL   CG1 HG12 sing N N 393 
VAL   CG1 HG13 sing N N 394 
VAL   CG2 HG21 sing N N 395 
VAL   CG2 HG22 sing N N 396 
VAL   CG2 HG23 sing N N 397 
VAL   OXT HXT  sing N N 398 
# 
_pdbx_audit_support.funding_organization   
'National Institutes of Health/National Institute of Biomedical Imaging and Bioengineering (NIH/NIBIB)' 
_pdbx_audit_support.country                'United States' 
_pdbx_audit_support.grant_number           ? 
_pdbx_audit_support.ordinal                1 
# 
_pdbx_initial_refinement_model.id               1 
_pdbx_initial_refinement_model.entity_id_list   ? 
_pdbx_initial_refinement_model.type             'experimental model' 
_pdbx_initial_refinement_model.source_name      PDB 
_pdbx_initial_refinement_model.accession_code   4QYP 
_pdbx_initial_refinement_model.details          ? 
# 
_space_group.crystal_system   monoclinic 
_space_group.name_H-M_alt     'C 1 2 1' 
_space_group.IT_number        5 
_space_group.name_Hall        'C 2y' 
_space_group.id               1 
# 
_atom_sites.entry_id                    9PT0 
_atom_sites.Cartn_transf_matrix[1][1]   ? 
_atom_sites.Cartn_transf_matrix[1][2]   ? 
_atom_sites.Cartn_transf_matrix[1][3]   ? 
_atom_sites.Cartn_transf_matrix[2][1]   ? 
_atom_sites.Cartn_transf_matrix[2][2]   ? 
_atom_sites.Cartn_transf_matrix[2][3]   ? 
_atom_sites.Cartn_transf_matrix[3][1]   ? 
_atom_sites.Cartn_transf_matrix[3][2]   ? 
_atom_sites.Cartn_transf_matrix[3][3]   ? 
_atom_sites.Cartn_transf_vector[1]      ? 
_atom_sites.Cartn_transf_vector[2]      ? 
_atom_sites.Cartn_transf_vector[3]      ? 
_atom_sites.Cartn_transform_axes        ? 
_atom_sites.fract_transf_matrix[1][1]   0.02025435 
_atom_sites.fract_transf_matrix[1][2]   -0.01824697 
_atom_sites.fract_transf_matrix[1][3]   0.02052907 
_atom_sites.fract_transf_matrix[2][1]   -0.00624947 
_atom_sites.fract_transf_matrix[2][2]   -0.01269326 
_atom_sites.fract_transf_matrix[2][3]   -0.00511639 
_atom_sites.fract_transf_matrix[3][1]   0.01078368 
_atom_sites.fract_transf_matrix[3][2]   -0.00080168 
_atom_sites.fract_transf_matrix[3][3]   -0.01118296 
_atom_sites.fract_transf_vector[1]      -0.102525 
_atom_sites.fract_transf_vector[2]      -0.240044 
_atom_sites.fract_transf_vector[3]      0.257473 
_atom_sites.solution_primary            ? 
_atom_sites.solution_secondary          ? 
_atom_sites.solution_hydrogens          ? 
_atom_sites.special_details             ? 
# 
loop_
_atom_type.symbol 
C 
H 
N 
O 
S 
# 
loop_
_atom_site.group_PDB 
_atom_site.id 
_atom_site.type_symbol 
_atom_site.label_atom_id 
_atom_site.label_alt_id 
_atom_site.label_comp_id 
_atom_site.label_asym_id 
_atom_site.label_entity_id 
_atom_site.label_seq_id 
_atom_site.pdbx_PDB_ins_code 
_atom_site.Cartn_x 
_atom_site.Cartn_y 
_atom_site.Cartn_z 
_atom_site.occupancy 
_atom_site.B_iso_or_equiv 
_atom_site.pdbx_formal_charge 
_atom_site.auth_seq_id 
_atom_site.auth_comp_id 
_atom_site.auth_asym_id 
_atom_site.auth_atom_id 
_atom_site.pdbx_PDB_model_num 
ATOM   1    N N   . THR   A 1 1   ? 9.51743   0.38080   16.28548  1.000 36.65000 ? 1   THR   A N   1 
ATOM   2    C CA  . THR   A 1 1   ? 9.18207   1.78366   16.07296  1.000 29.90000 ? 1   THR   A CA  1 
ATOM   3    C C   . THR   A 1 1   ? 7.94375   1.93832   15.19049  1.000 28.43000 ? 1   THR   A C   1 
ATOM   4    O O   . THR   A 1 1   ? 7.79897   1.25088   14.17929  1.000 25.11000 ? 1   THR   A O   1 
ATOM   5    C CB  . THR   A 1 1   ? 10.36013  2.55881   15.43684  1.000 31.27000 ? 1   THR   A CB  1 
ATOM   6    O OG1 . THR   A 1 1   ? 9.96357   3.91255   15.18274  1.000 35.75000 ? 1   THR   A OG1 1 
ATOM   7    C CG2 . THR   A 1 1   ? 10.81190  1.90950   14.12875  1.000 32.15000 ? 1   THR   A CG2 1 
ATOM   8    N N   . ARG   A 1 2   ? 7.04944   2.84022   15.58912  1.000 27.89000 ? 2   ARG   A N   1 
ATOM   9    C CA  . ARG   A 1 2   ? 5.86776   3.16946   14.80717  1.000 25.88000 ? 2   ARG   A CA  1 
ATOM   10   C C   . ARG   A 1 2   ? 6.10135   4.34398   13.86043  1.000 29.06000 ? 2   ARG   A C   1 
ATOM   11   O O   . ARG   A 1 2   ? 5.15379   4.81672   13.22163  1.000 27.95000 ? 2   ARG   A O   1 
ATOM   12   C CB  . ARG   A 1 2   ? 4.68405   3.45625   15.74148  1.000 24.12000 ? 2   ARG   A CB  1 
ATOM   13   C CG  . ARG   A 1 2   ? 4.04224   2.19354   16.31759  1.000 22.85000 ? 2   ARG   A CG  1 
ATOM   14   C CD  . ARG   A 1 2   ? 2.85304   2.47106   17.23752  1.000 22.26000 ? 2   ARG   A CD  1 
ATOM   15   N NE  . ARG   A 1 2   ? 2.28428   1.22829   17.76024  1.000 20.37000 ? 2   ARG   A NE  1 
ATOM   16   C CZ  . ARG   A 1 2   ? 1.59032   1.11543   18.89081  1.000 20.79000 ? 2   ARG   A CZ  1 
ATOM   17   N NH1 . ARG   A 1 2   ? 1.35453   2.18079   19.64983  1.000 26.80000 ? 2   ARG   A NH1 1 
ATOM   18   N NH2 . ARG   A 1 2   ? 1.13174   -0.07018  19.26946  1.000 21.16000 ? 2   ARG   A NH2 1 
ATOM   19   N N   . ASP   A 1 3   ? 7.33852   4.80846   13.73759  1.000 23.27000 ? 3   ASP   A N   1 
ATOM   20   C CA  . ASP   A 1 3   ? 7.65976   5.98611   12.93774  1.000 25.41000 ? 3   ASP   A CA  1 
ATOM   21   C C   . ASP   A 1 3   ? 7.99553   5.55819   11.51027  1.000 21.64000 ? 3   ASP   A C   1 
ATOM   22   O O   . ASP   A 1 3   ? 9.08955   5.05831   11.24062  1.000 23.41000 ? 3   ASP   A O   1 
ATOM   23   C CB  . ASP   A 1 3   ? 8.81876   6.75092   13.56791  1.000 28.99000 ? 3   ASP   A CB  1 
ATOM   24   C CG  . ASP   A 1 3   ? 9.07023   8.09150   12.90193  1.000 29.04000 ? 3   ASP   A CG  1 
ATOM   25   O OD1 . ASP   A 1 3   ? 8.52588   8.35251   11.80189  1.000 27.79000 ? 3   ASP   A OD1 1 
ATOM   26   O OD2 . ASP   A 1 3   ? 9.82128   8.89489   13.49067  1.000 33.49000 ? 3   ASP   A OD2 1 
ATOM   27   N N   . GLN   A 1 4   ? 7.06744   5.78844   10.58768  1.000 19.15000 ? 4   GLN   A N   1 
ATOM   28   C CA  . GLN   A 1 4   ? 7.24872   5.40500   9.19445   1.000 16.76000 ? 4   GLN   A CA  1 
ATOM   29   C C   . GLN   A 1 4   ? 7.46013   6.60958   8.28258   1.000 18.15000 ? 4   GLN   A C   1 
ATOM   30   O O   . GLN   A 1 4   ? 7.43973   6.46444   7.05615   1.000 15.81000 ? 4   GLN   A O   1 
ATOM   31   C CB  . GLN   A 1 4   ? 6.05536   4.56567   8.73818   1.000 16.43000 ? 4   GLN   A CB  1 
ATOM   32   C CG  . GLN   A 1 4   ? 5.93365   3.28237   9.54466   1.000 18.10000 ? 4   GLN   A CG  1 
ATOM   33   C CD  . GLN   A 1 4   ? 4.81255   2.38718   9.05636   1.000 16.40000 ? 4   GLN   A CD  1 
ATOM   34   O OE1 . GLN   A 1 4   ? 4.03754   2.76900   8.19123   1.000 19.29000 ? 4   GLN   A OE1 1 
ATOM   35   N NE2 . GLN   A 1 4   ? 4.71834   1.19430   9.62552   1.000 16.38000 ? 4   GLN   A NE2 1 
ATOM   36   N N   . ASN   A 1 5   ? 7.66726   7.79348   8.85927   1.000 16.43000 ? 5   ASN   A N   1 
ATOM   37   C CA  A ASN   A 1 5   ? 7.93994   8.99859   8.08296   0.580 17.16000 ? 5   ASN   A CA  1 
ATOM   38   C CA  B ASN   A 1 5   ? 7.90846   8.98521   8.06052   0.420 17.17000 ? 5   ASN   A CA  1 
ATOM   39   C C   . ASN   A 1 5   ? 9.09384   8.78716   7.11868   1.000 17.74000 ? 5   ASN   A C   1 
ATOM   40   O O   . ASN   A 1 5   ? 10.10920  8.17915   7.47507   1.000 20.04000 ? 5   ASN   A O   1 
ATOM   41   C CB  A ASN   A 1 5   ? 8.31002   10.13904  9.02716   0.580 21.33000 ? 5   ASN   A CB  1 
ATOM   42   C CB  B ASN   A 1 5   ? 8.15584   10.17492  8.99415   0.420 21.23000 ? 5   ASN   A CB  1 
ATOM   43   C CG  A ASN   A 1 5   ? 7.14427   10.99831  9.38967   0.580 16.55000 ? 5   ASN   A CG  1 
ATOM   44   C CG  B ASN   A 1 5   ? 7.72857   11.49950  8.39120   0.420 18.42000 ? 5   ASN   A CG  1 
ATOM   45   O OD1 A ASN   A 1 5   ? 6.62074   11.74763  8.56125   0.580 19.06000 ? 5   ASN   A OD1 1 
ATOM   46   O OD1 B ASN   A 1 5   ? 6.54413   11.74282  8.15804   0.420 18.64000 ? 5   ASN   A OD1 1 
ATOM   47   N ND2 A ASN   A 1 5   ? 6.74261   10.92493  10.65043  0.580 19.90000 ? 5   ASN   A ND2 1 
ATOM   48   N ND2 B ASN   A 1 5   ? 8.69501   12.37306  8.15463   0.420 18.30000 ? 5   ASN   A ND2 1 
ATOM   49   N N   . GLY   A 1 6   ? 8.95923   9.29767   5.90482   1.000 19.14000 ? 6   GLY   A N   1 
ATOM   50   C CA  . GLY   A 1 6   ? 10.10148  9.33409   5.01031   1.000 21.58000 ? 6   GLY   A CA  1 
ATOM   51   C C   . GLY   A 1 6   ? 9.72029   9.19315   3.55253   1.000 19.72000 ? 6   GLY   A C   1 
ATOM   52   O O   . GLY   A 1 6   ? 8.57948   8.92076   3.18697   1.000 16.91000 ? 6   GLY   A O   1 
ATOM   53   N N   . THR   A 1 7   ? 10.72714  9.39916   2.71142   1.000 16.80000 ? 7   THR   A N   1 
ATOM   54   C CA  . THR   A 1 7   ? 10.67832  9.04447   1.30151   1.000 19.14000 ? 7   THR   A CA  1 
ATOM   55   C C   . THR   A 1 7   ? 11.38210  7.70216   1.14021   1.000 17.90000 ? 7   THR   A C   1 
ATOM   56   O O   . THR   A 1 7   ? 12.54459  7.55710   1.53574   1.000 18.51000 ? 7   THR   A O   1 
ATOM   57   C CB  . THR   A 1 7   ? 11.34692  10.12730  0.45670   1.000 21.98000 ? 7   THR   A CB  1 
ATOM   58   O OG1 . THR   A 1 7   ? 10.59583  11.33863  0.58316   1.000 22.33000 ? 7   THR   A OG1 1 
ATOM   59   C CG2 . THR   A 1 7   ? 11.37581  9.71802   -1.00094  1.000 22.29000 ? 7   THR   A CG2 1 
ATOM   60   N N   . TRP   A 1 8   ? 10.67236  6.72278   0.57888   1.000 14.82000 ? 8   TRP   A N   1 
ATOM   61   C CA  . TRP   A 1 8   ? 11.09081  5.32608   0.57757   1.000 12.79000 ? 8   TRP   A CA  1 
ATOM   62   C C   . TRP   A 1 8   ? 11.22089  4.87115   -0.86687  1.000 13.94000 ? 8   TRP   A C   1 
ATOM   63   O O   . TRP   A 1 8   ? 10.26936  4.99466   -1.64304  1.000 17.99000 ? 8   TRP   A O   1 
ATOM   64   C CB  . TRP   A 1 8   ? 10.07382  4.45546   1.32439   1.000 13.40000 ? 8   TRP   A CB  1 
ATOM   65   C CG  . TRP   A 1 8   ? 9.89793   4.81278   2.78173   1.000 13.01000 ? 8   TRP   A CG  1 
ATOM   66   C CD1 . TRP   A 1 8   ? 8.95034   5.64492   3.32733   1.000 15.85000 ? 8   TRP   A CD1 1 
ATOM   67   C CD2 . TRP   A 1 8   ? 10.70249  4.34933   3.86621   1.000 11.79000 ? 8   TRP   A CD2 1 
ATOM   68   N NE1 . TRP   A 1 8   ? 9.12119   5.71080   4.69896   1.000 13.08000 ? 8   TRP   A NE1 1 
ATOM   69   C CE2 . TRP   A 1 8   ? 10.18316  4.91196   5.05137   1.000 14.84000 ? 8   TRP   A CE2 1 
ATOM   70   C CE3 . TRP   A 1 8   ? 11.79675  3.48055   3.95570   1.000 17.71000 ? 8   TRP   A CE3 1 
ATOM   71   C CZ2 . TRP   A 1 8   ? 10.73871  4.65326   6.30255   1.000 19.41000 ? 8   TRP   A CZ2 1 
ATOM   72   C CZ3 . TRP   A 1 8   ? 12.34295  3.22308   5.20055   1.000 17.68000 ? 8   TRP   A CZ3 1 
ATOM   73   C CH2 . TRP   A 1 8   ? 11.81722  3.80500   6.35451   1.000 16.61000 ? 8   TRP   A CH2 1 
ATOM   74   N N   . GLU   A 1 9   ? 12.39172  4.38892   -1.24176  1.000 15.45000 ? 9   GLU   A N   1 
ATOM   75   C CA  . GLU   A 1 9   ? 12.66005  3.92352   -2.59387  1.000 14.57000 ? 9   GLU   A CA  1 
ATOM   76   C C   . GLU   A 1 9   ? 12.67556  2.42241   -2.64379  1.000 12.42000 ? 9   GLU   A C   1 
ATOM   77   O O   . GLU   A 1 9   ? 13.30582  1.81174   -1.88097  1.000 14.78000 ? 9   GLU   A O   1 
ATOM   78   C CB  . GLU   A 1 9   ? 14.01014  4.37442   -3.02972  1.000 30.00000 ? 9   GLU   A CB  1 
ATOM   79   C CG  . GLU   A 1 9   ? 14.12503  5.85632   -3.12672  1.000 30.00000 ? 9   GLU   A CG  1 
ATOM   80   C CD  . GLU   A 1 9   ? 13.29206  6.44762   -4.24080  1.000 30.00000 ? 9   GLU   A CD  1 
ATOM   81   O OE1 . GLU   A 1 9   ? 13.33183  7.67538   -4.39479  1.000 30.00000 ? 9   GLU   A OE1 1 
ATOM   82   O OE2 . GLU   A 1 9   ? 12.59688  5.71190   -4.96274  1.000 30.00000 ? 9   GLU   A OE2 1 
ATOM   83   N N   . MET   A 1 10  ? 12.02525  1.87007   -3.64025  1.000 14.65000 ? 10  MET   A N   1 
ATOM   84   C CA  . MET   A 1 10  ? 11.86493  0.42111   -3.68123  1.000 15.20000 ? 10  MET   A CA  1 
ATOM   85   C C   . MET   A 1 10  ? 13.20205  -0.27874  -3.88991  1.000 13.60000 ? 10  MET   A C   1 
ATOM   86   O O   . MET   A 1 10  ? 14.00829  0.12858   -4.74136  1.000 17.29000 ? 10  MET   A O   1 
ATOM   87   C CB  . MET   A 1 10  ? 10.89598  0.02493   -4.78471  1.000 18.82000 ? 10  MET   A CB  1 
ATOM   88   C CG  . MET   A 1 10  ? 10.88287  -1.44827  -5.06593  1.000 20.43000 ? 10  MET   A CG  1 
ATOM   89   S SD  . MET   A 1 10  ? 9.57990   -1.82886  -6.23529  1.000 21.06000 ? 10  MET   A SD  1 
ATOM   90   C CE  . MET   A 1 10  ? 8.24489   -2.09064  -5.09318  1.000 18.93000 ? 10  MET   A CE  1 
ATOM   91   N N   . GLU   A 1 11  ? 13.43289  -1.32738  -3.10528  1.000 13.77000 ? 11  GLU   A N   1 
ATOM   92   C CA  . GLU   A 1 11  ? 14.58067  -2.21197  -3.25656  1.000 15.88000 ? 11  GLU   A CA  1 
ATOM   93   C C   . GLU   A 1 11  ? 14.20842  -3.57059  -3.81859  1.000 16.44000 ? 11  GLU   A C   1 
ATOM   94   O O   . GLU   A 1 11  ? 14.97493  -4.14590  -4.59200  1.000 14.22000 ? 11  GLU   A O   1 
ATOM   95   C CB  . GLU   A 1 11  ? 15.27868  -2.41230  -1.91253  1.000 21.80000 ? 11  GLU   A CB  1 
ATOM   96   C CG  . GLU   A 1 11  ? 16.08117  -1.23367  -1.44714  1.000 26.47000 ? 11  GLU   A CG  1 
ATOM   97   C CD  . GLU   A 1 11  ? 17.10431  -1.63090  -0.40285  1.000 32.73000 ? 11  GLU   A CD  1 
ATOM   98   O OE1 . GLU   A 1 11  ? 18.18823  -1.01192  -0.36599  1.000 37.26000 ? 11  GLU   A OE1 1 
ATOM   99   O OE2 . GLU   A 1 11  ? 16.82628  -2.57868  0.36794   1.000 35.52000 ? 11  GLU   A OE2 1 
ATOM   100  N N   . SER   A 1 12  ? 13.04277  -4.09157  -3.44885  1.000 13.77000 ? 12  SER   A N   1 
ATOM   101  C CA  . SER   A 1 12  ? 12.64564  -5.44970  -3.78173  1.000 13.80000 ? 12  SER   A CA  1 
ATOM   102  C C   . SER   A 1 12  ? 11.13072  -5.47372  -3.96247  1.000 17.38000 ? 12  SER   A C   1 
ATOM   103  O O   . SER   A 1 12  ? 10.40314  -4.80232  -3.22796  1.000 15.97000 ? 12  SER   A O   1 
ATOM   104  C CB  . SER   A 1 12  ? 13.08617  -6.42564  -2.67491  1.000 16.97000 ? 12  SER   A CB  1 
ATOM   105  O OG  . SER   A 1 12  ? 12.71171  -7.75454  -2.97273  1.000 22.69000 ? 12  SER   A OG  1 
ATOM   106  N N   . ASN   A 1 13  ? 10.66526  -6.25815  -4.93236  1.000 14.72000 ? 13  ASN   A N   1 
ATOM   107  C CA  . ASN   A 1 13  ? 9.24605   -6.36689  -5.26095  1.000 17.62000 ? 13  ASN   A CA  1 
ATOM   108  C C   . ASN   A 1 13  ? 8.96062   -7.81796  -5.61439  1.000 18.49000 ? 13  ASN   A C   1 
ATOM   109  O O   . ASN   A 1 13  ? 9.54469   -8.34183  -6.56602  1.000 19.12000 ? 13  ASN   A O   1 
ATOM   110  C CB  . ASN   A 1 13  ? 8.90316   -5.44455  -6.44226  1.000 17.64000 ? 13  ASN   A CB  1 
ATOM   111  C CG  . ASN   A 1 13  ? 7.41956   -5.09043  -6.53784  1.000 22.34000 ? 13  ASN   A CG  1 
ATOM   112  O OD1 . ASN   A 1 13  ? 6.61902   -5.38464  -5.64171  1.000 19.86000 ? 13  ASN   A OD1 1 
ATOM   113  N ND2 . ASN   A 1 13  ? 7.05255   -4.43357  -7.64270  1.000 21.96000 ? 13  ASN   A ND2 1 
ATOM   114  N N   . GLU   A 1 14  ? 8.07014   -8.46961  -4.86840  1.000 16.52000 ? 14  GLU   A N   1 
ATOM   115  C CA  . GLU   A 1 14  ? 7.75583   -9.87455  -5.10693  1.000 18.00000 ? 14  GLU   A CA  1 
ATOM   116  C C   . GLU   A 1 14  ? 6.25119   -10.07164 -5.27370  1.000 16.76000 ? 14  GLU   A C   1 
ATOM   117  O O   . GLU   A 1 14  ? 5.46602   -9.60726  -4.44634  1.000 15.80000 ? 14  GLU   A O   1 
ATOM   118  C CB  . GLU   A 1 14  ? 8.27659   -10.74214 -3.96111  1.000 18.88000 ? 14  GLU   A CB  1 
ATOM   119  C CG  . GLU   A 1 14  ? 7.95098   -12.21270 -4.11125  1.000 27.72000 ? 14  GLU   A CG  1 
ATOM   120  C CD  . GLU   A 1 14  ? 8.14698   -12.97837 -2.81573  1.000 34.96000 ? 14  GLU   A CD  1 
ATOM   121  O OE1 . GLU   A 1 14  ? 8.66888   -12.38155 -1.84335  1.000 34.15000 ? 14  GLU   A OE1 1 
ATOM   122  O OE2 . GLU   A 1 14  ? 7.78005   -14.17284 -2.76816  1.000 41.13000 ? 14  GLU   A OE2 1 
ATOM   123  N N   . ASN   A 1 15  ? 5.86053   -10.74931 -6.35577  1.000 15.50000 ? 15  ASN   A N   1 
ATOM   124  C CA  . ASN   A 1 15  ? 4.46329   -11.07399 -6.67830  1.000 13.47000 ? 15  ASN   A CA  1 
ATOM   125  C C   . ASN   A 1 15  ? 3.56652   -9.83912  -6.82338  1.000 16.13000 ? 15  ASN   A C   1 
ATOM   126  O O   . ASN   A 1 15  ? 2.37017   -9.90071  -6.56487  1.000 16.42000 ? 15  ASN   A O   1 
ATOM   127  C CB  . ASN   A 1 15  ? 3.85086   -12.03998 -5.65972  1.000 15.10000 ? 15  ASN   A CB  1 
ATOM   128  C CG  . ASN   A 1 15  ? 2.59843   -12.72712 -6.19499  1.000 16.25000 ? 15  ASN   A CG  1 
ATOM   129  O OD1 . ASN   A 1 15  ? 2.45297   -12.93024 -7.40711  1.000 17.56000 ? 15  ASN   A OD1 1 
ATOM   130  N ND2 . ASN   A 1 15  ? 1.68080   -13.07062 -5.30113  1.000 16.66000 ? 15  ASN   A ND2 1 
ATOM   131  N N   . PHE   A 1 16  ? 4.10973   -8.71426  -7.28995  1.000 13.50000 ? 16  PHE   A N   1 
ATOM   132  C CA  . PHE   A 1 16  ? 3.25545   -7.56828  -7.58104  1.000 13.33000 ? 16  PHE   A CA  1 
ATOM   133  C C   . PHE   A 1 16  ? 2.19561   -7.90781  -8.62877  1.000 17.17000 ? 16  PHE   A C   1 
ATOM   134  O O   . PHE   A 1 16  ? 1.04828   -7.45239  -8.53950  1.000 16.27000 ? 16  PHE   A O   1 
ATOM   135  C CB  . PHE   A 1 16  ? 4.13253   -6.39524  -8.03096  1.000 13.70000 ? 16  PHE   A CB  1 
ATOM   136  C CG  . PHE   A 1 16  ? 3.40131   -5.07872  -8.12798  1.000 13.34000 ? 16  PHE   A CG  1 
ATOM   137  C CD1 . PHE   A 1 16  ? 2.76362   -4.53428  -7.02365  1.000 13.65000 ? 16  PHE   A CD1 1 
ATOM   138  C CD2 . PHE   A 1 16  ? 3.39104   -4.37341  -9.31240  1.000 15.95000 ? 16  PHE   A CD2 1 
ATOM   139  C CE1 . PHE   A 1 16  ? 2.08768   -3.30784  -7.12349  1.000 14.18000 ? 16  PHE   A CE1 1 
ATOM   140  C CE2 . PHE   A 1 16  ? 2.73552   -3.15575  -9.41836  1.000 15.95000 ? 16  PHE   A CE2 1 
ATOM   141  C CZ  . PHE   A 1 16  ? 2.08017   -2.62258  -8.32330  1.000 18.14000 ? 16  PHE   A CZ  1 
ATOM   142  N N   . GLU   A 1 17  ? 2.55427   -8.71269  -9.63713  1.000 16.92000 ? 17  GLU   A N   1 
ATOM   143  C CA  . GLU   A 1 17  ? 1.57820   -9.01719  -10.68588 1.000 17.87000 ? 17  GLU   A CA  1 
ATOM   144  C C   . GLU   A 1 17  ? 0.45985   -9.91682  -10.16966 1.000 18.20000 ? 17  GLU   A C   1 
ATOM   145  O O   . GLU   A 1 17  ? -0.69507  -9.78032  -10.60318 1.000 18.28000 ? 17  GLU   A O   1 
ATOM   146  C CB  . GLU   A 1 17  ? 2.25917   -9.66862  -11.89522 1.000 19.70000 ? 17  GLU   A CB  1 
ATOM   147  C CG  . GLU   A 1 17  ? 1.26992   -10.09486 -12.97578 1.000 24.58000 ? 17  GLU   A CG  1 
ATOM   148  C CD  . GLU   A 1 17  ? 1.88147   -10.20060 -14.36907 1.000 34.91000 ? 17  GLU   A CD  1 
ATOM   149  O OE1 . GLU   A 1 17  ? 3.11437   -10.36321 -14.47472 1.000 36.83000 ? 17  GLU   A OE1 1 
ATOM   150  O OE2 . GLU   A 1 17  ? 1.12004   -10.12117 -15.36218 1.000 36.86000 ? 17  GLU   A OE2 1 
ATOM   151  N N   . GLY   A 1 18  ? 0.76996   -10.81314 -9.23047  1.000 18.72000 ? 18  GLY   A N   1 
ATOM   152  C CA  . GLY   A 1 18  ? -0.27738  -11.62654 -8.62971  1.000 18.01000 ? 18  GLY   A CA  1 
ATOM   153  C C   . GLY   A 1 18  ? -1.30764  -10.78991 -7.89427  1.000 16.33000 ? 18  GLY   A C   1 
ATOM   154  O O   . GLY   A 1 18  ? -2.51102  -11.02739 -8.00829  1.000 20.53000 ? 18  GLY   A O   1 
ATOM   155  N N   . TRP   A 1 19  ? -0.84480  -9.80706  -7.11641  1.000 16.09000 ? 19  TRP   A N   1 
ATOM   156  C CA  . TRP   A 1 19  ? -1.76069  -8.90442  -6.42566  1.000 15.32000 ? 19  TRP   A CA  1 
ATOM   157  C C   . TRP   A 1 19  ? -2.61597  -8.12147  -7.42337  1.000 15.63000 ? 19  TRP   A C   1 
ATOM   158  O O   . TRP   A 1 19  ? -3.83449  -8.01858  -7.26062  1.000 15.13000 ? 19  TRP   A O   1 
ATOM   159  C CB  . TRP   A 1 19  ? -0.94319  -7.98406  -5.51136  1.000 14.29000 ? 19  TRP   A CB  1 
ATOM   160  C CG  . TRP   A 1 19  ? -1.70056  -6.89586  -4.84240  1.000 14.33000 ? 19  TRP   A CG  1 
ATOM   161  C CD1 . TRP   A 1 19  ? -2.51068  -7.00452  -3.74208  1.000 14.83000 ? 19  TRP   A CD1 1 
ATOM   162  C CD2 . TRP   A 1 19  ? -1.70722  -5.51755  -5.21611  1.000 16.13000 ? 19  TRP   A CD2 1 
ATOM   163  N NE1 . TRP   A 1 19  ? -3.03223  -5.76941  -3.41685  1.000 17.07000 ? 19  TRP   A NE1 1 
ATOM   164  C CE2 . TRP   A 1 19  ? -2.55063  -4.83985  -4.30580  1.000 16.57000 ? 19  TRP   A CE2 1 
ATOM   165  C CE3 . TRP   A 1 19  ? -1.07889  -4.78699  -6.23168  1.000 14.78000 ? 19  TRP   A CE3 1 
ATOM   166  C CZ2 . TRP   A 1 19  ? -2.78860  -3.47265  -4.38706  1.000 16.25000 ? 19  TRP   A CZ2 1 
ATOM   167  C CZ3 . TRP   A 1 19  ? -1.31962  -3.42942  -6.31214  1.000 17.56000 ? 19  TRP   A CZ3 1 
ATOM   168  C CH2 . TRP   A 1 19  ? -2.15461  -2.78242  -5.38594  1.000 14.98000 ? 19  TRP   A CH2 1 
ATOM   169  N N   . MET   A 1 20  ? -2.00788  -7.59708  -8.49377  1.000 11.82000 ? 20  MET   A N   1 
ATOM   170  C CA  . MET   A 1 20  ? -2.79715  -6.85639  -9.47905  1.000 14.06000 ? 20  MET   A CA  1 
ATOM   171  C C   . MET   A 1 20  ? -3.80341  -7.75932  -10.19130 1.000 16.01000 ? 20  MET   A C   1 
ATOM   172  O O   . MET   A 1 20  ? -4.90039  -7.31306  -10.54663 1.000 16.70000 ? 20  MET   A O   1 
ATOM   173  C CB  . MET   A 1 20  ? -1.87666  -6.19903  -10.50812 1.000 16.03000 ? 20  MET   A CB  1 
ATOM   174  C CG  . MET   A 1 20  ? -1.21484  -4.95526  -10.01194 1.000 13.90000 ? 20  MET   A CG  1 
ATOM   175  S SD  . MET   A 1 20  ? -0.30334  -4.17749  -11.34347 1.000 20.19000 ? 20  MET   A SD  1 
ATOM   176  C CE  . MET   A 1 20  ? 0.94987   -5.43406  -11.64463 1.000 22.84000 ? 20  MET   A CE  1 
ATOM   177  N N   . LYS   A 1 21  ? -3.42698  -9.01233  -10.45070 1.000 20.30000 ? 21  LYS   A N   1 
ATOM   178  C CA  . LYS   A 1 21  ? -4.36134  -9.95171  -11.06040 1.000 20.09000 ? 21  LYS   A CA  1 
ATOM   179  C C   . LYS   A 1 21  ? -5.55775  -10.18924 -10.15362 1.000 21.28000 ? 21  LYS   A C   1 
ATOM   180  O O   . LYS   A 1 21  ? -6.70075  -10.25978 -10.62617 1.000 20.39000 ? 21  LYS   A O   1 
ATOM   181  C CB  . LYS   A 1 21  ? -3.65884  -11.27187 -11.36918 1.000 25.00000 ? 21  LYS   A CB  1 
ATOM   182  C CG  . LYS   A 1 21  ? -3.28808  -11.44807 -12.81991 1.000 29.73000 ? 21  LYS   A CG  1 
ATOM   183  C CD  . LYS   A 1 21  ? -2.81994  -12.86871 -13.11657 1.000 35.29000 ? 21  LYS   A CD  1 
ATOM   184  C CE  . LYS   A 1 21  ? -3.99104  -13.78118 -13.46266 1.000 33.16000 ? 21  LYS   A CE  1 
ATOM   185  N NZ  . LYS   A 1 21  ? -3.73965  -14.59224 -14.69226 1.000 37.38000 ? 21  LYS   A NZ  1 
ATOM   186  N N   . ALA   A 1 22  ? -5.31389  -10.28636 -8.84318  1.000 17.85000 ? 22  ALA   A N   1 
ATOM   187  C CA  . ALA   A 1 22  ? -6.40305  -10.52147 -7.89992  1.000 19.18000 ? 22  ALA   A CA  1 
ATOM   188  C C   . ALA   A 1 22  ? -7.37799  -9.34870  -7.85719  1.000 18.15000 ? 22  ALA   A C   1 
ATOM   189  O O   . ALA   A 1 22  ? -8.56091  -9.53791  -7.55432  1.000 21.17000 ? 22  ALA   A O   1 
ATOM   190  C CB  . ALA   A 1 22  ? -5.83319  -10.80175 -6.50682  1.000 18.85000 ? 22  ALA   A CB  1 
ATOM   191  N N   . LEU   A 1 23  ? -6.91047  -8.13983  -8.16629  1.000 15.85000 ? 23  LEU   A N   1 
ATOM   192  C CA  . LEU   A 1 23  ? -7.76385  -6.96185  -8.25850  1.000 17.54000 ? 23  LEU   A CA  1 
ATOM   193  C C   . LEU   A 1 23  ? -8.44868  -6.82477  -9.61170  1.000 18.25000 ? 23  LEU   A C   1 
ATOM   194  O O   . LEU   A 1 23  ? -9.23575  -5.88371  -9.79408  1.000 17.49000 ? 23  LEU   A O   1 
ATOM   195  C CB  . LEU   A 1 23  ? -6.93319  -5.69938  -7.99730  1.000 15.49000 ? 23  LEU   A CB  1 
ATOM   196  C CG  . LEU   A 1 23  ? -6.47672  -5.52799  -6.55118  1.000 17.25000 ? 23  LEU   A CG  1 
ATOM   197  C CD1 . LEU   A 1 23  ? -5.39796  -4.47553  -6.43075  1.000 18.30000 ? 23  LEU   A CD1 1 
ATOM   198  C CD2 . LEU   A 1 23  ? -7.68101  -5.14701  -5.70190  1.000 20.34000 ? 23  LEU   A CD2 1 
ATOM   199  N N   . ASP   A 1 24  ? -8.12418  -7.70891  -10.56108 1.000 20.33000 ? 24  ASP   A N   1 
ATOM   200  C CA  . ASP   A 1 24  ? -8.67282  -7.73003  -11.92046 1.000 21.56000 ? 24  ASP   A CA  1 
ATOM   201  C C   . ASP   A 1 24  ? -8.19524  -6.54772  -12.74933 1.000 22.70000 ? 24  ASP   A C   1 
ATOM   202  O O   . ASP   A 1 24  ? -8.88068  -6.11819  -13.67757 1.000 23.35000 ? 24  ASP   A O   1 
ATOM   203  C CB  . ASP   A 1 24  ? -10.20666 -7.79811  -11.91876 1.000 18.64000 ? 24  ASP   A CB  1 
ATOM   204  C CG  . ASP   A 1 24  ? -10.73030 -8.79654  -10.91935 1.000 24.46000 ? 24  ASP   A CG  1 
ATOM   205  O OD1 . ASP   A 1 24  ? -10.21018 -9.93900  -10.89927 1.000 25.49000 ? 24  ASP   A OD1 1 
ATOM   206  O OD2 . ASP   A 1 24  ? -11.63039 -8.42283  -10.12954 1.000 25.33000 ? 24  ASP   A OD2 1 
ATOM   207  N N   . ILE   A 1 25  ? -6.99995  -6.03458  -12.43892 1.000 18.14000 ? 25  ILE   A N   1 
ATOM   208  C CA  . ILE   A 1 25  ? -6.41291  -4.98516  -13.25704 1.000 18.21000 ? 25  ILE   A CA  1 
ATOM   209  C C   . ILE   A 1 25  ? -6.14550  -5.54469  -14.64502 1.000 17.04000 ? 25  ILE   A C   1 
ATOM   210  O O   . ILE   A 1 25  ? -5.71118  -6.69377  -14.79484 1.000 24.10000 ? 25  ILE   A O   1 
ATOM   211  C CB  . ILE   A 1 25  ? -5.14745  -4.45135  -12.56607 1.000 19.19000 ? 25  ILE   A CB  1 
ATOM   212  C CG1 . ILE   A 1 25  ? -5.55825  -3.73357  -11.27207 1.000 21.54000 ? 25  ILE   A CG1 1 
ATOM   213  C CG2 . ILE   A 1 25  ? -4.36094  -3.52238  -13.48785 1.000 17.53000 ? 25  ILE   A CG2 1 
ATOM   214  C CD1 . ILE   A 1 25  ? -4.40349  -3.23749  -10.43754 1.000 27.39000 ? 25  ILE   A CD1 1 
ATOM   215  N N   . ASP   A 1 26  ? -6.44980  -4.75058  -15.67004 1.000 22.82000 ? 26  ASP   A N   1 
ATOM   216  C CA  . ASP   A 1 26  ? -6.42194  -5.26730  -17.03334 1.000 23.41000 ? 26  ASP   A CA  1 
ATOM   217  C C   . ASP   A 1 26  ? -5.00523  -5.63814  -17.46151 1.000 26.32000 ? 26  ASP   A C   1 
ATOM   218  O O   . ASP   A 1 26  ? -4.00678  -5.17352  -16.90203 1.000 23.41000 ? 26  ASP   A O   1 
ATOM   219  C CB  . ASP   A 1 26  ? -7.00777  -4.25523  -18.01996 1.000 28.11000 ? 26  ASP   A CB  1 
ATOM   220  C CG  . ASP   A 1 26  ? -6.23585  -2.95778  -18.05022 1.000 31.40000 ? 26  ASP   A CG  1 
ATOM   221  O OD1 . ASP   A 1 26  ? -6.48010  -2.10117  -17.17173 1.000 33.59000 ? 26  ASP   A OD1 1 
ATOM   222  O OD2 . ASP   A 1 26  ? -5.37422  -2.79991  -18.94444 1.000 34.27000 ? 26  ASP   A OD2 1 
ATOM   223  N N   . PHE   A 1 27  ? -4.94252  -6.48388  -18.49219 1.000 24.51000 ? 27  PHE   A N   1 
ATOM   224  C CA  . PHE   A 1 27  ? -3.68664  -7.08062  -18.93684 1.000 26.64000 ? 27  PHE   A CA  1 
ATOM   225  C C   . PHE   A 1 27  ? -2.64771  -6.01918  -19.28112 1.000 22.87000 ? 27  PHE   A C   1 
ATOM   226  O O   . PHE   A 1 27  ? -1.48034  -6.12730  -18.88911 1.000 18.60000 ? 27  PHE   A O   1 
ATOM   227  C CB  . PHE   A 1 27  ? -3.96077  -7.98653  -20.14196 1.000 28.47000 ? 27  PHE   A CB  1 
ATOM   228  C CG  . PHE   A 1 27  ? -2.73202  -8.62373  -20.72950 1.000 26.63000 ? 27  PHE   A CG  1 
ATOM   229  C CD1 . PHE   A 1 27  ? -2.23385  -9.80606  -20.21026 1.000 28.99000 ? 27  PHE   A CD1 1 
ATOM   230  C CD2 . PHE   A 1 27  ? -2.08847  -8.05215  -21.81915 1.000 27.27000 ? 27  PHE   A CD2 1 
ATOM   231  C CE1 . PHE   A 1 27  ? -1.11244  -10.40098 -20.75688 1.000 34.19000 ? 27  PHE   A CE1 1 
ATOM   232  C CE2 . PHE   A 1 27  ? -0.96563  -8.64046  -22.36627 1.000 31.41000 ? 27  PHE   A CE2 1 
ATOM   233  C CZ  . PHE   A 1 27  ? -0.47661  -9.81948  -21.83523 1.000 31.63000 ? 27  PHE   A CZ  1 
ATOM   234  N N   . ALA   A 1 28  ? -3.04601  -4.99093  -20.02824 1.000 16.95000 ? 28  ALA   A N   1 
ATOM   235  C CA  . ALA   A 1 28  ? -2.05672  -4.03000  -20.50361 1.000 19.25000 ? 28  ALA   A CA  1 
ATOM   236  C C   . ALA   A 1 28  ? -1.45473  -3.25511  -19.34156 1.000 19.60000 ? 28  ALA   A C   1 
ATOM   237  O O   . ALA   A 1 28  ? -0.23285  -3.09553  -19.25976 1.000 19.63000 ? 28  ALA   A O   1 
ATOM   238  C CB  . ALA   A 1 28  ? -2.69033  -3.08546  -21.52311 1.000 19.23000 ? 28  ALA   A CB  1 
ATOM   239  N N   . THR   A 1 29  ? -2.29807  -2.82864  -18.40204 1.000 19.62000 ? 29  THR   A N   1 
ATOM   240  C CA  . THR   A 1 29  ? -1.81772  -2.09140  -17.23914 1.000 21.85000 ? 29  THR   A CA  1 
ATOM   241  C C   . THR   A 1 29  ? -0.90118  -2.94680  -16.37469 1.000 19.33000 ? 29  THR   A C   1 
ATOM   242  O O   . THR   A 1 29  ? 0.15791   -2.47980  -15.93635 1.000 19.38000 ? 29  THR   A O   1 
ATOM   243  C CB  . THR   A 1 29  ? -3.00893  -1.59376  -16.42178 1.000 23.18000 ? 29  THR   A CB  1 
ATOM   244  O OG1 . THR   A 1 29  ? -3.83698  -0.76985  -17.25151 1.000 24.20000 ? 29  THR   A OG1 1 
ATOM   245  C CG2 . THR   A 1 29  ? -2.53135  -0.79495  -15.22006 1.000 24.49000 ? 29  THR   A CG2 1 
ATOM   246  N N   . ARG   A 1 30  ? -1.28673  -4.20025  -16.11689 1.000 17.34000 ? 30  ARG   A N   1 
ATOM   247  C CA  . ARG   A 1 30  ? -0.44734  -5.08285  -15.30539 1.000 17.90000 ? 30  ARG   A CA  1 
ATOM   248  C C   . ARG   A 1 30  ? 0.91296   -5.31574  -15.94808 1.000 18.81000 ? 30  ARG   A C   1 
ATOM   249  O O   . ARG   A 1 30  ? 1.93825   -5.35041  -15.25599 1.000 20.60000 ? 30  ARG   A O   1 
ATOM   250  C CB  . ARG   A 1 30  ? -1.12630  -6.43877  -15.09367 1.000 22.36000 ? 30  ARG   A CB  1 
ATOM   251  C CG  . ARG   A 1 30  ? -2.35884  -6.44118  -14.24971 1.000 26.16000 ? 30  ARG   A CG  1 
ATOM   252  C CD  . ARG   A 1 30  ? -2.67880  -7.87195  -13.81441 1.000 25.95000 ? 30  ARG   A CD  1 
ATOM   253  N NE  . ARG   A 1 30  ? -2.21148  -8.88441  -14.76987 1.000 31.23000 ? 30  ARG   A NE  1 
ATOM   254  C CZ  . ARG   A 1 30  ? -2.99323  -9.48922  -15.66675 1.000 27.70000 ? 30  ARG   A CZ  1 
ATOM   255  N NH1 . ARG   A 1 30  ? -4.27794  -9.18247  -15.74659 1.000 28.98000 ? 30  ARG   A NH1 1 
ATOM   256  N NH2 . ARG   A 1 30  ? -2.48929  -10.40064 -16.49121 1.000 32.64000 ? 30  ARG   A NH2 1 
ATOM   257  N N   . LYS   A 1 31  ? 0.93946   -5.53235  -17.26327 1.000 19.22000 ? 31  LYS   A N   1 
ATOM   258  C CA  . LYS   A 1 31  ? 2.20128   -5.86446  -17.91590 1.000 19.86000 ? 31  LYS   A CA  1 
ATOM   259  C C   . LYS   A 1 31  ? 3.18201   -4.70255  -17.85612 1.000 19.36000 ? 31  LYS   A C   1 
ATOM   260  O O   . LYS   A 1 31  ? 4.39450   -4.91486  -17.71359 1.000 20.27000 ? 31  LYS   A O   1 
ATOM   261  C CB  . LYS   A 1 31  ? 1.93820   -6.29056  -19.36038 1.000 19.42000 ? 31  LYS   A CB  1 
ATOM   262  C CG  . LYS   A 1 31  ? 1.42543   -7.72238  -19.48094 1.000 28.29000 ? 31  LYS   A CG  1 
ATOM   263  C CD  . LYS   A 1 31  ? 2.55512   -8.72881  -19.29318 1.000 37.48000 ? 31  LYS   A CD  1 
ATOM   264  C CE  . LYS   A 1 31  ? 2.05643   -10.16701 -19.33572 1.000 40.06000 ? 31  LYS   A CE  1 
ATOM   265  N NZ  . LYS   A 1 31  ? 1.43639   -10.58579 -18.04516 1.000 39.64000 ? 31  LYS   A NZ  1 
ATOM   266  N N   . ILE   A 1 32  ? 2.68745   -3.46733  -17.96113 1.000 18.56000 ? 32  ILE   A N   1 
ATOM   267  C CA  . ILE   A 1 32  ? 3.56875   -2.30717  -17.83435 1.000 19.61000 ? 32  ILE   A CA  1 
ATOM   268  C C   . ILE   A 1 32  ? 3.96367   -2.10874  -16.37718 1.000 18.95000 ? 32  ILE   A C   1 
ATOM   269  O O   . ILE   A 1 32  ? 5.14653   -1.95767  -16.04723 1.000 17.54000 ? 32  ILE   A O   1 
ATOM   270  C CB  . ILE   A 1 32  ? 2.89098   -1.04335  -18.38934 1.000 18.35000 ? 32  ILE   A CB  1 
ATOM   271  C CG1 . ILE   A 1 32  ? 2.59390   -1.17625  -19.89040 1.000 21.53000 ? 32  ILE   A CG1 1 
ATOM   272  C CG2 . ILE   A 1 32  ? 3.77048   0.18204   -18.13403 1.000 21.03000 ? 32  ILE   A CG2 1 
ATOM   273  C CD1 . ILE   A 1 32  ? 3.73237   -1.71967  -20.71500 1.000 23.53000 ? 32  ILE   A CD1 1 
ATOM   274  N N   . ALA   A 1 33  ? 2.97058   -2.15748  -15.47844 1.000 15.08000 ? 33  ALA   A N   1 
ATOM   275  C CA  . ALA   A 1 33  ? 3.18710   -1.79000  -14.08162 1.000 16.27000 ? 33  ALA   A CA  1 
ATOM   276  C C   . ALA   A 1 33  ? 4.16250   -2.71807  -13.37636 1.000 16.86000 ? 33  ALA   A C   1 
ATOM   277  O O   . ALA   A 1 33  ? 4.90204   -2.26857  -12.48959 1.000 17.07000 ? 33  ALA   A O   1 
ATOM   278  C CB  . ALA   A 1 33  ? 1.84576   -1.77700  -13.33116 1.000 14.44000 ? 33  ALA   A CB  1 
ATOM   279  N N   . VAL   A 1 34  ? 4.16207   -4.01087  -13.72367 1.000 14.90000 ? 34  VAL   A N   1 
ATOM   280  C CA  . VAL   A 1 34  ? 5.01849   -4.97965  -13.04261 1.000 17.02000 ? 34  VAL   A CA  1 
ATOM   281  C C   . VAL   A 1 34  ? 6.49582   -4.69202  -13.27589 1.000 17.86000 ? 34  VAL   A C   1 
ATOM   282  O O   . VAL   A 1 34  ? 7.34558   -5.13249  -12.48889 1.000 17.72000 ? 34  VAL   A O   1 
ATOM   283  C CB  . VAL   A 1 34  ? 4.66143   -6.42028  -13.47560 1.000 18.52000 ? 34  VAL   A CB  1 
ATOM   284  C CG1 . VAL   A 1 34  ? 5.10876   -6.70003  -14.91879 1.000 19.16000 ? 34  VAL   A CG1 1 
ATOM   285  C CG2 . VAL   A 1 34  ? 5.25795   -7.44713  -12.51240 1.000 20.76000 ? 34  VAL   A CG2 1 
ATOM   286  N N   . ARG   A 1 35  ? 6.82353   -3.94765  -14.33196 1.000 18.28000 ? 35  ARG   A N   1 
ATOM   287  C CA  . ARG   A 1 35  ? 8.20615   -3.66764  -14.68942 1.000 17.88000 ? 35  ARG   A CA  1 
ATOM   288  C C   . ARG   A 1 35  ? 8.83860   -2.57643  -13.84063 1.000 16.27000 ? 35  ARG   A C   1 
ATOM   289  O O   . ARG   A 1 35  ? 10.06377  -2.43673  -13.84882 1.000 15.11000 ? 35  ARG   A O   1 
ATOM   290  C CB  . ARG   A 1 35  ? 8.29056   -3.23930  -16.15220 1.000 19.37000 ? 35  ARG   A CB  1 
ATOM   291  C CG  . ARG   A 1 35  ? 7.76717   -4.26648  -17.13133 1.000 20.33000 ? 35  ARG   A CG  1 
ATOM   292  C CD  . ARG   A 1 35  ? 7.69442   -3.70212  -18.54257 1.000 26.17000 ? 35  ARG   A CD  1 
ATOM   293  N NE  . ARG   A 1 35  ? 7.13913   -4.69194  -19.45778 1.000 33.30000 ? 35  ARG   A NE  1 
ATOM   294  C CZ  . ARG   A 1 35  ? 6.77047   -4.44359  -20.71161 1.000 30.60000 ? 35  ARG   A CZ  1 
ATOM   295  N NH1 . ARG   A 1 35  ? 6.27516   -5.42354  -21.45701 1.000 40.06000 ? 35  ARG   A NH1 1 
ATOM   296  N NH2 . ARG   A 1 35  ? 6.89930   -3.22589  -21.21996 1.000 35.82000 ? 35  ARG   A NH2 1 
ATOM   297  N N   . LEU   A 1 36  ? 8.04871   -1.82458  -13.08850 1.000 14.80000 ? 36  LEU   A N   1 
ATOM   298  C CA  . LEU   A 1 36  ? 8.44707   -0.49115  -12.66641 1.000 12.69000 ? 36  LEU   A CA  1 
ATOM   299  C C   . LEU   A 1 36  ? 8.89609   -0.42889  -11.21687 1.000 18.08000 ? 36  LEU   A C   1 
ATOM   300  O O   . LEU   A 1 36  ? 8.35336   -1.10304  -10.33701 1.000 17.32000 ? 36  LEU   A O   1 
ATOM   301  C CB  . LEU   A 1 36  ? 7.29972   0.49745   -12.85603 1.000 13.81000 ? 36  LEU   A CB  1 
ATOM   302  C CG  . LEU   A 1 36  ? 6.70224   0.48372   -14.25052 1.000 14.79000 ? 36  LEU   A CG  1 
ATOM   303  C CD1 . LEU   A 1 36  ? 5.61387   1.52227   -14.32146 1.000 19.77000 ? 36  LEU   A CD1 1 
ATOM   304  C CD2 . LEU   A 1 36  ? 7.77336   0.76470   -15.28262 1.000 17.21000 ? 36  LEU   A CD2 1 
ATOM   305  N N   . THR   A 1 37  ? 9.88351   0.42222   -10.98229 1.000 14.47000 ? 37  THR   A N   1 
ATOM   306  C CA  . THR   A 1 37  ? 10.33619  0.73107   -9.63730  1.000 14.61000 ? 37  THR   A CA  1 
ATOM   307  C C   . THR   A 1 37  ? 9.35536   1.70715   -8.99357  1.000 19.03000 ? 37  THR   A C   1 
ATOM   308  O O   . THR   A 1 37  ? 8.79040   2.57768   -9.66336  1.000 17.78000 ? 37  THR   A O   1 
ATOM   309  C CB  . THR   A 1 37  ? 11.74282  1.33276   -9.69004  1.000 19.37000 ? 37  THR   A CB  1 
ATOM   310  O OG1 . THR   A 1 37  ? 12.64098  0.37946   -10.27462 1.000 24.63000 ? 37  THR   A OG1 1 
ATOM   311  C CG2 . THR   A 1 37  ? 12.23025  1.68127   -8.29769  1.000 20.89000 ? 37  THR   A CG2 1 
ATOM   312  N N   . GLN   A 1 38  ? 9.12145   1.54627   -7.69414  1.000 19.12000 ? 38  GLN   A N   1 
ATOM   313  C CA  . GLN   A 1 38  ? 8.14193   2.36231   -6.99315  1.000 17.95000 ? 38  GLN   A CA  1 
ATOM   314  C C   . GLN   A 1 38  ? 8.80518   3.23662   -5.93496  1.000 16.87000 ? 38  GLN   A C   1 
ATOM   315  O O   . GLN   A 1 38  ? 9.88883   2.93641   -5.43464  1.000 15.83000 ? 38  GLN   A O   1 
ATOM   316  C CB  . GLN   A 1 38  ? 7.07810   1.48310   -6.33541  1.000 17.30000 ? 38  GLN   A CB  1 
ATOM   317  C CG  . GLN   A 1 38  ? 6.43578   0.51186   -7.30804  1.000 15.42000 ? 38  GLN   A CG  1 
ATOM   318  C CD  . GLN   A 1 38  ? 5.41785   -0.37427  -6.63336  1.000 17.51000 ? 38  GLN   A CD  1 
ATOM   319  O OE1 . GLN   A 1 38  ? 4.95798   -0.07175  -5.52244  1.000 17.19000 ? 38  GLN   A OE1 1 
ATOM   320  N NE2 . GLN   A 1 38  ? 5.06177   -1.48049  -7.28553  1.000 18.77000 ? 38  GLN   A NE2 1 
ATOM   321  N N   . THR   A 1 39  ? 8.11996   4.33218   -5.60176  1.000 18.49000 ? 39  THR   A N   1 
ATOM   322  C CA  . THR   A 1 39  ? 8.47780   5.21028   -4.49753  1.000 14.18000 ? 39  THR   A CA  1 
ATOM   323  C C   . THR   A 1 39  ? 7.26599   5.35388   -3.59120  1.000 16.76000 ? 39  THR   A C   1 
ATOM   324  O O   . THR   A 1 39  ? 6.13245   5.41384   -4.06677  1.000 19.84000 ? 39  THR   A O   1 
ATOM   325  C CB  . THR   A 1 39  ? 8.92160   6.60127   -4.99419  1.000 24.51000 ? 39  THR   A CB  1 
ATOM   326  O OG1 . THR   A 1 39  ? 9.98001   6.45339   -5.94659  1.000 28.22000 ? 39  THR   A OG1 1 
ATOM   327  C CG2 . THR   A 1 39  ? 9.41855   7.44761   -3.83701  1.000 21.95000 ? 39  THR   A CG2 1 
ATOM   328  N N   . LEU   A 1 40  ? 7.50450   5.41014   -2.28718  1.000 17.56000 ? 40  LEU   A N   1 
ATOM   329  C CA  . LEU   A 1 40  ? 6.43489   5.54526   -1.30709  1.000 14.51000 ? 40  LEU   A CA  1 
ATOM   330  C C   . LEU   A 1 40  ? 6.80975   6.70248   -0.39565  1.000 16.09000 ? 40  LEU   A C   1 
ATOM   331  O O   . LEU   A 1 40  ? 7.86431   6.66299   0.23738   1.000 18.11000 ? 40  LEU   A O   1 
ATOM   332  C CB  . LEU   A 1 40  ? 6.26434   4.24532   -0.51731  1.000 18.81000 ? 40  LEU   A CB  1 
ATOM   333  C CG  . LEU   A 1 40  ? 5.08188   4.02039   0.41176   1.000 29.11000 ? 40  LEU   A CG  1 
ATOM   334  C CD1 . LEU   A 1 40  ? 3.74636   3.98795   -0.34655  1.000 19.53000 ? 40  LEU   A CD1 1 
ATOM   335  C CD2 . LEU   A 1 40  ? 5.32331   2.71910   1.16629   1.000 23.50000 ? 40  LEU   A CD2 1 
ATOM   336  N N   . VAL   A 1 41  ? 5.98665   7.74517   -0.36271  1.000 16.00000 ? 41  VAL   A N   1 
ATOM   337  C CA  . VAL   A 1 41  ? 6.24928   8.91058   0.48026   1.000 15.64000 ? 41  VAL   A CA  1 
ATOM   338  C C   . VAL   A 1 41  ? 5.20884   8.90962   1.58586   1.000 13.52000 ? 41  VAL   A C   1 
ATOM   339  O O   . VAL   A 1 41  ? 4.00928   8.94335   1.30307   1.000 17.50000 ? 41  VAL   A O   1 
ATOM   340  C CB  . VAL   A 1 41  ? 6.21059   10.22059  -0.32006  1.000 18.45000 ? 41  VAL   A CB  1 
ATOM   341  C CG1 . VAL   A 1 41  ? 6.46456   11.39833  0.59993   1.000 19.65000 ? 41  VAL   A CG1 1 
ATOM   342  C CG2 . VAL   A 1 41  ? 7.25512   10.18487  -1.41908  1.000 21.47000 ? 41  VAL   A CG2 1 
ATOM   343  N N   . ILE   A 1 42  ? 5.66714   8.86809   2.83758   1.000 15.57000 ? 42  ILE   A N   1 
ATOM   344  C CA  . ILE   A 1 42  ? 4.78717   8.80148   3.99830   1.000 16.44000 ? 42  ILE   A CA  1 
ATOM   345  C C   . ILE   A 1 42  ? 5.02105   10.04726  4.83282   1.000 16.84000 ? 42  ILE   A C   1 
ATOM   346  O O   . ILE   A 1 42  ? 6.15072   10.31597  5.25050   1.000 17.54000 ? 42  ILE   A O   1 
ATOM   347  C CB  . ILE   A 1 42  ? 5.02045   7.53351   4.83301   1.000 15.97000 ? 42  ILE   A CB  1 
ATOM   348  C CG1 . ILE   A 1 42  ? 4.75290   6.29586   3.97238   1.000 17.93000 ? 42  ILE   A CG1 1 
ATOM   349  C CG2 . ILE   A 1 42  ? 4.13363   7.54132   6.07916   1.000 16.84000 ? 42  ILE   A CG2 1 
ATOM   350  C CD1 . ILE   A 1 42  ? 5.08028   4.98820   4.66420   1.000 18.49000 ? 42  ILE   A CD1 1 
ATOM   351  N N   . ASP   A 1 43  ? 3.95439   10.80269  5.07020   1.000 16.02000 ? 43  ASP   A N   1 
ATOM   352  C CA  . ASP   A 1 43  ? 3.98500   11.92470  6.00136   1.000 18.77000 ? 43  ASP   A CA  1 
ATOM   353  C C   . ASP   A 1 43  ? 3.12885   11.53602  7.19979   1.000 17.59000 ? 43  ASP   A C   1 
ATOM   354  O O   . ASP   A 1 43  ? 1.92912   11.29797  7.05039   1.000 19.23000 ? 43  ASP   A O   1 
ATOM   355  C CB  . ASP   A 1 43  ? 3.47202   13.19735  5.33200   1.000 21.56000 ? 43  ASP   A CB  1 
ATOM   356  C CG  . ASP   A 1 43  ? 3.14522   14.29079  6.32952   1.000 36.04000 ? 43  ASP   A CG  1 
ATOM   357  O OD1 . ASP   A 1 43  ? 3.87567   14.42579  7.33720   1.000 42.55000 ? 43  ASP   A OD1 1 
ATOM   358  O OD2 . ASP   A 1 43  ? 2.16711   15.03457  6.09949   1.000 44.11000 ? 43  ASP   A OD2 1 
ATOM   359  N N   . GLN   A 1 44  ? 3.74729   11.46644  8.37842   1.000 17.46000 ? 44  GLN   A N   1 
ATOM   360  C CA  . GLN   A 1 44  ? 3.10154   10.92864  9.56926   1.000 16.92000 ? 44  GLN   A CA  1 
ATOM   361  C C   . GLN   A 1 44  ? 3.23970   11.92357  10.70783  1.000 23.61000 ? 44  GLN   A C   1 
ATOM   362  O O   . GLN   A 1 44  ? 4.35987   12.28569  11.08182  1.000 21.02000 ? 44  GLN   A O   1 
ATOM   363  C CB  . GLN   A 1 44  ? 3.72548   9.58189   9.95170   1.000 16.86000 ? 44  GLN   A CB  1 
ATOM   364  C CG  . GLN   A 1 44  ? 3.19556   8.95858   11.23670  1.000 19.39000 ? 44  GLN   A CG  1 
ATOM   365  C CD  . GLN   A 1 44  ? 3.96055   7.71925   11.63617  1.000 23.99000 ? 44  GLN   A CD  1 
ATOM   366  O OE1 . GLN   A 1 44  ? 4.75587   7.19403   10.85913  1.000 25.42000 ? 44  GLN   A OE1 1 
ATOM   367  N NE2 . GLN   A 1 44  ? 3.70616   7.22634   12.84924  1.000 26.83000 ? 44  GLN   A NE2 1 
ATOM   368  N N   . ASP   A 1 45  ? 2.10874   12.36238  11.25644  1.000 20.54000 ? 45  ASP   A N   1 
ATOM   369  C CA  . ASP   A 1 45  ? 2.10571   13.17942  12.46775  1.000 22.42000 ? 45  ASP   A CA  1 
ATOM   370  C C   . ASP   A 1 45  ? 1.01964   12.64682  13.38663  1.000 22.74000 ? 45  ASP   A C   1 
ATOM   371  O O   . ASP   A 1 45  ? -0.17012  12.80500  13.09184  1.000 22.39000 ? 45  ASP   A O   1 
ATOM   372  C CB  . ASP   A 1 45  ? 1.87340   14.65340  12.16171  1.000 27.98000 ? 45  ASP   A CB  1 
ATOM   373  C CG  . ASP   A 1 45  ? 1.83695   15.49958  13.41799  1.000 30.61000 ? 45  ASP   A CG  1 
ATOM   374  O OD1 . ASP   A 1 45  ? 2.57147   15.17867  14.38438  1.000 39.23000 ? 45  ASP   A OD1 1 
ATOM   375  O OD2 . ASP   A 1 45  ? 1.06809   16.48121  13.44502  1.000 45.41000 ? 45  ASP   A OD2 1 
ATOM   376  N N   . GLY   A 1 46  ? 1.42582   12.04351  14.49899  1.000 25.34000 ? 46  GLY   A N   1 
ATOM   377  C CA  . GLY   A 1 46  ? 0.45097   11.43537  15.39003  1.000 25.93000 ? 46  GLY   A CA  1 
ATOM   378  C C   . GLY   A 1 46  ? -0.28337  10.32880  14.65969  1.000 25.95000 ? 46  GLY   A C   1 
ATOM   379  O O   . GLY   A 1 46  ? 0.33313   9.47442   14.01202  1.000 25.96000 ? 46  GLY   A O   1 
ATOM   380  N N   . ASP   A 1 47  ? -1.61635  10.34636  14.74462  1.000 22.57000 ? 47  ASP   A N   1 
ATOM   381  C CA  . ASP   A 1 47  ? -2.42495  9.39457   13.98860  1.000 24.40000 ? 47  ASP   A CA  1 
ATOM   382  C C   . ASP   A 1 47  ? -2.65546  9.80090   12.55341  1.000 23.93000 ? 47  ASP   A C   1 
ATOM   383  O O   . ASP   A 1 47  ? -3.32455  9.05556   11.83228  1.000 21.44000 ? 47  ASP   A O   1 
ATOM   384  C CB  . ASP   A 1 47  ? -3.81444  9.22422   14.57640  1.000 26.95000 ? 47  ASP   A CB  1 
ATOM   385  C CG  . ASP   A 1 47  ? -3.79838  8.87366   15.99694  1.000 37.07000 ? 47  ASP   A CG  1 
ATOM   386  O OD1 . ASP   A 1 47  ? -4.63784  9.48059   16.68104  1.000 37.01000 ? 47  ASP   A OD1 1 
ATOM   387  O OD2 . ASP   A 1 47  ? -2.99107  8.00346   16.40519  1.000 35.78000 ? 47  ASP   A OD2 1 
ATOM   388  N N   . ASN   A 1 48  ? -2.20556  10.97657  12.13650  1.000 18.82000 ? 48  ASN   A N   1 
ATOM   389  C CA  . ASN   A 1 48  ? -2.54944  11.48145  10.81584  1.000 20.41000 ? 48  ASN   A CA  1 
ATOM   390  C C   . ASN   A 1 48  ? -1.48479  11.05294  9.82280   1.000 18.43000 ? 48  ASN   A C   1 
ATOM   391  O O   . ASN   A 1 48  ? -0.29704  11.32059  10.02808  1.000 20.55000 ? 48  ASN   A O   1 
ATOM   392  C CB  . ASN   A 1 48  ? -2.69152  12.99954  10.83709  1.000 23.28000 ? 48  ASN   A CB  1 
ATOM   393  C CG  . ASN   A 1 48  ? -3.77449  13.45192  11.78154  1.000 30.08000 ? 48  ASN   A CG  1 
ATOM   394  O OD1 . ASN   A 1 48  ? -4.85366  12.85309  11.82712  1.000 28.89000 ? 48  ASN   A OD1 1 
ATOM   395  N ND2 . ASN   A 1 48  ? -3.49510  14.49183  12.55369  1.000 33.03000 ? 48  ASN   A ND2 1 
ATOM   396  N N   . PHE   A 1 49  ? -1.91513  10.38939  8.75709   1.000 16.33000 ? 49  PHE   A N   1 
ATOM   397  C CA  . PHE   A 1 49  ? -1.02621  9.86895   7.73333   1.000 15.05000 ? 49  PHE   A CA  1 
ATOM   398  C C   . PHE   A 1 49  ? -1.40424  10.45634  6.38495   1.000 15.37000 ? 49  PHE   A C   1 
ATOM   399  O O   . PHE   A 1 49  ? -2.58938  10.59553  6.06399   1.000 15.62000 ? 49  PHE   A O   1 
ATOM   400  C CB  . PHE   A 1 49  ? -1.11690  8.35384   7.61260   1.000 15.87000 ? 49  PHE   A CB  1 
ATOM   401  C CG  . PHE   A 1 49  ? -0.27635  7.59626   8.58595   1.000 16.57000 ? 49  PHE   A CG  1 
ATOM   402  C CD1 . PHE   A 1 49  ? -0.69940  7.41558   9.89499   1.000 19.95000 ? 49  PHE   A CD1 1 
ATOM   403  C CD2 . PHE   A 1 49  ? 0.91780   7.02687   8.18415   1.000 16.62000 ? 49  PHE   A CD2 1 
ATOM   404  C CE1 . PHE   A 1 49  ? 0.07453   6.68528   10.79380  1.000 16.11000 ? 49  PHE   A CE1 1 
ATOM   405  C CE2 . PHE   A 1 49  ? 1.68713   6.29695   9.07293   1.000 17.41000 ? 49  PHE   A CE2 1 
ATOM   406  C CZ  . PHE   A 1 49  ? 1.25746   6.12915   10.38161  1.000 16.41000 ? 49  PHE   A CZ  1 
ATOM   407  N N   . LYS   A 1 50  ? -0.39076  10.75797  5.58374   1.000 18.10000 ? 50  LYS   A N   1 
ATOM   408  C CA  . LYS   A 1 50  ? -0.56606  11.01475  4.16103   1.000 16.83000 ? 50  LYS   A CA  1 
ATOM   409  C C   . LYS   A 1 50  ? 0.40989   10.09997  3.43587   1.000 18.56000 ? 50  LYS   A C   1 
ATOM   410  O O   . LYS   A 1 50  ? 1.61096   10.13561  3.71236   1.000 21.25000 ? 50  LYS   A O   1 
ATOM   411  C CB  . LYS   A 1 50  ? -0.31880  12.49295  3.82332   1.000 21.59000 ? 50  LYS   A CB  1 
ATOM   412  C CG  . LYS   A 1 50  ? -1.47053  13.41341  4.24922   1.000 26.52000 ? 50  LYS   A CG  1 
ATOM   413  C CD  . LYS   A 1 50  ? -1.13894  14.89804  4.11895   1.000 34.15000 ? 50  LYS   A CD  1 
ATOM   414  C CE  . LYS   A 1 50  ? -0.78418  15.52384  5.47059   1.000 39.71000 ? 50  LYS   A CE  1 
ATOM   415  N NZ  . LYS   A 1 50  ? -1.84826  15.32384  6.50785   1.000 37.19000 ? 50  LYS   A NZ  1 
ATOM   416  N N   . VAL   A 1 51  ? -0.10139  9.24655   2.55194   1.000 16.49000 ? 51  VAL   A N   1 
ATOM   417  C CA  . VAL   A 1 51  ? 0.71533   8.23821   1.88580   1.000 15.57000 ? 51  VAL   A CA  1 
ATOM   418  C C   . VAL   A 1 51  ? 0.58581   8.42164   0.38036   1.000 17.79000 ? 51  VAL   A C   1 
ATOM   419  O O   . VAL   A 1 51  ? -0.52501  8.54915   -0.14352  1.000 18.76000 ? 51  VAL   A O   1 
ATOM   420  C CB  . VAL   A 1 51  ? 0.29857   6.81332   2.29828   1.000 16.02000 ? 51  VAL   A CB  1 
ATOM   421  C CG1 . VAL   A 1 51  ? 1.02943   5.78385   1.46602   1.000 20.38000 ? 51  VAL   A CG1 1 
ATOM   422  C CG2 . VAL   A 1 51  ? 0.54501   6.58317   3.79741   1.000 18.55000 ? 51  VAL   A CG2 1 
ATOM   423  N N   . LYS   A 1 52  ? 1.71809   8.44705   -0.31293  1.000 15.69000 ? 52  LYS   A N   1 
ATOM   424  C CA  . LYS   A 1 52  ? 1.74209   8.59265   -1.76499  1.000 16.24000 ? 52  LYS   A CA  1 
ATOM   425  C C   . LYS   A 1 52  ? 2.58169   7.47018   -2.34941  1.000 17.31000 ? 52  LYS   A C   1 
ATOM   426  O O   . LYS   A 1 52  ? 3.74575   7.31269   -1.97791  1.000 20.08000 ? 52  LYS   A O   1 
ATOM   427  C CB  . LYS   A 1 52  ? 2.30928   9.95311   -2.18081  1.000 20.19000 ? 52  LYS   A CB  1 
ATOM   428  C CG  . LYS   A 1 52  ? 1.43092   11.13398  -1.79097  1.000 27.90000 ? 52  LYS   A CG  1 
ATOM   429  C CD  . LYS   A 1 52  ? 2.20611   12.44463  -1.75504  1.000 30.52000 ? 52  LYS   A CD  1 
ATOM   430  C CE  . LYS   A 1 52  ? 1.60296   13.41032  -0.73524  1.000 40.94000 ? 52  LYS   A CE  1 
ATOM   431  N NZ  . LYS   A 1 52  ? 0.10732   13.36288  -0.70792  1.000 41.42000 ? 52  LYS   A NZ  1 
ATOM   432  N N   . SER   A 1 53  ? 1.98873   6.68223   -3.24308  1.000 15.36000 ? 53  SER   A N   1 
ATOM   433  C CA  . SER   A 1 53  ? 2.70628   5.64786   -3.97932  1.000 16.12000 ? 53  SER   A CA  1 
ATOM   434  C C   . SER   A 1 53  ? 2.88674   6.13794   -5.40676  1.000 18.87000 ? 53  SER   A C   1 
ATOM   435  O O   . SER   A 1 53  ? 1.92147   6.58725   -6.02758  1.000 18.99000 ? 53  SER   A O   1 
ATOM   436  C CB  . SER   A 1 53  ? 1.94262   4.32105   -3.95986  1.000 19.25000 ? 53  SER   A CB  1 
ATOM   437  O OG  . SER   A 1 53  ? 2.43365   3.41908   -4.94489  1.000 18.03000 ? 53  SER   A OG  1 
ATOM   438  N N   . THR   A 1 54  ? 4.11772   6.08360   -5.91986  1.000 17.61000 ? 54  THR   A N   1 
ATOM   439  C CA  . THR   A 1 54  ? 4.37757   6.62687   -7.24395  1.000 22.19000 ? 54  THR   A CA  1 
ATOM   440  C C   . THR   A 1 54  ? 5.29548   5.71258   -8.03764  1.000 18.78000 ? 54  THR   A C   1 
ATOM   441  O O   . THR   A 1 54  ? 6.11351   4.96603   -7.48464  1.000 16.17000 ? 54  THR   A O   1 
ATOM   442  C CB  . THR   A 1 54  ? 5.01227   8.03294   -7.20845  1.000 24.14000 ? 54  THR   A CB  1 
ATOM   443  O OG1 . THR   A 1 54  ? 6.33410   7.95403   -6.65706  1.000 29.82000 ? 54  THR   A OG1 1 
ATOM   444  C CG2 . THR   A 1 54  ? 4.17451   8.99938   -6.37737  1.000 23.86000 ? 54  THR   A CG2 1 
ATOM   445  N N   . SER   A 1 55  ? 5.12224   5.78234   -9.35174  1.000 18.89000 ? 55  SER   A N   1 
ATOM   446  C CA  . SER   A 1 55  ? 6.03573   5.21135   -10.33010 1.000 18.57000 ? 55  SER   A CA  1 
ATOM   447  C C   . SER   A 1 55  ? 5.99924   6.13676   -11.53751 1.000 18.42000 ? 55  SER   A C   1 
ATOM   448  O O   . SER   A 1 55  ? 5.28589   7.14301   -11.53940 1.000 18.39000 ? 55  SER   A O   1 
ATOM   449  C CB  . SER   A 1 55  ? 5.61587   3.79307   -10.71537 1.000 18.35000 ? 55  SER   A CB  1 
ATOM   450  O OG  . SER   A 1 55  ? 4.44189   3.86940   -11.49680 1.000 17.79000 ? 55  SER   A OG  1 
ATOM   451  N N   . THR   A 1 56  ? 6.72133   5.77263   -12.60120 1.000 19.33000 ? 56  THR   A N   1 
ATOM   452  C CA  . THR   A 1 56  ? 6.54745   6.55186   -13.82211 1.000 18.16000 ? 56  THR   A CA  1 
ATOM   453  C C   . THR   A 1 56  ? 5.15125   6.40423   -14.42341 1.000 19.93000 ? 56  THR   A C   1 
ATOM   454  O O   . THR   A 1 56  ? 4.81149   7.15247   -15.34719 1.000 25.53000 ? 56  THR   A O   1 
ATOM   455  C CB  . THR   A 1 56  ? 7.59839   6.15446   -14.86678 1.000 22.23000 ? 56  THR   A CB  1 
ATOM   456  O OG1 . THR   A 1 56  ? 7.48914   4.75594   -15.15703 1.000 21.30000 ? 56  THR   A OG1 1 
ATOM   457  C CG2 . THR   A 1 56  ? 8.99758   6.45370   -14.35414 1.000 28.23000 ? 56  THR   A CG2 1 
ATOM   458  N N   . PHE   A 1 57  ? 4.31937   5.49470   -13.89732 1.000 18.09000 ? 57  PHE   A N   1 
ATOM   459  C CA  . PHE   A 1 57  ? 3.04565   5.13372   -14.50709 1.000 18.06000 ? 57  PHE   A CA  1 
ATOM   460  C C   . PHE   A 1 57  ? 1.82409   5.47571   -13.66055 1.000 17.03000 ? 57  PHE   A C   1 
ATOM   461  O O   . PHE   A 1 57  ? 0.72179   5.54877   -14.21265 1.000 19.24000 ? 57  PHE   A O   1 
ATOM   462  C CB  . PHE   A 1 57  ? 3.04154   3.62472   -14.81046 1.000 18.86000 ? 57  PHE   A CB  1 
ATOM   463  C CG  . PHE   A 1 57  ? 1.91232   3.14919   -15.68304 1.000 20.48000 ? 57  PHE   A CG  1 
ATOM   464  C CD1 . PHE   A 1 57  ? 1.51256   3.86006   -16.80250 1.000 26.45000 ? 57  PHE   A CD1 1 
ATOM   465  C CD2 . PHE   A 1 57  ? 1.27780   1.94929   -15.39513 1.000 23.46000 ? 57  PHE   A CD2 1 
ATOM   466  C CE1 . PHE   A 1 57  ? 0.47254   3.39360   -17.60363 1.000 25.72000 ? 57  PHE   A CE1 1 
ATOM   467  C CE2 . PHE   A 1 57  ? 0.24433   1.47618   -16.19364 1.000 28.73000 ? 57  PHE   A CE2 1 
ATOM   468  C CZ  . PHE   A 1 57  ? -0.16089  2.19997   -17.29146 1.000 28.00000 ? 57  PHE   A CZ  1 
ATOM   469  N N   . TRP   A 1 58  ? 1.97475   5.68907   -12.35374 1.000 20.20000 ? 58  TRP   A N   1 
ATOM   470  C CA  . TRP   A 1 58  ? 0.81834   6.00769   -11.53172 1.000 14.28000 ? 58  TRP   A CA  1 
ATOM   471  C C   . TRP   A 1 58  ? 1.20613   6.94233   -10.39850 1.000 15.71000 ? 58  TRP   A C   1 
ATOM   472  O O   . TRP   A 1 58  ? 2.37987   7.09249   -10.05224 1.000 17.04000 ? 58  TRP   A O   1 
ATOM   473  C CB  . TRP   A 1 58  ? 0.16284   4.74572   -10.94660 1.000 17.61000 ? 58  TRP   A CB  1 
ATOM   474  C CG  . TRP   A 1 58  ? 0.97802   4.04726   -9.89484  1.000 17.06000 ? 58  TRP   A CG  1 
ATOM   475  C CD1 . TRP   A 1 58  ? 1.08318   4.38545   -8.56574  1.000 18.55000 ? 58  TRP   A CD1 1 
ATOM   476  C CD2 . TRP   A 1 58  ? 1.77014   2.87176   -10.06916 1.000 14.22000 ? 58  TRP   A CD2 1 
ATOM   477  N NE1 . TRP   A 1 58  ? 1.91113   3.50159   -7.92239  1.000 15.63000 ? 58  TRP   A NE1 1 
ATOM   478  C CE2 . TRP   A 1 58  ? 2.34137   2.55925   -8.82126  1.000 16.90000 ? 58  TRP   A CE2 1 
ATOM   479  C CE3 . TRP   A 1 58  ? 2.06809   2.05821   -11.17299 1.000 17.11000 ? 58  TRP   A CE3 1 
ATOM   480  C CZ2 . TRP   A 1 58  ? 3.19058   1.46375   -8.63744  1.000 15.01000 ? 58  TRP   A CZ2 1 
ATOM   481  C CZ3 . TRP   A 1 58  ? 2.91362   0.97401   -10.99214 1.000 18.81000 ? 58  TRP   A CZ3 1 
ATOM   482  C CH2 . TRP   A 1 58  ? 3.46104   0.68396   -9.73265  1.000 19.83000 ? 58  TRP   A CH2 1 
ATOM   483  N N   . ASN   A 1 59  ? 0.17748   7.55853   -9.82098  1.000 21.36000 ? 59  ASN   A N   1 
ATOM   484  C CA  . ASN   A 1 59  ? 0.29604   8.35282   -8.60764  1.000 26.75000 ? 59  ASN   A CA  1 
ATOM   485  C C   . ASN   A 1 59  ? -0.96342  8.07925   -7.80498  1.000 27.37000 ? 59  ASN   A C   1 
ATOM   486  O O   . ASN   A 1 59  ? -2.07222  8.33993   -8.27942  1.000 27.68000 ? 59  ASN   A O   1 
ATOM   487  C CB  . ASN   A 1 59  ? 0.45285   9.84807   -8.91833  1.000 31.28000 ? 59  ASN   A CB  1 
ATOM   488  C CG  . ASN   A 1 59  ? 1.26818   10.58359  -7.86629  1.000 38.30000 ? 59  ASN   A CG  1 
ATOM   489  O OD1 . ASN   A 1 59  ? 1.09794   10.37032  -6.66168  1.000 37.35000 ? 59  ASN   A OD1 1 
ATOM   490  N ND2 . ASN   A 1 59  ? 2.16744   11.45410  -8.31905  1.000 35.83000 ? 59  ASN   A ND2 1 
ATOM   491  N N   . TYR   A 1 60  ? -0.79974  7.49743   -6.62613  1.000 19.21000 ? 60  TYR   A N   1 
ATOM   492  C CA  . TYR   A 1 60  ? -1.92382  7.06634   -5.80683  1.000 19.27000 ? 60  TYR   A CA  1 
ATOM   493  C C   . TYR   A 1 60  ? -1.71606  7.64350   -4.41957  1.000 19.21000 ? 60  TYR   A C   1 
ATOM   494  O O   . TYR   A 1 60  ? -0.76176  7.27015   -3.73270  1.000 21.25000 ? 60  TYR   A O   1 
ATOM   495  C CB  . TYR   A 1 60  ? -2.01404  5.54615   -5.76260  1.000 21.41000 ? 60  TYR   A CB  1 
ATOM   496  C CG  . TYR   A 1 60  ? -3.22852  5.01168   -5.04392  1.000 24.65000 ? 60  TYR   A CG  1 
ATOM   497  C CD1 . TYR   A 1 60  ? -4.43430  4.84153   -5.71315  1.000 26.39000 ? 60  TYR   A CD1 1 
ATOM   498  C CD2 . TYR   A 1 60  ? -3.17162  4.67631   -3.69916  1.000 27.85000 ? 60  TYR   A CD2 1 
ATOM   499  C CE1 . TYR   A 1 60  ? -5.54395  4.34163   -5.06418  1.000 27.59000 ? 60  TYR   A CE1 1 
ATOM   500  C CE2 . TYR   A 1 60  ? -4.28104  4.18191   -3.04062  1.000 25.34000 ? 60  TYR   A CE2 1 
ATOM   501  C CZ  . TYR   A 1 60  ? -5.46416  4.01893   -3.72885  1.000 32.32000 ? 60  TYR   A CZ  1 
ATOM   502  O OH  . TYR   A 1 60  ? -6.57564  3.52358   -3.08893  1.000 33.85000 ? 60  TYR   A OH  1 
ATOM   503  N N   . ASP   A 1 61  ? -2.59850  8.55595   -4.01164  1.000 21.13000 ? 61  ASP   A N   1 
ATOM   504  C CA  . ASP   A 1 61  ? -2.46784  9.24928   -2.73905  1.000 17.38000 ? 61  ASP   A CA  1 
ATOM   505  C C   . ASP   A 1 61  ? -3.66147  8.91741   -1.86039  1.000 19.18000 ? 61  ASP   A C   1 
ATOM   506  O O   . ASP   A 1 61  ? -4.79833  8.84155   -2.34194  1.000 20.55000 ? 61  ASP   A O   1 
ATOM   507  C CB  . ASP   A 1 61  ? -2.39320  10.77416  -2.91410  1.000 24.52000 ? 61  ASP   A CB  1 
ATOM   508  C CG  . ASP   A 1 61  ? -1.53741  11.18966  -4.07864  1.000 32.38000 ? 61  ASP   A CG  1 
ATOM   509  O OD1 . ASP   A 1 61  ? -0.53317  10.49761  -4.35292  1.000 31.61000 ? 61  ASP   A OD1 1 
ATOM   510  O OD2 . ASP   A 1 61  ? -1.86735  12.21309  -4.71499  1.000 39.79000 ? 61  ASP   A OD2 1 
ATOM   511  N N   . VAL   A 1 62  ? -3.40393  8.73745   -0.56698  1.000 17.32000 ? 62  VAL   A N   1 
ATOM   512  C CA  . VAL   A 1 62  ? -4.46908  8.50819   0.40596   1.000 14.76000 ? 62  VAL   A CA  1 
ATOM   513  C C   . VAL   A 1 62  ? -4.09711  9.20539   1.70649   1.000 19.96000 ? 62  VAL   A C   1 
ATOM   514  O O   . VAL   A 1 62  ? -2.92400  9.24874   2.08622   1.000 20.32000 ? 62  VAL   A O   1 
ATOM   515  C CB  . VAL   A 1 62  ? -4.72222  6.99903   0.62477   1.000 16.54000 ? 62  VAL   A CB  1 
ATOM   516  C CG1 . VAL   A 1 62  ? -3.49793  6.32194   1.19730   1.000 18.84000 ? 62  VAL   A CG1 1 
ATOM   517  C CG2 . VAL   A 1 62  ? -5.92539  6.77484   1.54493   1.000 22.89000 ? 62  VAL   A CG2 1 
ATOM   518  N N   . ASP   A 1 63  ? -5.09369  9.79189   2.36853   1.000 18.26000 ? 63  ASP   A N   1 
ATOM   519  C CA  . ASP   A 1 63  ? -4.93359  10.36987  3.69725   1.000 17.47000 ? 63  ASP   A CA  1 
ATOM   520  C C   . ASP   A 1 63  ? -5.83635  9.61120   4.65608   1.000 16.64000 ? 63  ASP   A C   1 
ATOM   521  O O   . ASP   A 1 63  ? -6.96317  9.25636   4.30158   1.000 19.92000 ? 63  ASP   A O   1 
ATOM   522  C CB  . ASP   A 1 63  ? -5.31247  11.85375  3.72212   1.000 23.86000 ? 63  ASP   A CB  1 
ATOM   523  C CG  . ASP   A 1 63  ? -4.45712  12.69890  2.79483   1.000 34.59000 ? 63  ASP   A CG  1 
ATOM   524  O OD1 . ASP   A 1 63  ? -3.55819  12.14284  2.13243   1.000 35.41000 ? 63  ASP   A OD1 1 
ATOM   525  O OD2 . ASP   A 1 63  ? -4.69033  13.92746  2.72531   1.000 41.19000 ? 63  ASP   A OD2 1 
ATOM   526  N N   . PHE   A 1 64  ? -5.35683  9.36871   5.87172   1.000 16.18000 ? 64  PHE   A N   1 
ATOM   527  C CA  . PHE   A 1 64  ? -6.21972  8.71942   6.84864   1.000 15.29000 ? 64  PHE   A CA  1 
ATOM   528  C C   . PHE   A 1 64  ? -5.74673  9.05419   8.25448   1.000 14.12000 ? 64  PHE   A C   1 
ATOM   529  O O   . PHE   A 1 64  ? -4.62790  9.52022   8.47228   1.000 16.20000 ? 64  PHE   A O   1 
ATOM   530  C CB  . PHE   A 1 64  ? -6.25623  7.20622   6.64232   1.000 15.67000 ? 64  PHE   A CB  1 
ATOM   531  C CG  . PHE   A 1 64  ? -4.89497  6.55921   6.62005   1.000 13.59000 ? 64  PHE   A CG  1 
ATOM   532  C CD1 . PHE   A 1 64  ? -4.26940  6.19464   7.80723   1.000 16.53000 ? 64  PHE   A CD1 1 
ATOM   533  C CD2 . PHE   A 1 64  ? -4.25279  6.27833   5.41213   1.000 14.89000 ? 64  PHE   A CD2 1 
ATOM   534  C CE1 . PHE   A 1 64  ? -3.03050  5.59087   7.79184   1.000 14.99000 ? 64  PHE   A CE1 1 
ATOM   535  C CE2 . PHE   A 1 64  ? -3.00443  5.67928   5.39996   1.000 14.60000 ? 64  PHE   A CE2 1 
ATOM   536  C CZ  . PHE   A 1 64  ? -2.39872  5.32498   6.60063   1.000 15.99000 ? 64  PHE   A CZ  1 
ATOM   537  N N   . THR   A 1 65  ? -6.62962  8.79405   9.20786   1.000 14.60000 ? 65  THR   A N   1 
ATOM   538  C CA  . THR   A 1 65  ? -6.32061  8.85768   10.62802  1.000 15.44000 ? 65  THR   A CA  1 
ATOM   539  C C   . THR   A 1 65  ? -6.40099  7.44370   11.18186  1.000 14.55000 ? 65  THR   A C   1 
ATOM   540  O O   . THR   A 1 65  ? -7.39095  6.74156   10.94250  1.000 15.88000 ? 65  THR   A O   1 
ATOM   541  C CB  . THR   A 1 65  ? -7.32130  9.77088   11.34614  1.000 18.96000 ? 65  THR   A CB  1 
ATOM   542  O OG1 . THR   A 1 65  ? -7.33983  11.05928  10.71009  1.000 22.66000 ? 65  THR   A OG1 1 
ATOM   543  C CG2 . THR   A 1 65  ? -6.95897  9.93550   12.80352  1.000 18.85000 ? 65  THR   A CG2 1 
ATOM   544  N N   . VAL   A 1 66  ? -5.35507  7.01186   11.89311  1.000 12.41000 ? 66  VAL   A N   1 
ATOM   545  C CA  . VAL   A 1 66  ? -5.37424  5.68759   12.49955  1.000 11.90000 ? 66  VAL   A CA  1 
ATOM   546  C C   . VAL   A 1 66  ? -6.59857  5.55288   13.39707  1.000 16.64000 ? 66  VAL   A C   1 
ATOM   547  O O   . VAL   A 1 66  ? -6.89409  6.43614   14.21030  1.000 18.07000 ? 66  VAL   A O   1 
ATOM   548  C CB  . VAL   A 1 66  ? -4.08212  5.43785   13.29048  1.000 17.66000 ? 66  VAL   A CB  1 
ATOM   549  C CG1 . VAL   A 1 66  ? -4.17300  4.12421   14.02871  1.000 18.56000 ? 66  VAL   A CG1 1 
ATOM   550  C CG2 . VAL   A 1 66  ? -2.89320  5.42044   12.34607  1.000 20.05000 ? 66  VAL   A CG2 1 
ATOM   551  N N   . GLY   A 1 67  ? -7.33103  4.46193   13.21967  1.000 12.57000 ? 67  GLY   A N   1 
ATOM   552  C CA  . GLY   A 1 67  ? -8.46613  4.12283   14.05653  1.000 13.43000 ? 67  GLY   A CA  1 
ATOM   553  C C   . GLY   A 1 67  ? -9.76205  4.79781   13.67380  1.000 14.56000 ? 67  GLY   A C   1 
ATOM   554  O O   . GLY   A 1 67  ? -10.73716 4.68595   14.42191  1.000 14.45000 ? 67  GLY   A O   1 
ATOM   555  N N   . VAL   A 1 68  ? -9.80054  5.50512   12.54826  1.000 12.20000 ? 68  VAL   A N   1 
ATOM   556  C CA  . VAL   A 1 68  ? -11.00951 6.18276   12.08504  1.000 12.37000 ? 68  VAL   A CA  1 
ATOM   557  C C   . VAL   A 1 68  ? -11.39002 5.57039   10.75211  1.000 12.71000 ? 68  VAL   A C   1 
ATOM   558  O O   . VAL   A 1 68  ? -10.63822 5.68857   9.77292   1.000 14.42000 ? 68  VAL   A O   1 
ATOM   559  C CB  . VAL   A 1 68  ? -10.79819 7.69408   11.93843  1.000 13.51000 ? 68  VAL   A CB  1 
ATOM   560  C CG1 . VAL   A 1 68  ? -12.05288 8.33767   11.36262  1.000 14.94000 ? 68  VAL   A CG1 1 
ATOM   561  C CG2 . VAL   A 1 68  ? -10.39769 8.32853   13.28626  1.000 14.62000 ? 68  VAL   A CG2 1 
ATOM   562  N N   . GLU   A 1 69  ? -12.53674 4.90473   10.71369  1.000 13.39000 ? 69  GLU   A N   1 
ATOM   563  C CA  . GLU   A 1 69  ? -12.99067 4.26977   9.48825   1.000 12.96000 ? 69  GLU   A CA  1 
ATOM   564  C C   . GLU   A 1 69  ? -13.28212 5.32613   8.42622   1.000 17.84000 ? 69  GLU   A C   1 
ATOM   565  O O   . GLU   A 1 69  ? -13.75324 6.42871   8.72751   1.000 14.61000 ? 69  GLU   A O   1 
ATOM   566  C CB  . GLU   A 1 69  ? -14.23626 3.43053   9.76895   1.000 17.54000 ? 69  GLU   A CB  1 
ATOM   567  C CG  . GLU   A 1 69  ? -14.80132 2.74670   8.53583   1.000 23.57000 ? 69  GLU   A CG  1 
ATOM   568  C CD  . GLU   A 1 69  ? -16.09614 2.01487   8.83368   1.000 32.80000 ? 69  GLU   A CD  1 
ATOM   569  O OE1 . GLU   A 1 69  ? -16.03473 0.80525   9.13959   1.000 43.17000 ? 69  GLU   A OE1 1 
ATOM   570  O OE2 . GLU   A 1 69  ? -17.17257 2.65400   8.78342   1.000 37.84000 ? 69  GLU   A OE2 1 
ATOM   571  N N   . PHE   A 1 70  ? -12.98511 5.00017   7.17246   1.000 16.41000 ? 70  PHE   A N   1 
ATOM   572  C CA  . PHE   A 1 70  ? -13.32405 5.92258   6.09789   1.000 19.39000 ? 70  PHE   A CA  1 
ATOM   573  C C   . PHE   A 1 70  ? -13.78413 5.15277   4.87340   1.000 17.82000 ? 70  PHE   A C   1 
ATOM   574  O O   . PHE   A 1 70  ? -13.25249 4.08620   4.55000   1.000 18.98000 ? 70  PHE   A O   1 
ATOM   575  C CB  . PHE   A 1 70  ? -12.15906 6.86610   5.73339   1.000 19.41000 ? 70  PHE   A CB  1 
ATOM   576  C CG  . PHE   A 1 70  ? -10.87850 6.17890   5.35658   1.000 18.03000 ? 70  PHE   A CG  1 
ATOM   577  C CD1 . PHE   A 1 70  ? -10.09390 5.53016   6.29878   1.000 15.54000 ? 70  PHE   A CD1 1 
ATOM   578  C CD2 . PHE   A 1 70  ? -10.42592 6.23904   4.04293   1.000 21.98000 ? 70  PHE   A CD2 1 
ATOM   579  C CE1 . PHE   A 1 70  ? -8.89476  4.92395   5.93225   1.000 17.69000 ? 70  PHE   A CE1 1 
ATOM   580  C CE2 . PHE   A 1 70  ? -9.23441  5.63994   3.67688   1.000 18.94000 ? 70  PHE   A CE2 1 
ATOM   581  C CZ  . PHE   A 1 70  ? -8.46453  4.99256   4.61313   1.000 16.93000 ? 70  PHE   A CZ  1 
ATOM   582  N N   . ASP   A 1 71  ? -14.81965 5.67928   4.23217   1.000 19.92000 ? 71  ASP   A N   1 
ATOM   583  C CA  . ASP   A 1 71  ? -15.24172 5.15990   2.94570   1.000 20.05000 ? 71  ASP   A CA  1 
ATOM   584  C C   . ASP   A 1 71  ? -14.33684 5.70933   1.85646   1.000 19.34000 ? 71  ASP   A C   1 
ATOM   585  O O   . ASP   A 1 71  ? -13.95811 6.88568   1.86887   1.000 26.90000 ? 71  ASP   A O   1 
ATOM   586  C CB  . ASP   A 1 71  ? -16.70150 5.52514   2.68172   1.000 25.91000 ? 71  ASP   A CB  1 
ATOM   587  C CG  . ASP   A 1 71  ? -17.65248 4.54411   3.32483   1.000 33.91000 ? 71  ASP   A CG  1 
ATOM   588  O OD1 . ASP   A 1 71  ? -17.44412 4.21113   4.50806   1.000 34.09000 ? 71  ASP   A OD1 1 
ATOM   589  O OD2 . ASP   A 1 71  ? -18.59515 4.08769   2.64746   1.000 46.08000 ? 71  ASP   A OD2 1 
ATOM   590  N N   . GLU   A 1 72  ? -13.98831 4.84758   0.91336   1.000 19.87000 ? 72  GLU   A N   1 
ATOM   591  C CA  . GLU   A 1 72  ? -12.91261 5.12498   -0.01253  1.000 19.48000 ? 72  GLU   A CA  1 
ATOM   592  C C   . GLU   A 1 72  ? -13.28013 4.65187   -1.40689  1.000 13.32000 ? 72  GLU   A C   1 
ATOM   593  O O   . GLU   A 1 72  ? -13.82740 3.56672   -1.56610  1.000 17.08000 ? 72  GLU   A O   1 
ATOM   594  C CB  . GLU   A 1 72  ? -11.64865 4.41386   0.45187   1.000 22.30000 ? 72  GLU   A CB  1 
ATOM   595  C CG  . GLU   A 1 72  ? -10.41804 5.04497   -0.01753  1.000 32.75000 ? 72  GLU   A CG  1 
ATOM   596  C CD  . GLU   A 1 72  ? -9.20885  4.24662   0.33909   1.000 26.77000 ? 72  GLU   A CD  1 
ATOM   597  O OE1 . GLU   A 1 72  ? -9.31235  3.03949   0.69028   1.000 28.69000 ? 72  GLU   A OE1 1 
ATOM   598  O OE2 . GLU   A 1 72  ? -8.14933  4.86978   0.28952   1.000 28.25000 ? 72  GLU   A OE2 1 
ATOM   599  N N   . TYR   A 1 73  ? -12.95946 5.46530   -2.40515  1.000 17.74000 ? 73  TYR   A N   1 
ATOM   600  C CA  . TYR   A 1 73  ? -12.93827 5.03666   -3.79650  1.000 17.14000 ? 73  TYR   A CA  1 
ATOM   601  C C   . TYR   A 1 73  ? -11.48583 4.77244   -4.15056  1.000 18.07000 ? 73  TYR   A C   1 
ATOM   602  O O   . TYR   A 1 73  ? -10.62243 5.60992   -3.87184  1.000 16.49000 ? 73  TYR   A O   1 
ATOM   603  C CB  . TYR   A 1 73  ? -13.53537 6.11669   -4.70566  1.000 21.12000 ? 73  TYR   A CB  1 
ATOM   604  C CG  . TYR   A 1 73  ? -13.79763 5.68247   -6.12511  1.000 17.78000 ? 73  TYR   A CG  1 
ATOM   605  C CD1 . TYR   A 1 73  ? -14.54411 4.54669   -6.39767  1.000 20.14000 ? 73  TYR   A CD1 1 
ATOM   606  C CD2 . TYR   A 1 73  ? -13.30149 6.42225   -7.20205  1.000 18.21000 ? 73  TYR   A CD2 1 
ATOM   607  C CE1 . TYR   A 1 73  ? -14.79099 4.14830   -7.71306  1.000 21.91000 ? 73  TYR   A CE1 1 
ATOM   608  C CE2 . TYR   A 1 73  ? -13.54450 6.03210   -8.50734  1.000 18.63000 ? 73  TYR   A CE2 1 
ATOM   609  C CZ  . TYR   A 1 73  ? -14.28513 4.89521   -8.75192  1.000 21.82000 ? 73  TYR   A CZ  1 
ATOM   610  O OH  . TYR   A 1 73  ? -14.53483 4.50780   -10.04995 1.000 26.84000 ? 73  TYR   A OH  1 
ATOM   611  N N   . THR   A 1 74  ? -11.20198 3.60561   -4.72241  1.000 17.89000 ? 74  THR   A N   1 
ATOM   612  C CA  . THR   A 1 74  ? -9.81052  3.27057   -4.99388  1.000 14.55000 ? 74  THR   A CA  1 
ATOM   613  C C   . THR   A 1 74  ? -9.31462  3.83467   -6.32275  1.000 21.48000 ? 74  THR   A C   1 
ATOM   614  O O   . THR   A 1 74  ? -8.18487  3.54377   -6.71342  1.000 21.06000 ? 74  THR   A O   1 
ATOM   615  C CB  . THR   A 1 74  ? -9.59042  1.75114   -4.91892  1.000 17.58000 ? 74  THR   A CB  1 
ATOM   616  O OG1 . THR   A 1 74  ? -10.40271 1.08576   -5.88404  1.000 16.77000 ? 74  THR   A OG1 1 
ATOM   617  C CG2 . THR   A 1 74  ? -9.95032  1.22614   -3.53265  1.000 16.99000 ? 74  THR   A CG2 1 
ATOM   618  N N   . LYS   A 1 75  ? -10.12015 4.64464   -7.01013  1.000 19.06000 ? 75  LYS   A N   1 
ATOM   619  C CA  . LYS   A 1 75  ? -9.62253  5.57745   -8.03549  1.000 18.42000 ? 75  LYS   A CA  1 
ATOM   620  C C   . LYS   A 1 75  ? -8.87626  4.80743   -9.12744  1.000 20.14000 ? 75  LYS   A C   1 
ATOM   621  O O   . LYS   A 1 75  ? -9.39791  3.79283   -9.61059  1.000 23.20000 ? 75  LYS   A O   1 
ATOM   622  C CB  . LYS   A 1 75  ? -8.82869  6.65401   -7.31517  1.000 21.36000 ? 75  LYS   A CB  1 
ATOM   623  C CG  . LYS   A 1 75  ? -9.71344  7.56321   -6.49054  1.000 17.36000 ? 75  LYS   A CG  1 
ATOM   624  C CD  . LYS   A 1 75  ? -8.92088  8.43517   -5.55508  1.000 25.21000 ? 75  LYS   A CD  1 
ATOM   625  C CE  . LYS   A 1 75  ? -9.85164  9.28092   -4.70210  1.000 23.53000 ? 75  LYS   A CE  1 
ATOM   626  N NZ  . LYS   A 1 75  ? -9.08789  9.98818   -3.64630  1.000 27.58000 ? 75  LYS   A NZ  1 
ATOM   627  N N   . SER   A 1 76  ? -7.68489  5.24581   -9.54714  1.000 19.88000 ? 76  SER   A N   1 
ATOM   628  C CA  . SER   A 1 76  ? -7.07058  4.64797   -10.72861 1.000 20.18000 ? 76  SER   A CA  1 
ATOM   629  C C   . SER   A 1 76  ? -6.48058  3.27067   -10.46713 1.000 26.02000 ? 76  SER   A C   1 
ATOM   630  O O   . SER   A 1 76  ? -6.00596  2.63796   -11.41496 1.000 27.56000 ? 76  SER   A O   1 
ATOM   631  C CB  . SER   A 1 76  ? -5.97252  5.55243   -11.29674 1.000 25.79000 ? 76  SER   A CB  1 
ATOM   632  O OG  . SER   A 1 76  ? -4.84999  5.59089   -10.42848 1.000 29.05000 ? 76  SER   A OG  1 
ATOM   633  N N   . LEU   A 1 77  ? -6.47218  2.79535   -9.22170  1.000 20.03000 ? 77  LEU   A N   1 
ATOM   634  C CA  . LEU   A 1 77  ? -6.10998  1.40502   -8.97307  1.000 15.82000 ? 77  LEU   A CA  1 
ATOM   635  C C   . LEU   A 1 77  ? -7.12263  0.46045   -9.60364  1.000 20.69000 ? 77  LEU   A C   1 
ATOM   636  O O   . LEU   A 1 77  ? -6.86774  -0.08555  -10.68055 1.000 23.81000 ? 77  LEU   A O   1 
ATOM   637  C CB  . LEU   A 1 77  ? -5.97645  1.13963   -7.46623  1.000 18.65000 ? 77  LEU   A CB  1 
ATOM   638  C CG  . LEU   A 1 77  ? -5.16038  -0.10555  -7.08525  1.000 20.87000 ? 77  LEU   A CG  1 
ATOM   639  C CD1 . LEU   A 1 77  ? -3.72440  -0.08805  -7.60057  1.000 24.71000 ? 77  LEU   A CD1 1 
ATOM   640  C CD2 . LEU   A 1 77  ? -5.17466  -0.35233  -5.59986  1.000 19.87000 ? 77  LEU   A CD2 1 
ATOM   641  N N   . ASP   A 1 78  ? -8.28204  0.27450   -8.96117  1.000 18.81000 ? 78  ASP   A N   1 
ATOM   642  C CA  . ASP   A 1 78  ? -9.28860  -0.62615  -9.51112  1.000 17.89000 ? 78  ASP   A CA  1 
ATOM   643  C C   . ASP   A 1 78  ? -10.71041 -0.06990  -9.43085  1.000 17.65000 ? 78  ASP   A C   1 
ATOM   644  O O   . ASP   A 1 78  ? -11.66635 -0.83099  -9.63317  1.000 19.33000 ? 78  ASP   A O   1 
ATOM   645  C CB  . ASP   A 1 78  ? -9.22244  -2.00311  -8.83115  1.000 19.13000 ? 78  ASP   A CB  1 
ATOM   646  C CG  . ASP   A 1 78  ? -9.52318  -1.94455  -7.34759  1.000 17.08000 ? 78  ASP   A CG  1 
ATOM   647  O OD1 . ASP   A 1 78  ? -9.07673  -0.98800  -6.67267  1.000 17.86000 ? 78  ASP   A OD1 1 
ATOM   648  O OD2 . ASP   A 1 78  ? -10.20859 -2.86482  -6.85615  1.000 19.00000 ? 78  ASP   A OD2 1 
ATOM   649  N N   . ASN   A 1 79  ? -10.87582 1.22075   -9.16679  1.000 18.83000 ? 79  ASN   A N   1 
ATOM   650  C CA  . ASN   A 1 79  ? -12.16636 1.89631   -9.28703  1.000 19.73000 ? 79  ASN   A CA  1 
ATOM   651  C C   . ASN   A 1 79  ? -13.26166 1.16163   -8.51420  1.000 19.09000 ? 79  ASN   A C   1 
ATOM   652  O O   . ASN   A 1 79  ? -14.33666 0.87411   -9.04612  1.000 20.34000 ? 79  ASN   A O   1 
ATOM   653  C CB  . ASN   A 1 79  ? -12.57372 2.04355   -10.75734 1.000 22.91000 ? 79  ASN   A CB  1 
ATOM   654  C CG  . ASN   A 1 79  ? -11.56690 2.82610   -11.57024 1.000 30.76000 ? 79  ASN   A CG  1 
ATOM   655  O OD1 . ASN   A 1 79  ? -10.63605 2.25609   -12.13410 1.000 28.36000 ? 79  ASN   A OD1 1 
ATOM   656  N ND2 . ASN   A 1 79  ? -11.75860 4.13993   -11.64619 1.000 27.54000 ? 79  ASN   A ND2 1 
ATOM   657  N N   . ARG   A 1 80  ? -12.98688 0.84754   -7.25020  1.000 19.22000 ? 80  ARG   A N   1 
ATOM   658  C CA  . ARG   A 1 80  ? -13.96971 0.19336   -6.39693  1.000 17.61000 ? 80  ARG   A CA  1 
ATOM   659  C C   . ARG   A 1 80  ? -14.20136 1.01555   -5.13381  1.000 17.67000 ? 80  ARG   A C   1 
ATOM   660  O O   . ARG   A 1 80  ? -13.32936 1.76989   -4.69755  1.000 17.52000 ? 80  ARG   A O   1 
ATOM   661  C CB  . ARG   A 1 80  ? -13.52726 -1.22510  -6.01188  1.000 16.81000 ? 80  ARG   A CB  1 
ATOM   662  C CG  . ARG   A 1 80  ? -13.66258 -2.26250  -7.12797  1.000 17.89000 ? 80  ARG   A CG  1 
ATOM   663  C CD  . ARG   A 1 80  ? -13.28428 -3.65265  -6.62596  1.000 18.89000 ? 80  ARG   A CD  1 
ATOM   664  N NE  . ARG   A 1 80  ? -13.62597 -4.68815  -7.59761  1.000 21.62000 ? 80  ARG   A NE  1 
ATOM   665  C CZ  . ARG   A 1 80  ? -12.75311 -5.27530  -8.40394  1.000 22.07000 ? 80  ARG   A CZ  1 
ATOM   666  N NH1 . ARG   A 1 80  ? -11.46752 -4.94455  -8.34531  1.000 17.82000 ? 80  ARG   A NH1 1 
ATOM   667  N NH2 . ARG   A 1 80  ? -13.16656 -6.20640  -9.26169  1.000 21.86000 ? 80  ARG   A NH2 1 
ATOM   668  N N   . HIS   A 1 81  ? -15.39392 0.86634   -4.55375  1.000 16.57000 ? 81  HIS   A N   1 
ATOM   669  C CA  . HIS   A 1 81  ? -15.69249 1.46740   -3.25723  1.000 18.92000 ? 81  HIS   A CA  1 
ATOM   670  C C   . HIS   A 1 81  ? -15.41825 0.45561   -2.15240  1.000 18.13000 ? 81  HIS   A C   1 
ATOM   671  O O   . HIS   A 1 81  ? -15.84752 -0.70162  -2.23577  1.000 15.91000 ? 81  HIS   A O   1 
ATOM   672  C CB  . HIS   A 1 81  ? -17.14286 1.94408   -3.19461  1.000 24.50000 ? 81  HIS   A CB  1 
ATOM   673  C CG  . HIS   A 1 81  ? -17.47216 2.99911   -4.20124  1.000 24.48000 ? 81  HIS   A CG  1 
ATOM   674  N ND1 . HIS   A 1 81  ? -17.32242 4.34678   -3.94897  1.000 30.51000 ? 81  HIS   A ND1 1 
ATOM   675  C CD2 . HIS   A 1 81  ? -17.91807 2.90142   -5.47555  1.000 30.30000 ? 81  HIS   A CD2 1 
ATOM   676  C CE1 . HIS   A 1 81  ? -17.68096 5.03445   -5.02006  1.000 26.45000 ? 81  HIS   A CE1 1 
ATOM   677  N NE2 . HIS   A 1 81  ? -18.04274 4.18103   -5.96015  1.000 28.70000 ? 81  HIS   A NE2 1 
ATOM   678  N N   . VAL   A 1 82  ? -14.69682 0.89439   -1.11399  1.000 18.45000 ? 82  VAL   A N   1 
ATOM   679  C CA  . VAL   A 1 82  ? -14.40887 0.05937   0.04426   1.000 13.62000 ? 82  VAL   A CA  1 
ATOM   680  C C   . VAL   A 1 82  ? -14.56954 0.89312   1.30963   1.000 15.22000 ? 82  VAL   A C   1 
ATOM   681  O O   . VAL   A 1 82  ? -14.54371 2.12403   1.28247   1.000 18.70000 ? 82  VAL   A O   1 
ATOM   682  C CB  . VAL   A 1 82  ? -12.98259 -0.54158  0.00766   1.000 15.08000 ? 82  VAL   A CB  1 
ATOM   683  C CG1 . VAL   A 1 82  ? -12.79891 -1.42768  -1.22064  1.000 15.23000 ? 82  VAL   A CG1 1 
ATOM   684  C CG2 . VAL   A 1 82  ? -11.97259 0.57511   0.03214   1.000 16.36000 ? 82  VAL   A CG2 1 
ATOM   685  N N   . LYS   A 1 83  ? -14.75017 0.19906   2.42880   1.000 18.72000 ? 83  LYS   A N   1 
ATOM   686  C CA  . LYS   A 1 83  ? -14.72760 0.80970   3.75332   1.000 16.45000 ? 83  LYS   A CA  1 
ATOM   687  C C   . LYS   A 1 83  ? -13.38578 0.46747   4.37485   1.000 14.53000 ? 83  LYS   A C   1 
ATOM   688  O O   . LYS   A 1 83  ? -13.11555 -0.70174  4.66360   1.000 17.84000 ? 83  LYS   A O   1 
ATOM   689  C CB  . LYS   A 1 83  ? -15.85697 0.29282   4.63905   1.000 18.48000 ? 83  LYS   A CB  1 
ATOM   690  C CG  . LYS   A 1 83  ? -17.22779 0.73119   4.22609   1.000 28.93000 ? 83  LYS   A CG  1 
ATOM   691  C CD  . LYS   A 1 83  ? -18.13192 0.71840   5.44451   1.000 35.12000 ? 83  LYS   A CD  1 
ATOM   692  C CE  . LYS   A 1 83  ? -19.35110 1.57434   5.21600   1.000 39.45000 ? 83  LYS   A CE  1 
ATOM   693  N NZ  . LYS   A 1 83  ? -19.22544 2.86993   5.93565   1.000 42.68000 ? 83  LYS   A NZ  1 
ATOM   694  N N   . ALA   A 1 84  ? -12.55404 1.47769   4.58422   1.000 14.25000 ? 84  ALA   A N   1 
ATOM   695  C CA  . ALA   A 1 84  ? -11.17172 1.25377   4.98038   1.000 12.07000 ? 84  ALA   A CA  1 
ATOM   696  C C   . ALA   A 1 84  ? -10.95154 1.58161   6.44756   1.000 13.18000 ? 84  ALA   A C   1 
ATOM   697  O O   . ALA   A 1 84  ? -11.61272 2.44959   7.02196   1.000 15.63000 ? 84  ALA   A O   1 
ATOM   698  C CB  . ALA   A 1 84  ? -10.22211 2.09659   4.12606   1.000 18.22000 ? 84  ALA   A CB  1 
ATOM   699  N N   . LEU   A 1 85  ? -9.99579  0.88222   7.05348   1.000 11.60000 ? 85  LEU   A N   1 
ATOM   700  C CA  . LEU   A 1 85  ? -9.64296  1.14568   8.43897   1.000 10.24000 ? 85  LEU   A CA  1 
ATOM   701  C C   . LEU   A 1 85  ? -8.17813  0.80594   8.61001   1.000 11.93000 ? 85  LEU   A C   1 
ATOM   702  O O   . LEU   A 1 85  ? -7.76370  -0.29097  8.22861   1.000 13.91000 ? 85  LEU   A O   1 
ATOM   703  C CB  . LEU   A 1 85  ? -10.48249 0.29890   9.40389   1.000 11.98000 ? 85  LEU   A CB  1 
ATOM   704  C CG  . LEU   A 1 85  ? -10.11868 0.46500   10.87928  1.000 15.87000 ? 85  LEU   A CG  1 
ATOM   705  C CD1 . LEU   A 1 85  ? -10.38923 1.86885   11.39968  1.000 17.15000 ? 85  LEU   A CD1 1 
ATOM   706  C CD2 . LEU   A 1 85  ? -10.87502 -0.56967  11.70002  1.000 20.00000 ? 85  LEU   A CD2 1 
ATOM   707  N N   . VAL   A 1 86  ? -7.40174  1.73939   9.15683   1.000 10.30000 ? 86  VAL   A N   1 
ATOM   708  C CA  . VAL   A 1 86  ? -5.98501  1.51699   9.42192   1.000 9.27000  ? 86  VAL   A CA  1 
ATOM   709  C C   . VAL   A 1 86  ? -5.77312  1.52397   10.92775  1.000 12.51000 ? 86  VAL   A C   1 
ATOM   710  O O   . VAL   A 1 86  ? -6.19622  2.46189   11.61126  1.000 13.05000 ? 86  VAL   A O   1 
ATOM   711  C CB  . VAL   A 1 86  ? -5.11512  2.58369   8.74176   1.000 10.23000 ? 86  VAL   A CB  1 
ATOM   712  C CG1 . VAL   A 1 86  ? -3.63985  2.31150   9.02652   1.000 11.28000 ? 86  VAL   A CG1 1 
ATOM   713  C CG2 . VAL   A 1 86  ? -5.34965  2.55313   7.23386   1.000 13.02000 ? 86  VAL   A CG2 1 
ATOM   714  N N   . THR   A 1 87  ? -5.09694  0.48679   11.43993  1.000 11.23000 ? 87  THR   A N   1 
ATOM   715  C CA  . THR   A 1 87  ? -4.85334  0.32965   12.86431  1.000 11.22000 ? 87  THR   A CA  1 
ATOM   716  C C   . THR   A 1 87  ? -3.41326  -0.11665  13.08588  1.000 11.59000 ? 87  THR   A C   1 
ATOM   717  O O   . THR   A 1 87  ? -2.70452  -0.48800  12.14755  1.000 13.07000 ? 87  THR   A O   1 
ATOM   718  C CB  . THR   A 1 87  ? -5.81573  -0.69371  13.49110  1.000 11.91000 ? 87  THR   A CB  1 
ATOM   719  O OG1 . THR   A 1 87  ? -5.65797  -1.95311  12.82655  1.000 19.91000 ? 87  THR   A OG1 1 
ATOM   720  C CG2 . THR   A 1 87  ? -7.26123  -0.19694  13.38031  1.000 18.27000 ? 87  THR   A CG2 1 
ATOM   721  N N   . TRP   A 1 88  ? -2.97556  -0.02334  14.34285  1.000 10.73000 ? 88  TRP   A N   1 
ATOM   722  C CA  . TRP   A 1 88  ? -1.69311  -0.55640  14.79284  1.000 11.61000 ? 88  TRP   A CA  1 
ATOM   723  C C   . TRP   A 1 88  ? -1.89019  -1.92466  15.42283  1.000 15.92000 ? 88  TRP   A C   1 
ATOM   724  O O   . TRP   A 1 88  ? -2.72601  -2.08688  16.32277  1.000 13.38000 ? 88  TRP   A O   1 
ATOM   725  C CB  . TRP   A 1 88  ? -1.03901  0.35285   15.83135  1.000 14.67000 ? 88  TRP   A CB  1 
ATOM   726  C CG  . TRP   A 1 88  ? -0.49641  1.59727   15.30415  1.000 13.02000 ? 88  TRP   A CG  1 
ATOM   727  C CD1 . TRP   A 1 88  ? -0.97168  2.85539   15.53048  1.000 17.63000 ? 88  TRP   A CD1 1 
ATOM   728  C CD2 . TRP   A 1 88  ? 0.64908   1.74191   14.46065  1.000 15.36000 ? 88  TRP   A CD2 1 
ATOM   729  N NE1 . TRP   A 1 88  ? -0.18443  3.77973   14.88100  1.000 18.51000 ? 88  TRP   A NE1 1 
ATOM   730  C CE2 . TRP   A 1 88  ? 0.80979   3.11873   14.20672  1.000 15.91000 ? 88  TRP   A CE2 1 
ATOM   731  C CE3 . TRP   A 1 88  ? 1.55062   0.83721   13.89253  1.000 16.40000 ? 88  TRP   A CE3 1 
ATOM   732  C CZ2 . TRP   A 1 88  ? 1.83908   3.61877   13.39679  1.000 17.50000 ? 88  TRP   A CZ2 1 
ATOM   733  C CZ3 . TRP   A 1 88  ? 2.58039   1.33624   13.08453  1.000 17.01000 ? 88  TRP   A CZ3 1 
ATOM   734  C CH2 . TRP   A 1 88  ? 2.70874   2.71316   12.85224  1.000 16.82000 ? 88  TRP   A CH2 1 
ATOM   735  N N   . GLU   A 1 89  ? -1.10859  -2.89380  14.97876  1.000 12.78000 ? 89  GLU   A N   1 
ATOM   736  C CA  . GLU   A 1 89  ? -0.98300  -4.18183  15.65959  1.000 14.75000 ? 89  GLU   A CA  1 
ATOM   737  C C   . GLU   A 1 89  ? 0.47715   -4.27248  16.09759  1.000 16.16000 ? 89  GLU   A C   1 
ATOM   738  O O   . GLU   A 1 89  ? 1.35167   -4.62979  15.30420  1.000 16.40000 ? 89  GLU   A O   1 
ATOM   739  C CB  . GLU   A 1 89  ? -1.39290  -5.33937  14.75055  1.000 17.59000 ? 89  GLU   A CB  1 
ATOM   740  C CG  . GLU   A 1 89  ? -2.88687  -5.36783  14.43175  1.000 22.82000 ? 89  GLU   A CG  1 
ATOM   741  C CD  . GLU   A 1 89  ? -3.27074  -6.48292  13.47382  1.000 26.20000 ? 89  GLU   A CD  1 
ATOM   742  O OE1 . GLU   A 1 89  ? -4.40208  -6.43906  12.94728  1.000 32.36000 ? 89  GLU   A OE1 1 
ATOM   743  O OE2 . GLU   A 1 89  ? -2.45073  -7.40373  13.25111  1.000 26.46000 ? 89  GLU   A OE2 1 
ATOM   744  N N   . GLY   A 1 90  ? 0.75664   -3.89949  17.33913  1.000 15.82000 ? 90  GLY   A N   1 
ATOM   745  C CA  . GLY   A 1 90  ? 2.13804   -3.71855  17.73180  1.000 16.53000 ? 90  GLY   A CA  1 
ATOM   746  C C   . GLY   A 1 90  ? 2.73474   -2.57479  16.94127  1.000 16.59000 ? 90  GLY   A C   1 
ATOM   747  O O   . GLY   A 1 90  ? 2.16622   -1.47634  16.92776  1.000 17.81000 ? 90  GLY   A O   1 
ATOM   748  N N   . ASP   A 1 91  ? 3.84078   -2.82602  16.23416  1.000 16.65000 ? 91  ASP   A N   1 
ATOM   749  C CA  . ASP   A 1 91  ? 4.45843   -1.81445  15.38429  1.000 14.45000 ? 91  ASP   A CA  1 
ATOM   750  C C   . ASP   A 1 91  ? 4.20574   -2.07513  13.89902  1.000 15.51000 ? 91  ASP   A C   1 
ATOM   751  O O   . ASP   A 1 91  ? 4.93616   -1.55196  13.04684  1.000 17.18000 ? 91  ASP   A O   1 
ATOM   752  C CB  . ASP   A 1 91  ? 5.95690   -1.72353  15.67790  1.000 20.35000 ? 91  ASP   A CB  1 
ATOM   753  C CG  . ASP   A 1 91  ? 6.70091   -2.99575  15.33477  1.000 26.06000 ? 91  ASP   A CG  1 
ATOM   754  O OD1 . ASP   A 1 91  ? 6.05558   -4.05241  15.15407  1.000 27.84000 ? 91  ASP   A OD1 1 
ATOM   755  O OD2 . ASP   A 1 91  ? 7.94717   -2.94064  15.24308  1.000 35.54000 ? 91  ASP   A OD2 1 
ATOM   756  N N   . VAL   A 1 92  ? 3.18365   -2.86603  13.57800  1.000 11.33000 ? 92  VAL   A N   1 
ATOM   757  C CA  . VAL   A 1 92  ? 2.77043   -3.12991  12.19968  1.000 11.67000 ? 92  VAL   A CA  1 
ATOM   758  C C   . VAL   A 1 92  ? 1.55372   -2.26583  11.92151  1.000 14.11000 ? 92  VAL   A C   1 
ATOM   759  O O   . VAL   A 1 92  ? 0.56941   -2.31775  12.67036  1.000 13.95000 ? 92  VAL   A O   1 
ATOM   760  C CB  . VAL   A 1 92  ? 2.43937   -4.61290  11.98120  1.000 11.87000 ? 92  VAL   A CB  1 
ATOM   761  C CG1 . VAL   A 1 92  ? 1.94073   -4.85842  10.54701  1.000 12.11000 ? 92  VAL   A CG1 1 
ATOM   762  C CG2 . VAL   A 1 92  ? 3.66782   -5.48452  12.29905  1.000 14.00000 ? 92  VAL   A CG2 1 
ATOM   763  N N   . LEU   A 1 93  ? 1.62161   -1.45726  10.86765  1.000 11.18000 ? 93  LEU   A N   1 
ATOM   764  C CA  . LEU   A 1 93  ? 0.48018   -0.64072  10.45959  1.000 9.84000  ? 93  LEU   A CA  1 
ATOM   765  C C   . LEU   A 1 93  ? -0.37563  -1.46517  9.50705   1.000 12.82000 ? 93  LEU   A C   1 
ATOM   766  O O   . LEU   A 1 93  ? 0.11178   -1.91702  8.46538   1.000 11.96000 ? 93  LEU   A O   1 
ATOM   767  C CB  . LEU   A 1 93  ? 0.95483   0.64648   9.78870   1.000 9.85000  ? 93  LEU   A CB  1 
ATOM   768  C CG  . LEU   A 1 93  ? -0.09392  1.73582   9.52280   1.000 11.29000 ? 93  LEU   A CG  1 
ATOM   769  C CD1 . LEU   A 1 93  ? -0.56962  2.36214   10.82893  1.000 13.82000 ? 93  LEU   A CD1 1 
ATOM   770  C CD2 . LEU   A 1 93  ? 0.46488   2.81844   8.58325   1.000 15.01000 ? 93  LEU   A CD2 1 
ATOM   771  N N   . VAL   A 1 94  ? -1.64528  -1.66484  9.85362   1.000 11.62000 ? 94  VAL   A N   1 
ATOM   772  C CA  . VAL   A 1 94  ? -2.48561  -2.63856  9.17014   1.000 10.89000 ? 94  VAL   A CA  1 
ATOM   773  C C   . VAL   A 1 94  ? -3.69454  -1.92936  8.56976   1.000 12.52000 ? 94  VAL   A C   1 
ATOM   774  O O   . VAL   A 1 94  ? -4.42199  -1.23003  9.27596   1.000 14.26000 ? 94  VAL   A O   1 
ATOM   775  C CB  . VAL   A 1 94  ? -2.93346  -3.75302  10.13549  1.000 11.86000 ? 94  VAL   A CB  1 
ATOM   776  C CG1 . VAL   A 1 94  ? -3.92542  -4.67451  9.46061   1.000 16.46000 ? 94  VAL   A CG1 1 
ATOM   777  C CG2 . VAL   A 1 94  ? -1.71823  -4.54360  10.64483  1.000 12.86000 ? 94  VAL   A CG2 1 
ATOM   778  N N   . CYS   A 1 95  ? -3.92646  -2.13755  7.27881   1.000 10.01000 ? 95  CYS   A N   1 
ATOM   779  C CA  . CYS   A 1 95  ? -5.10038  -1.59353  6.60440   1.000 11.05000 ? 95  CYS   A CA  1 
ATOM   780  C C   . CYS   A 1 95  ? -6.00005  -2.73616  6.15958   1.000 11.74000 ? 95  CYS   A C   1 
ATOM   781  O O   . CYS   A 1 95  ? -5.53524  -3.68737  5.52280   1.000 12.61000 ? 95  CYS   A O   1 
ATOM   782  C CB  . CYS   A 1 95  ? -4.69633  -0.74736  5.39070   1.000 11.00000 ? 95  CYS   A CB  1 
ATOM   783  S SG  . CYS   A 1 95  ? -6.12174  -0.06471  4.49724   1.000 16.41000 ? 95  CYS   A SG  1 
ATOM   784  N N   . VAL   A 1 96  ? -7.27985  -2.66252  6.52268   1.000 11.13000 ? 96  VAL   A N   1 
ATOM   785  C CA  . VAL   A 1 96  ? -8.28992  -3.56415  6.00002   1.000 13.08000 ? 96  VAL   A CA  1 
ATOM   786  C C   . VAL   A 1 96  ? -9.24987  -2.73169  5.16907   1.000 13.88000 ? 96  VAL   A C   1 
ATOM   787  O O   . VAL   A 1 96  ? -9.76360  -1.71360  5.64676   1.000 15.80000 ? 96  VAL   A O   1 
ATOM   788  C CB  . VAL   A 1 96  ? -9.03797  -4.29357  7.12959   1.000 14.96000 ? 96  VAL   A CB  1 
ATOM   789  C CG1 . VAL   A 1 96  ? -10.21961 -5.07300  6.56626   1.000 18.16000 ? 96  VAL   A CG1 1 
ATOM   790  C CG2 . VAL   A 1 96  ? -8.09359  -5.20542  7.86775   1.000 16.14000 ? 96  VAL   A CG2 1 
ATOM   791  N N   . GLN   A 1 97  ? -9.49941  -3.17176  3.95148   1.000 12.73000 ? 97  GLN   A N   1 
ATOM   792  C CA  . GLN   A 1 97  ? -10.44773 -2.52926  3.04243   1.000 13.64000 ? 97  GLN   A CA  1 
ATOM   793  C C   . GLN   A 1 97  ? -11.60680 -3.49583  2.82170   1.000 15.19000 ? 97  GLN   A C   1 
ATOM   794  O O   . GLN   A 1 97  ? -11.47692 -4.46426  2.06629   1.000 14.82000 ? 97  GLN   A O   1 
ATOM   795  C CB  . GLN   A 1 97  ? -9.77063  -2.16723  1.72889   1.000 13.26000 ? 97  GLN   A CB  1 
ATOM   796  C CG  . GLN   A 1 97  ? -8.77623  -1.01911  1.84736   1.000 15.32000 ? 97  GLN   A CG  1 
ATOM   797  C CD  . GLN   A 1 97  ? -7.80149  -0.98431  0.69685   1.000 18.96000 ? 97  GLN   A CD  1 
ATOM   798  O OE1 . GLN   A 1 97  ? -7.21292  -2.00655  0.32918   1.000 20.71000 ? 97  GLN   A OE1 1 
ATOM   799  N NE2 . GLN   A 1 97  ? -7.63104  0.19203   0.10501   1.000 23.61000 ? 97  GLN   A NE2 1 
ATOM   800  N N   . LYS   A 1 98  ? -12.73920 -3.23739  3.49314   1.000 16.90000 ? 98  LYS   A N   1 
ATOM   801  C CA  . LYS   A 1 98  ? -13.90024 -4.11550  3.39354   1.000 18.91000 ? 98  LYS   A CA  1 
ATOM   802  C C   . LYS   A 1 98  ? -14.68430 -3.82719  2.12159   1.000 16.62000 ? 98  LYS   A C   1 
ATOM   803  O O   . LYS   A 1 98  ? -14.98570 -2.66663  1.81591   1.000 16.06000 ? 98  LYS   A O   1 
ATOM   804  C CB  . LYS   A 1 98  ? -14.80959 -3.94367  4.61316   1.000 20.63000 ? 98  LYS   A CB  1 
ATOM   805  C CG  . LYS   A 1 98  ? -14.19691 -4.41840  5.90709   1.000 24.30000 ? 98  LYS   A CG  1 
ATOM   806  C CD  . LYS   A 1 98  ? -13.72294 -5.86498  5.80292   1.000 32.80000 ? 98  LYS   A CD  1 
ATOM   807  C CE  . LYS   A 1 98  ? -14.41511 -6.76302  6.81206   1.000 41.19000 ? 98  LYS   A CE  1 
ATOM   808  N NZ  . LYS   A 1 98  ? -13.60931 -7.98737  7.10097   1.000 34.82000 ? 98  LYS   A NZ  1 
ATOM   809  N N   . GLY   A 1 99  ? -15.01674 -4.88355  1.38153   1.000 19.61000 ? 99  GLY   A N   1 
ATOM   810  C CA  . GLY   A 1 99  ? -15.73522 -4.70295  0.12908   1.000 20.39000 ? 99  GLY   A CA  1 
ATOM   811  C C   . GLY   A 1 99  ? -15.85487 -6.00236  -0.64431  1.000 17.22000 ? 99  GLY   A C   1 
ATOM   812  O O   . GLY   A 1 99  ? -15.93974 -7.08924  -0.05843  1.000 22.24000 ? 99  GLY   A O   1 
ATOM   813  N N   . GLU   A 1 100 ? -15.84033 -5.87322  -1.97634  1.000 18.22000 ? 100 GLU   A N   1 
ATOM   814  C CA  . GLU   A 1 100 ? -16.07852 -7.02652  -2.84391  1.000 21.25000 ? 100 GLU   A CA  1 
ATOM   815  C C   . GLU   A 1 100 ? -14.97986 -8.07047  -2.69867  1.000 23.63000 ? 100 GLU   A C   1 
ATOM   816  O O   . GLU   A 1 100 ? -15.25474 -9.27458  -2.68963  1.000 24.73000 ? 100 GLU   A O   1 
ATOM   817  C CB  . GLU   A 1 100 ? -16.19932 -6.56704  -4.30091  1.000 23.61000 ? 100 GLU   A CB  1 
ATOM   818  C CG  . GLU   A 1 100 ? -16.17756 -7.70009  -5.34215  1.000 30.35000 ? 100 GLU   A CG  1 
ATOM   819  C CD  . GLU   A 1 100 ? -17.45490 -8.53598  -5.34270  1.000 33.46000 ? 100 GLU   A CD  1 
ATOM   820  O OE1 . GLU   A 1 100 ? -17.44564 -9.63759  -5.93502  1.000 31.77000 ? 100 GLU   A OE1 1 
ATOM   821  O OE2 . GLU   A 1 100 ? -18.46772 -8.08780  -4.75874  1.000 38.06000 ? 100 GLU   A OE2 1 
ATOM   822  N N   . LYS   A 1 101 ? -13.72914 -7.62979  -2.59669  1.000 20.71000 ? 101 LYS   A N   1 
ATOM   823  C CA  . LYS   A 1 101 ? -12.58736 -8.52648  -2.51363  1.000 18.65000 ? 101 LYS   A CA  1 
ATOM   824  C C   . LYS   A 1 101 ? -12.34024 -8.97025  -1.07644  1.000 20.92000 ? 101 LYS   A C   1 
ATOM   825  O O   . LYS   A 1 101 ? -12.40069 -8.16561  -0.14356  1.000 19.74000 ? 101 LYS   A O   1 
ATOM   826  C CB  . LYS   A 1 101 ? -11.34913 -7.82063  -3.06311  1.000 20.52000 ? 101 LYS   A CB  1 
ATOM   827  C CG  . LYS   A 1 101 ? -11.48172 -7.41178  -4.51534  1.000 18.08000 ? 101 LYS   A CG  1 
ATOM   828  C CD  . LYS   A 1 101 ? -11.47971 -8.60810  -5.41667  1.000 22.17000 ? 101 LYS   A CD  1 
ATOM   829  C CE  . LYS   A 1 101 ? -11.57990 -8.20245  -6.86525  1.000 24.46000 ? 101 LYS   A CE  1 
ATOM   830  N NZ  . LYS   A 1 101 ? -11.41970 -9.38644  -7.73456  1.000 25.97000 ? 101 LYS   A NZ  1 
ATOM   831  N N   . GLU   A 1 102 ? -12.04998 -10.25748 -0.90457  1.000 22.24000 ? 102 GLU   A N   1 
ATOM   832  C CA  . GLU   A 1 102 ? -11.69358 -10.78716 0.40351   1.000 22.58000 ? 102 GLU   A CA  1 
ATOM   833  C C   . GLU   A 1 102 ? -10.22925 -10.48119 0.71696   1.000 20.46000 ? 102 GLU   A C   1 
ATOM   834  O O   . GLU   A 1 102 ? -9.40965  -10.30270 -0.18588  1.000 20.40000 ? 102 GLU   A O   1 
ATOM   835  C CB  . GLU   A 1 102 ? -11.92288 -12.29725 0.43671   1.000 27.73000 ? 102 GLU   A CB  1 
ATOM   836  C CG  . GLU   A 1 102 ? -13.31989 -12.73043 0.03317   1.000 34.94000 ? 102 GLU   A CG  1 
ATOM   837  C CD  . GLU   A 1 102 ? -13.58197 -14.19796 0.34191   1.000 48.66000 ? 102 GLU   A CD  1 
ATOM   838  O OE1 . GLU   A 1 102 ? -13.50352 -14.58530 1.52756   1.000 44.22000 ? 102 GLU   A OE1 1 
ATOM   839  O OE2 . GLU   A 1 102 ? -13.85778 -14.96780 -0.60474  1.000 47.45000 ? 102 GLU   A OE2 1 
ATOM   840  N N   . ASN   A 1 103 ? -9.90803  -10.41239 2.00941   1.000 17.82000 ? 103 ASN   A N   1 
ATOM   841  C CA  . ASN   A 1 103 ? -8.51489  -10.30999 2.46495   1.000 19.96000 ? 103 ASN   A CA  1 
ATOM   842  C C   . ASN   A 1 103 ? -7.78482  -9.13149  1.83113   1.000 19.45000 ? 103 ASN   A C   1 
ATOM   843  O O   . ASN   A 1 103 ? -6.59398  -9.21389  1.52198   1.000 20.00000 ? 103 ASN   A O   1 
ATOM   844  C CB  . ASN   A 1 103 ? -7.74089  -11.59540 2.17671   1.000 20.63000 ? 103 ASN   A CB  1 
ATOM   845  C CG  . ASN   A 1 103 ? -8.37493  -12.80866 2.79711   1.000 30.68000 ? 103 ASN   A CG  1 
ATOM   846  O OD1 . ASN   A 1 103 ? -8.74149  -12.79626 3.97569   1.000 31.17000 ? 103 ASN   A OD1 1 
ATOM   847  N ND2 . ASN   A 1 103 ? -8.47715  -13.88350 2.02165   1.000 29.44000 ? 103 ASN   A ND2 1 
ATOM   848  N N   . ARG   A 1 104 ? -8.49948  -8.03558  1.61428   1.000 15.37000 ? 104 ARG   A N   1 
ATOM   849  C CA  . ARG   A 1 104 ? -7.92727  -6.89639  0.90618   1.000 12.96000 ? 104 ARG   A CA  1 
ATOM   850  C C   . ARG   A 1 104 ? -7.34411  -5.88044  1.87838   1.000 13.78000 ? 104 ARG   A C   1 
ATOM   851  O O   . ARG   A 1 104 ? -7.99858  -5.48241  2.85183   1.000 15.27000 ? 104 ARG   A O   1 
ATOM   852  C CB  . ARG   A 1 104 ? -8.97752  -6.21486  0.03654   1.000 14.02000 ? 104 ARG   A CB  1 
ATOM   853  C CG  . ARG   A 1 104 ? -8.39838  -5.02596  -0.70044  1.000 13.96000 ? 104 ARG   A CG  1 
ATOM   854  C CD  . ARG   A 1 104 ? -9.42470  -4.31487  -1.54913  1.000 17.17000 ? 104 ARG   A CD  1 
ATOM   855  N NE  . ARG   A 1 104 ? -8.75045  -3.26229  -2.28755  1.000 16.35000 ? 104 ARG   A NE  1 
ATOM   856  C CZ  . ARG   A 1 104 ? -9.11140  -2.81373  -3.48293  1.000 16.75000 ? 104 ARG   A CZ  1 
ATOM   857  N NH1 . ARG   A 1 104 ? -10.17423 -3.31284  -4.10758  1.000 15.17000 ? 104 ARG   A NH1 1 
ATOM   858  N NH2 . ARG   A 1 104 ? -8.38859  -1.86367  -4.05867  1.000 15.65000 ? 104 ARG   A NH2 1 
ATOM   859  N N   . GLY   A 1 105 ? -6.13096  -5.43645  1.59752   1.000 13.99000 ? 105 GLY   A N   1 
ATOM   860  C CA  . GLY   A 1 105 ? -5.54298  -4.39180  2.42208   1.000 13.23000 ? 105 GLY   A CA  1 
ATOM   861  C C   . GLY   A 1 105 ? -4.02715  -4.42660  2.29771   1.000 11.63000 ? 105 GLY   A C   1 
ATOM   862  O O   . GLY   A 1 105 ? -3.48546  -4.86489  1.27960   1.000 13.17000 ? 105 GLY   A O   1 
ATOM   863  N N   . TRP   A 1 106 ? -3.36609  -3.95639  3.34660   1.000 13.13000 ? 106 TRP   A N   1 
ATOM   864  C CA  . TRP   A 1 106 ? -1.91181  -3.95189  3.33811   1.000 13.48000 ? 106 TRP   A CA  1 
ATOM   865  C C   . TRP   A 1 106 ? -1.39733  -3.88751  4.76716   1.000 13.73000 ? 106 TRP   A C   1 
ATOM   866  O O   . TRP   A 1 106 ? -2.14765  -3.65200  5.71687   1.000 13.21000 ? 106 TRP   A O   1 
ATOM   867  C CB  . TRP   A 1 106 ? -1.35060  -2.80092  2.48780   1.000 12.80000 ? 106 TRP   A CB  1 
ATOM   868  C CG  . TRP   A 1 106 ? -1.95972  -1.41316  2.69121   1.000 12.19000 ? 106 TRP   A CG  1 
ATOM   869  C CD1 . TRP   A 1 106 ? -2.79196  -0.75222  1.83574   1.000 14.78000 ? 106 TRP   A CD1 1 
ATOM   870  C CD2 . TRP   A 1 106 ? -1.71361  -0.51129  3.78475   1.000 11.35000 ? 106 TRP   A CD2 1 
ATOM   871  N NE1 . TRP   A 1 106 ? -3.10391  0.49347   2.33450   1.000 19.32000 ? 106 TRP   A NE1 1 
ATOM   872  C CE2 . TRP   A 1 106 ? -2.45327  0.66928   3.52659   1.000 15.20000 ? 106 TRP   A CE2 1 
ATOM   873  C CE3 . TRP   A 1 106 ? -0.96351  -0.59601  4.96067   1.000 15.18000 ? 106 TRP   A CE3 1 
ATOM   874  C CZ2 . TRP   A 1 106 ? -2.46923  1.74906   4.40474   1.000 15.22000 ? 106 TRP   A CZ2 1 
ATOM   875  C CZ3 . TRP   A 1 106 ? -0.97430  0.48485   5.82981   1.000 15.22000 ? 106 TRP   A CZ3 1 
ATOM   876  C CH2 . TRP   A 1 106 ? -1.71928  1.64274   5.54034   1.000 14.57000 ? 106 TRP   A CH2 1 
ATOM   877  N N   . LYS   A 1 107 ? -0.09596  -4.14049  4.90790   1.000 11.35000 ? 107 LYS   A N   1 
ATOM   878  C CA  . LYS   A 1 107 ? 0.60191   -4.01346  6.18102   1.000 11.68000 ? 107 LYS   A CA  1 
ATOM   879  C C   . LYS   A 1 107 ? 1.94554   -3.37128  5.90188   1.000 12.03000 ? 107 LYS   A C   1 
ATOM   880  O O   . LYS   A 1 107 ? 2.59030   -3.71727  4.91117   1.000 14.49000 ? 107 LYS   A O   1 
ATOM   881  C CB  . LYS   A 1 107 ? 0.86538   -5.36424  6.84908   1.000 12.75000 ? 107 LYS   A CB  1 
ATOM   882  C CG  . LYS   A 1 107 ? -0.37056  -6.12765  7.22684   1.000 16.64000 ? 107 LYS   A CG  1 
ATOM   883  C CD  . LYS   A 1 107 ? -0.05282  -7.52887  7.71854   1.000 20.10000 ? 107 LYS   A CD  1 
ATOM   884  C CE  . LYS   A 1 107 ? -1.34200  -8.23965  8.09544   1.000 29.75000 ? 107 LYS   A CE  1 
ATOM   885  N NZ  . LYS   A 1 107 ? -1.11903  -9.36939  9.04384   1.000 42.19000 ? 107 LYS   A NZ  1 
ATOM   886  N N   . LYS   A 1 108 ? 2.36654   -2.45962  6.77805   1.000 11.10000 ? 108 LYS   A N   1 
ATOM   887  C CA  . LYS   A 1 108 ? 3.68809   -1.84778  6.67177   1.000 11.36000 ? 108 LYS   A CA  1 
ATOM   888  C C   . LYS   A 1 108 ? 4.38416   -1.91168  8.02082   1.000 11.19000 ? 108 LYS   A C   1 
ATOM   889  O O   . LYS   A 1 108 ? 3.75456   -1.69288  9.06449   1.000 12.16000 ? 108 LYS   A O   1 
ATOM   890  C CB  . LYS   A 1 108 ? 3.61178   -0.38521  6.23876   1.000 13.90000 ? 108 LYS   A CB  1 
ATOM   891  C CG  . LYS   A 1 108 ? 2.87564   -0.10213  4.95359   1.000 15.28000 ? 108 LYS   A CG  1 
ATOM   892  C CD  . LYS   A 1 108 ? 2.91023   1.39881   4.69573   1.000 16.00000 ? 108 LYS   A CD  1 
ATOM   893  C CE  . LYS   A 1 108 ? 1.67196   1.87247   3.96571   1.000 23.51000 ? 108 LYS   A CE  1 
ATOM   894  N NZ  . LYS   A 1 108 ? 1.73506   1.52319   2.54092   1.000 23.79000 ? 108 LYS   A NZ  1 
ATOM   895  N N   . TRP   A 1 109 ? 5.69110   -2.16864  8.00585   1.000 11.28000 ? 109 TRP   A N   1 
ATOM   896  C CA  . TRP   A 1 109 ? 6.46983   -2.11866  9.23311   1.000 12.69000 ? 109 TRP   A CA  1 
ATOM   897  C C   . TRP   A 1 109 ? 7.91287   -1.74939  8.90386   1.000 14.35000 ? 109 TRP   A C   1 
ATOM   898  O O   . TRP   A 1 109 ? 8.37239   -1.89388  7.76597   1.000 14.10000 ? 109 TRP   A O   1 
ATOM   899  C CB  . TRP   A 1 109 ? 6.41405   -3.44583  10.00615  1.000 14.23000 ? 109 TRP   A CB  1 
ATOM   900  C CG  . TRP   A 1 109 ? 7.06497   -4.59392  9.30700   1.000 14.32000 ? 109 TRP   A CG  1 
ATOM   901  C CD1 . TRP   A 1 109 ? 8.36079   -5.01286  9.44871   1.000 15.45000 ? 109 TRP   A CD1 1 
ATOM   902  C CD2 . TRP   A 1 109 ? 6.45511   -5.48701  8.36841   1.000 13.91000 ? 109 TRP   A CD2 1 
ATOM   903  N NE1 . TRP   A 1 109 ? 8.59248   -6.10291  8.64718   1.000 15.33000 ? 109 TRP   A NE1 1 
ATOM   904  C CE2 . TRP   A 1 109 ? 7.44180   -6.41437  7.97305   1.000 13.55000 ? 109 TRP   A CE2 1 
ATOM   905  C CE3 . TRP   A 1 109 ? 5.17616   -5.58450  7.81121   1.000 13.83000 ? 109 TRP   A CE3 1 
ATOM   906  C CZ2 . TRP   A 1 109 ? 7.18657   -7.43281  7.04461   1.000 16.51000 ? 109 TRP   A CZ2 1 
ATOM   907  C CZ3 . TRP   A 1 109 ? 4.92283   -6.59406  6.89370   1.000 17.05000 ? 109 TRP   A CZ3 1 
ATOM   908  C CH2 . TRP   A 1 109 ? 5.92358   -7.50289  6.51751   1.000 17.12000 ? 109 TRP   A CH2 1 
ATOM   909  N N   . ILE   A 1 110 ? 8.62006   -1.28297  9.92934   1.000 15.81000 ? 110 ILE   A N   1 
ATOM   910  C CA  . ILE   A 1 110 ? 10.01072  -0.84777  9.83280   1.000 13.74000 ? 110 ILE   A CA  1 
ATOM   911  C C   . ILE   A 1 110 ? 10.91591  -1.95819  10.34988  1.000 20.93000 ? 110 ILE   A C   1 
ATOM   912  O O   . ILE   A 1 110 ? 10.65696  -2.53402  11.41843  1.000 21.93000 ? 110 ILE   A O   1 
ATOM   913  C CB  . ILE   A 1 110 ? 10.23590  0.44817   10.63586  1.000 20.08000 ? 110 ILE   A CB  1 
ATOM   914  C CG1 . ILE   A 1 110 ? 9.34216   1.58140   10.11290  1.000 18.06000 ? 110 ILE   A CG1 1 
ATOM   915  C CG2 . ILE   A 1 110 ? 11.71623  0.83793   10.65132  1.000 22.05000 ? 110 ILE   A CG2 1 
ATOM   916  C CD1 . ILE   A 1 110 ? 9.66872   2.05153   8.71232   1.000 22.73000 ? 110 ILE   A CD1 1 
ATOM   917  N N   . GLU   A 1 111 ? 11.97182  -2.26609  9.58875   1.000 18.55000 ? 111 GLU   A N   1 
ATOM   918  C CA  . GLU   A 1 111 ? 13.09997  -3.07883  10.04771  1.000 23.82000 ? 111 GLU   A CA  1 
ATOM   919  C C   . GLU   A 1 111 ? 14.34899  -2.23977  9.84267   1.000 32.34000 ? 111 GLU   A C   1 
ATOM   920  O O   . GLU   A 1 111 ? 14.85731  -2.14571  8.72084   1.000 28.08000 ? 111 GLU   A O   1 
ATOM   921  C CB  . GLU   A 1 111 ? 13.20394  -4.39236  9.29204   1.000 29.53000 ? 111 GLU   A CB  1 
ATOM   922  C CG  . GLU   A 1 111 ? 12.03850  -5.31096  9.50410   1.000 28.25000 ? 111 GLU   A CG  1 
ATOM   923  C CD  . GLU   A 1 111 ? 12.08640  -6.06146  10.82820  1.000 29.58000 ? 111 GLU   A CD  1 
ATOM   924  O OE1 . GLU   A 1 111 ? 12.88763  -5.69077  11.71753  1.000 28.88000 ? 111 GLU   A OE1 1 
ATOM   925  O OE2 . GLU   A 1 111 ? 11.30518  -7.02342  10.97847  1.000 31.72000 ? 111 GLU   A OE2 1 
ATOM   926  N N   . GLY   A 1 112 ? 14.82245  -1.62461  10.92283  1.000 37.54000 ? 112 GLY   A N   1 
ATOM   927  C CA  . GLY   A 1 112 ? 15.98496  -0.76404  10.88183  1.000 37.28000 ? 112 GLY   A CA  1 
ATOM   928  C C   . GLY   A 1 112 ? 15.90093  0.33505   9.84565   1.000 32.40000 ? 112 GLY   A C   1 
ATOM   929  O O   . GLY   A 1 112 ? 15.14510  1.30003   9.99215   1.000 37.90000 ? 112 GLY   A O   1 
ATOM   930  N N   . ASP   A 1 113 ? 16.67922  0.17718   8.78380   1.000 39.24000 ? 113 ASP   A N   1 
ATOM   931  C CA  . ASP   A 1 113 ? 16.82058  1.15984   7.72293   1.000 35.86000 ? 113 ASP   A CA  1 
ATOM   932  C C   . ASP   A 1 113 ? 15.73153  1.05933   6.66189   1.000 26.39000 ? 113 ASP   A C   1 
ATOM   933  O O   . ASP   A 1 113 ? 15.71114  1.87554   5.73517   1.000 27.76000 ? 113 ASP   A O   1 
ATOM   934  C CB  . ASP   A 1 113 ? 18.18821  0.98189   7.05555   1.000 35.88000 ? 113 ASP   A CB  1 
ATOM   935  C CG  . ASP   A 1 113 ? 18.54054  -0.48731  6.83849   1.000 43.58000 ? 113 ASP   A CG  1 
ATOM   936  O OD1 . ASP   A 1 113 ? 19.22202  -0.80104  5.84053   1.000 45.06000 ? 113 ASP   A OD1 1 
ATOM   937  O OD2 . ASP   A 1 113 ? 18.13236  -1.33508  7.66718   1.000 50.82000 ? 113 ASP   A OD2 1 
ATOM   938  N N   . LYS   A 1 114 ? 14.85271  0.06768   6.75215   1.000 23.58000 ? 114 LYS   A N   1 
ATOM   939  C CA  . LYS   A 1 114 ? 14.02859  -0.31622  5.61774   1.000 16.81000 ? 114 LYS   A CA  1 
ATOM   940  C C   . LYS   A 1 114 ? 12.56210  -0.36795  6.01707   1.000 17.62000 ? 114 LYS   A C   1 
ATOM   941  O O   . LYS   A 1 114 ? 12.22932  -0.62045  7.17347   1.000 20.38000 ? 114 LYS   A O   1 
ATOM   942  C CB  . LYS   A 1 114 ? 14.48339  -1.67060  5.06420   1.000 20.55000 ? 114 LYS   A CB  1 
ATOM   943  C CG  . LYS   A 1 114 ? 15.86183  -1.62313  4.37718   1.000 21.98000 ? 114 LYS   A CG  1 
ATOM   944  C CD  . LYS   A 1 114 ? 16.50847  -2.98975  4.34893   1.000 35.18000 ? 114 LYS   A CD  1 
ATOM   945  C CE  . LYS   A 1 114 ? 17.65799  -3.03239  3.34469   1.000 38.03000 ? 114 LYS   A CE  1 
ATOM   946  N NZ  . LYS   A 1 114 ? 18.43250  -1.77194  3.37661   1.000 37.31000 ? 114 LYS   A NZ  1 
ATOM   947  N N   . LEU   A 1 115 ? 11.68592  -0.09600  5.05113   1.000 15.10000 ? 115 LEU   A N   1 
ATOM   948  C CA  . LEU   A 1 115 ? 10.25409  -0.27876  5.23037   1.000 14.35000 ? 115 LEU   A CA  1 
ATOM   949  C C   . LEU   A 1 115 ? 9.81639   -1.51639  4.46579   1.000 14.39000 ? 115 LEU   A C   1 
ATOM   950  O O   . LEU   A 1 115 ? 10.14055  -1.67835  3.28071   1.000 14.95000 ? 115 LEU   A O   1 
ATOM   951  C CB  . LEU   A 1 115 ? 9.47445   0.94782   4.74813   1.000 12.97000 ? 115 LEU   A CB  1 
ATOM   952  C CG  . LEU   A 1 115 ? 7.94683   0.88475   4.76799   1.000 18.69000 ? 115 LEU   A CG  1 
ATOM   953  C CD1 . LEU   A 1 115 ? 7.39255   2.26902   5.01897   1.000 22.98000 ? 115 LEU   A CD1 1 
ATOM   954  C CD2 . LEU   A 1 115 ? 7.39000   0.34195   3.46315   1.000 23.30000 ? 115 LEU   A CD2 1 
ATOM   955  N N   . TYR   A 1 116 ? 9.07193   -2.37788  5.14229   1.000 12.07000 ? 116 TYR   A N   1 
ATOM   956  C CA  . TYR   A 1 116 ? 8.55551   -3.60793  4.56973   1.000 13.33000 ? 116 TYR   A CA  1 
ATOM   957  C C   . TYR   A 1 116 ? 7.05384   -3.46293  4.40635   1.000 15.48000 ? 116 TYR   A C   1 
ATOM   958  O O   . TYR   A 1 116 ? 6.37773   -2.90237  5.27355   1.000 14.50000 ? 116 TYR   A O   1 
ATOM   959  C CB  . TYR   A 1 116 ? 8.85205   -4.80943  5.45929   1.000 13.06000 ? 116 TYR   A CB  1 
ATOM   960  C CG  . TYR   A 1 116 ? 10.28961  -5.25493  5.43495   1.000 14.54000 ? 116 TYR   A CG  1 
ATOM   961  C CD1 . TYR   A 1 116 ? 11.29015  -4.46445  5.97447   1.000 22.68000 ? 116 TYR   A CD1 1 
ATOM   962  C CD2 . TYR   A 1 116 ? 10.63706  -6.46439  4.86766   1.000 19.57000 ? 116 TYR   A CD2 1 
ATOM   963  C CE1 . TYR   A 1 116 ? 12.61943  -4.87661  5.93791   1.000 25.34000 ? 116 TYR   A CE1 1 
ATOM   964  C CE2 . TYR   A 1 116 ? 11.95376  -6.88813  4.82815   1.000 23.62000 ? 116 TYR   A CE2 1 
ATOM   965  C CZ  . TYR   A 1 116 ? 12.93583  -6.08969  5.36459   1.000 24.52000 ? 116 TYR   A CZ  1 
ATOM   966  O OH  . TYR   A 1 116 ? 14.24190  -6.52254  5.32244   1.000 33.59000 ? 116 TYR   A OH  1 
ATOM   967  N N   . GLU   A 1 117 ? 6.54006   -3.96968  3.29762   1.000 13.59000 ? 117 GLU   A N   1 
ATOM   968  C CA  . GLU   A 1 117 ? 5.14049   -3.80749  2.94629   1.000 14.73000 ? 117 GLU   A CA  1 
ATOM   969  C C   . GLU   A 1 117 ? 4.59753   -5.14136  2.46965   1.000 16.13000 ? 117 GLU   A C   1 
ATOM   970  O O   . GLU   A 1 117 ? 5.26696   -5.83565  1.70714   1.000 12.93000 ? 117 GLU   A O   1 
ATOM   971  C CB  . GLU   A 1 117 ? 5.03789   -2.76560  1.83650   1.000 20.86000 ? 117 GLU   A CB  1 
ATOM   972  C CG  . GLU   A 1 117 ? 3.68042   -2.38660  1.35164   1.000 24.67000 ? 117 GLU   A CG  1 
ATOM   973  C CD  . GLU   A 1 117 ? 3.73867   -0.98174  0.80632   1.000 30.43000 ? 117 GLU   A CD  1 
ATOM   974  O OE1 . GLU   A 1 117 ? 3.88843   -0.82030  -0.42406  1.000 24.26000 ? 117 GLU   A OE1 1 
ATOM   975  O OE2 . GLU   A 1 117 ? 3.70191   -0.04282  1.63000   1.000 29.33000 ? 117 GLU   A OE2 1 
ATOM   976  N N   . GLU   A 1 118 ? 3.38721   -5.49629  2.90544   1.000 10.85000 ? 118 GLU   A N   1 
ATOM   977  C CA  . GLU   A 1 118 ? 2.61301   -6.55326  2.26247   1.000 12.36000 ? 118 GLU   A CA  1 
ATOM   978  C C   . GLU   A 1 118 ? 1.35726   -5.93544  1.66662   1.000 14.47000 ? 118 GLU   A C   1 
ATOM   979  O O   . GLU   A 1 118 ? 0.66507   -5.17788  2.34702   1.000 16.93000 ? 118 GLU   A O   1 
ATOM   980  C CB  . GLU   A 1 118 ? 2.19809   -7.64430  3.24121   1.000 16.07000 ? 118 GLU   A CB  1 
ATOM   981  C CG  . GLU   A 1 118 ? 3.31872   -8.46227  3.82822   1.000 21.96000 ? 118 GLU   A CG  1 
ATOM   982  C CD  . GLU   A 1 118 ? 2.76705   -9.41949  4.87137   1.000 28.85000 ? 118 GLU   A CD  1 
ATOM   983  O OE1 . GLU   A 1 118 ? 1.57764   -9.78986  4.75531   1.000 28.87000 ? 118 GLU   A OE1 1 
ATOM   984  O OE2 . GLU   A 1 118 ? 3.50073   -9.78489  5.81093   1.000 32.15000 ? 118 GLU   A OE2 1 
ATOM   985  N N   . LEU   A 1 119 ? 1.07402   -6.25159  0.40626   1.000 11.35000 ? 119 LEU   A N   1 
ATOM   986  C CA  . LEU   A 1 119 ? -0.19240  -5.90684  -0.24011  1.000 13.21000 ? 119 LEU   A CA  1 
ATOM   987  C C   . LEU   A 1 119 ? -0.95925  -7.19766  -0.45304  1.000 16.39000 ? 119 LEU   A C   1 
ATOM   988  O O   . LEU   A 1 119 ? -0.40681  -8.15032  -1.00799  1.000 14.17000 ? 119 LEU   A O   1 
ATOM   989  C CB  . LEU   A 1 119 ? 0.01700   -5.20831  -1.58782  1.000 12.93000 ? 119 LEU   A CB  1 
ATOM   990  C CG  . LEU   A 1 119 ? 1.02068   -4.06879  -1.67400  1.000 13.55000 ? 119 LEU   A CG  1 
ATOM   991  C CD1 . LEU   A 1 119 ? 1.22845   -3.59691  -3.13082  1.000 17.26000 ? 119 LEU   A CD1 1 
ATOM   992  C CD2 . LEU   A 1 119 ? 0.61604   -2.91625  -0.77803  1.000 21.28000 ? 119 LEU   A CD2 1 
ATOM   993  N N   . THR   A 1 120 ? -2.21971  -7.23712  -0.00059  1.000 14.31000 ? 120 THR   A N   1 
ATOM   994  C CA  . THR   A 1 120 ? -2.98664  -8.47752  -0.02386  1.000 16.10000 ? 120 THR   A CA  1 
ATOM   995  C C   . THR   A 1 120 ? -4.32007  -8.27034  -0.72638  1.000 15.15000 ? 120 THR   A C   1 
ATOM   996  O O   . THR   A 1 120 ? -4.94149  -7.20930  -0.60600  1.000 15.44000 ? 120 THR   A O   1 
ATOM   997  C CB  . THR   A 1 120 ? -3.24267  -9.03558  1.39400   1.000 16.99000 ? 120 THR   A CB  1 
ATOM   998  O OG1 . THR   A 1 120 ? -4.06064  -8.12802  2.14405   1.000 17.70000 ? 120 THR   A OG1 1 
ATOM   999  C CG2 . THR   A 1 120 ? -1.93384  -9.27971  2.12414   1.000 16.35000 ? 120 THR   A CG2 1 
ATOM   1000 N N   . CYS   A 1 121 ? -4.74632  -9.30456  -1.45972  1.000 15.20000 ? 121 CYS   A N   1 
ATOM   1001 C CA  . CYS   A 1 121 ? -6.05402  -9.34485  -2.10021  1.000 15.94000 ? 121 CYS   A CA  1 
ATOM   1002 C C   . CYS   A 1 121 ? -6.36020  -10.79857 -2.42757  1.000 18.79000 ? 121 CYS   A C   1 
ATOM   1003 O O   . CYS   A 1 121 ? -5.55593  -11.46560 -3.08427  1.000 19.42000 ? 121 CYS   A O   1 
ATOM   1004 C CB  . CYS   A 1 121 ? -6.08079  -8.49793  -3.37469  1.000 15.92000 ? 121 CYS   A CB  1 
ATOM   1005 S SG  . CYS   A 1 121 ? -7.74987  -8.29777  -4.02619  1.000 22.27000 ? 121 CYS   A SG  1 
ATOM   1006 N N   . GLY   A 1 122 ? -7.49731  -11.29235 -1.95436  1.000 20.33000 ? 122 GLY   A N   1 
ATOM   1007 C CA  . GLY   A 1 122 ? -7.81743  -12.68507 -2.21607  1.000 21.33000 ? 122 GLY   A CA  1 
ATOM   1008 C C   . GLY   A 1 122 ? -6.77715  -13.58105 -1.57854  1.000 18.89000 ? 122 GLY   A C   1 
ATOM   1009 O O   . GLY   A 1 122 ? -6.43091  -13.42647 -0.40303  1.000 23.94000 ? 122 GLY   A O   1 
ATOM   1010 N N   . ASP   A 1 123 ? -6.23635  -14.51415 -2.35895  1.000 21.97000 ? 123 ASP   A N   1 
ATOM   1011 C CA  . ASP   A 1 123 ? -5.19194  -15.39777 -1.86298  1.000 21.47000 ? 123 ASP   A CA  1 
ATOM   1012 C C   . ASP   A 1 123 ? -3.78956  -14.92828 -2.24418  1.000 24.84000 ? 123 ASP   A C   1 
ATOM   1013 O O   . ASP   A 1 123 ? -2.82516  -15.67151 -2.03992  1.000 23.15000 ? 123 ASP   A O   1 
ATOM   1014 C CB  . ASP   A 1 123 ? -5.41887  -16.83572 -2.35570  1.000 29.45000 ? 123 ASP   A CB  1 
ATOM   1015 C CG  . ASP   A 1 123 ? -5.30554  -16.97830 -3.86650  1.000 32.46000 ? 123 ASP   A CG  1 
ATOM   1016 O OD1 . ASP   A 1 123 ? -5.04778  -15.97829 -4.57155  1.000 32.52000 ? 123 ASP   A OD1 1 
ATOM   1017 O OD2 . ASP   A 1 123 ? -5.46892  -18.11663 -4.35975  1.000 42.63000 ? 123 ASP   A OD2 1 
ATOM   1018 N N   . GLN   A 1 124 ? -3.65104  -13.71912 -2.78431  1.000 21.07000 ? 124 GLN   A N   1 
ATOM   1019 C CA  . GLN   A 1 124 ? -2.36384  -13.22130 -3.24801  1.000 21.16000 ? 124 GLN   A CA  1 
ATOM   1020 C C   . GLN   A 1 124 ? -1.73785  -12.28557 -2.22320  1.000 16.77000 ? 124 GLN   A C   1 
ATOM   1021 O O   . GLN   A 1 124 ? -2.42509  -11.48094 -1.58035  1.000 19.41000 ? 124 GLN   A O   1 
ATOM   1022 C CB  . GLN   A 1 124 ? -2.49814  -12.48970 -4.58731  1.000 18.19000 ? 124 GLN   A CB  1 
ATOM   1023 C CG  . GLN   A 1 124 ? -2.91839  -13.37779 -5.75517  1.000 19.34000 ? 124 GLN   A CG  1 
ATOM   1024 C CD  . GLN   A 1 124 ? -1.98736  -14.55223 -5.96949  1.000 25.25000 ? 124 GLN   A CD  1 
ATOM   1025 O OE1 . GLN   A 1 124 ? -0.77090  -14.38987 -6.03501  1.000 24.35000 ? 124 GLN   A OE1 1 
ATOM   1026 N NE2 . GLN   A 1 124 ? -2.55793  -15.74919 -6.08751  1.000 26.48000 ? 124 GLN   A NE2 1 
ATOM   1027 N N   . VAL   A 1 125 ? -0.42533  -12.40013 -2.07190  1.000 14.91000 ? 125 VAL   A N   1 
ATOM   1028 C CA  . VAL   A 1 125 ? 0.34036   -11.50922 -1.21240  1.000 15.97000 ? 125 VAL   A CA  1 
ATOM   1029 C C   . VAL   A 1 125 ? 1.51847   -11.00127 -2.02963  1.000 17.26000 ? 125 VAL   A C   1 
ATOM   1030 O O   . VAL   A 1 125 ? 2.27982   -11.80253 -2.58317  1.000 16.73000 ? 125 VAL   A O   1 
ATOM   1031 C CB  . VAL   A 1 125 ? 0.82967   -12.21245 0.06102   1.000 20.60000 ? 125 VAL   A CB  1 
ATOM   1032 C CG1 . VAL   A 1 125 ? 1.64680   -11.25349 0.91237   1.000 18.14000 ? 125 VAL   A CG1 1 
ATOM   1033 C CG2 . VAL   A 1 125 ? -0.35312  -12.75983 0.86125   1.000 22.08000 ? 125 VAL   A CG2 1 
ATOM   1034 N N   . CYS   A 1 126 ? 1.64253   -9.68341  -2.13663  1.000 13.54000 ? 126 CYS   A N   1 
ATOM   1035 C CA  . CYS   A 1 126 ? 2.82054   -9.03744  -2.70511  1.000 13.41000 ? 126 CYS   A CA  1 
ATOM   1036 C C   . CYS   A 1 126 ? 3.69502   -8.54007  -1.56087  1.000 14.45000 ? 126 CYS   A C   1 
ATOM   1037 O O   . CYS   A 1 126 ? 3.19280   -7.92341  -0.62181  1.000 15.29000 ? 126 CYS   A O   1 
ATOM   1038 C CB  . CYS   A 1 126 ? 2.40576   -7.87964  -3.61235  1.000 13.18000 ? 126 CYS   A CB  1 
ATOM   1039 S SG  . CYS   A 1 126 ? 3.70880   -6.70501  -4.04252  1.000 15.01000 ? 126 CYS   A SG  1 
ATOM   1040 N N   . ARG   A 1 127 ? 4.99090   -8.82029  -1.62518  1.000 13.72000 ? 127 ARG   A N   1 
ATOM   1041 C CA  . ARG   A 1 127 ? 5.92061   -8.41467  -0.58247  1.000 14.22000 ? 127 ARG   A CA  1 
ATOM   1042 C C   . ARG   A 1 127 ? 6.92424   -7.43855  -1.16890  1.000 13.75000 ? 127 ARG   A C   1 
ATOM   1043 O O   . ARG   A 1 127 ? 7.54179   -7.73314  -2.19510  1.000 16.52000 ? 127 ARG   A O   1 
ATOM   1044 C CB  . ARG   A 1 127 ? 6.64148   -9.62508  0.02555   1.000 15.37000 ? 127 ARG   A CB  1 
ATOM   1045 C CG  . ARG   A 1 127 ? 5.69299   -10.56914 0.75326   1.000 20.43000 ? 127 ARG   A CG  1 
ATOM   1046 C CD  . ARG   A 1 127 ? 6.44255   -11.71680 1.39697   1.000 28.45000 ? 127 ARG   A CD  1 
ATOM   1047 N NE  . ARG   A 1 127 ? 5.70549   -12.96589 1.25290   1.000 38.19000 ? 127 ARG   A NE  1 
ATOM   1048 C CZ  . ARG   A 1 127 ? 4.70447   -13.33197 2.04294   1.000 32.83000 ? 127 ARG   A CZ  1 
ATOM   1049 N NH1 . ARG   A 1 127 ? 4.31686   -12.53962 3.03540   1.000 33.61000 ? 127 ARG   A NH1 1 
ATOM   1050 N NH2 . ARG   A 1 127 ? 4.08701   -14.48853 1.83785   1.000 35.87000 ? 127 ARG   A NH2 1 
ATOM   1051 N N   . GLN   A 1 128 ? 7.07540   -6.28024  -0.51915  1.000 13.47000 ? 128 GLN   A N   1 
ATOM   1052 C CA  . GLN   A 1 128 ? 7.96740   -5.22919  -0.99046  1.000 15.87000 ? 128 GLN   A CA  1 
ATOM   1053 C C   . GLN   A 1 128 ? 8.88123   -4.75740  0.13095   1.000 13.90000 ? 128 GLN   A C   1 
ATOM   1054 O O   . GLN   A 1 128 ? 8.50979   -4.77102  1.30947   1.000 15.23000 ? 128 GLN   A O   1 
ATOM   1055 C CB  . GLN   A 1 128 ? 7.17842   -4.02982  -1.51731  1.000 15.10000 ? 128 GLN   A CB  1 
ATOM   1056 C CG  . GLN   A 1 128 ? 6.15695   -4.39724  -2.56917  1.000 15.07000 ? 128 GLN   A CG  1 
ATOM   1057 C CD  . GLN   A 1 128 ? 5.35220   -3.21660  -3.03616  1.000 20.38000 ? 128 GLN   A CD  1 
ATOM   1058 O OE1 . GLN   A 1 128 ? 4.95857   -2.36416  -2.24716  1.000 22.46000 ? 128 GLN   A OE1 1 
ATOM   1059 N NE2 . GLN   A 1 128 ? 5.09667   -3.16071  -4.32707  1.000 17.22000 ? 128 GLN   A NE2 1 
ATOM   1060 N N   . VAL   A 1 129 ? 10.06173  -4.27882  -0.25760  1.000 13.26000 ? 129 VAL   A N   1 
ATOM   1061 C CA  . VAL   A 1 129 ? 11.01990  -3.68498  0.66274   1.000 14.04000 ? 129 VAL   A CA  1 
ATOM   1062 C C   . VAL   A 1 129 ? 11.49209  -2.37296  0.06559   1.000 13.84000 ? 129 VAL   A C   1 
ATOM   1063 O O   . VAL   A 1 129 ? 11.82187  -2.31293  -1.12721  1.000 15.27000 ? 129 VAL   A O   1 
ATOM   1064 C CB  . VAL   A 1 129 ? 12.22177  -4.60516  0.93063   1.000 15.37000 ? 129 VAL   A CB  1 
ATOM   1065 C CG1 . VAL   A 1 129 ? 13.08075  -4.02588  2.05822   1.000 19.60000 ? 129 VAL   A CG1 1 
ATOM   1066 C CG2 . VAL   A 1 129 ? 11.75399  -6.01646  1.27764   1.000 16.94000 ? 129 VAL   A CG2 1 
ATOM   1067 N N   . PHE   A 1 130 ? 11.51129  -1.32848  0.88837   1.000 11.46000 ? 130 PHE   A N   1 
ATOM   1068 C CA  . PHE   A 1 130 ? 11.95896  -0.00128  0.48348   1.000 13.91000 ? 130 PHE   A CA  1 
ATOM   1069 C C   . PHE   A 1 130 ? 13.11818  0.43918   1.36526   1.000 16.29000 ? 130 PHE   A C   1 
ATOM   1070 O O   . PHE   A 1 130 ? 13.17420  0.09713   2.54829   1.000 16.07000 ? 130 PHE   A O   1 
ATOM   1071 C CB  . PHE   A 1 130 ? 10.83996  1.04374   0.61624   1.000 13.25000 ? 130 PHE   A CB  1 
ATOM   1072 C CG  . PHE   A 1 130 ? 9.63777   0.77829   -0.24439  1.000 13.21000 ? 130 PHE   A CG  1 
ATOM   1073 C CD1 . PHE   A 1 130 ? 8.69928   -0.18782  0.12592   1.000 15.57000 ? 130 PHE   A CD1 1 
ATOM   1074 C CD2 . PHE   A 1 130 ? 9.40431   1.53265   -1.37492  1.000 14.43000 ? 130 PHE   A CD2 1 
ATOM   1075 C CE1 . PHE   A 1 130 ? 7.56933   -0.40510  -0.66016  1.000 14.04000 ? 130 PHE   A CE1 1 
ATOM   1076 C CE2 . PHE   A 1 130 ? 8.29508   1.31680   -2.16338  1.000 13.50000 ? 130 PHE   A CE2 1 
ATOM   1077 C CZ  . PHE   A 1 130 ? 7.37403   0.33896   -1.80880  1.000 14.74000 ? 130 PHE   A CZ  1 
ATOM   1078 N N   . LYS   A 1 131 ? 14.02079  1.23861   0.80537   1.000 17.02000 ? 131 LYS   A N   1 
ATOM   1079 C CA  . LYS   A 1 131 ? 15.10156  1.83703   1.57931   1.000 18.44000 ? 131 LYS   A CA  1 
ATOM   1080 C C   . LYS   A 1 131 ? 14.81287  3.31744   1.80546   1.000 17.75000 ? 131 LYS   A C   1 
ATOM   1081 O O   . LYS   A 1 131 ? 14.22118  3.99289   0.95835   1.000 17.70000 ? 131 LYS   A O   1 
ATOM   1082 C CB  . LYS   A 1 131 ? 16.46086  1.63437   0.88341   1.000 20.84000 ? 131 LYS   A CB  1 
ATOM   1083 C CG  . LYS   A 1 131 ? 16.72072  2.52703   -0.32243  1.000 29.27000 ? 131 LYS   A CG  1 
ATOM   1084 C CD  . LYS   A 1 131 ? 17.86142  1.96442   -1.17271  1.000 33.30000 ? 131 LYS   A CD  1 
ATOM   1085 C CE  . LYS   A 1 131 ? 18.56726  3.03825   -1.99070  1.000 40.77000 ? 131 LYS   A CE  1 
ATOM   1086 N NZ  . LYS   A 1 131 ? 17.64166  3.84267   -2.83520  1.000 40.76000 ? 131 LYS   A NZ  1 
ATOM   1087 N N   . LYS   A 1 132 ? 15.19676  3.82483   2.96834   1.000 19.57000 ? 132 LYS   A N   1 
ATOM   1088 C CA  . LYS   A 1 132 ? 14.92761  5.22042   3.27228   1.000 21.98000 ? 132 LYS   A CA  1 
ATOM   1089 C C   . LYS   A 1 132 ? 15.89021  6.10321   2.49996   1.000 26.07000 ? 132 LYS   A C   1 
ATOM   1090 O O   . LYS   A 1 132 ? 17.10986  5.94721   2.61754   1.000 26.63000 ? 132 LYS   A O   1 
ATOM   1091 C CB  . LYS   A 1 132 ? 15.05505  5.48676   4.76712   1.000 24.25000 ? 132 LYS   A CB  1 
ATOM   1092 C CG  . LYS   A 1 132 ? 14.41177  6.79335   5.15485   1.000 28.37000 ? 132 LYS   A CG  1 
ATOM   1093 C CD  . LYS   A 1 132 ? 14.38262  6.99145   6.64269   1.000 30.52000 ? 132 LYS   A CD  1 
ATOM   1094 C CE  . LYS   A 1 132 ? 13.55884  8.21114   6.97249   1.000 31.24000 ? 132 LYS   A CE  1 
ATOM   1095 N NZ  . LYS   A 1 132 ? 13.76100  8.62764   8.37698   1.000 31.93000 ? 132 LYS   A NZ  1 
ATOM   1096 N N   . LYS   A 1 133 ? 15.34731  7.02380   1.71431   1.000 23.35000 ? 133 LYS   A N   1 
ATOM   1097 C CA  . LYS   A 1 133 ? 16.17323  8.00141   1.01484   1.000 31.79000 ? 133 LYS   A CA  1 
ATOM   1098 C C   . LYS   A 1 133 ? 16.28673  9.28105   1.84771   1.000 35.61000 ? 133 LYS   A C   1 
ATOM   1099 O O   . LYS   A 1 133 ? 17.38661  9.69628   2.22059   1.000 41.89000 ? 133 LYS   A O   1 
ATOM   1100 C CB  . LYS   A 1 133 ? 15.60179  8.31704   -0.36701  1.000 33.85000 ? 133 LYS   A CB  1 
ATOM   1101 C CG  . LYS   A 1 133 ? 16.56387  9.09539   -1.25893  1.000 36.37000 ? 133 LYS   A CG  1 
ATOM   1102 C CD  . LYS   A 1 133 ? 16.02403  9.24755   -2.67372  1.000 42.65000 ? 133 LYS   A CD  1 
ATOM   1103 C CE  . LYS   A 1 133 ? 16.55985  10.50595  -3.34199  1.000 40.39000 ? 133 LYS   A CE  1 
ATOM   1104 N NZ  . LYS   A 1 133 ? 15.46910  11.46494  -3.66548  1.000 43.98000 ? 133 LYS   A NZ  1 
HETATM 1105 C C01 . A1CKZ B 2 .   ? -0.22058  1.18032   -4.43519  1.000 30.00000 ? 201 A1CKZ A C01 1 
HETATM 1106 C C03 . A1CKZ B 2 .   ? -0.00215  1.41809   -2.01315  1.000 30.00000 ? 201 A1CKZ A C03 1 
HETATM 1107 C C04 . A1CKZ B 2 .   ? 1.10022   0.68209   -2.45118  1.000 30.00000 ? 201 A1CKZ A C04 1 
HETATM 1108 C C05 . A1CKZ B 2 .   ? 0.95773   0.50300   -4.00294  1.000 30.00000 ? 201 A1CKZ A C05 1 
HETATM 1109 C C06 . A1CKZ B 2 .   ? -0.11854  1.74105   -0.54327  1.000 30.00000 ? 201 A1CKZ A C06 1 
HETATM 1110 C C07 . A1CKZ B 2 .   ? 0.79662   1.37380   0.33215   1.000 30.00000 ? 201 A1CKZ A C07 1 
HETATM 1111 C C08 . A1CKZ B 2 .   ? 0.70582   1.71112   1.81455   1.000 30.00000 ? 201 A1CKZ A C08 1 
HETATM 1112 C C11 . A1CKZ B 2 .   ? -1.34448  2.47183   -0.15309  1.000 30.00000 ? 201 A1CKZ A C11 1 
HETATM 1113 C C12 . A1CKZ B 2 .   ? -1.36521  1.58389   -7.92570  1.000 30.00000 ? 201 A1CKZ A C12 1 
HETATM 1114 C C13 . A1CKZ B 2 .   ? -0.46532  0.50081   -8.03750  1.000 30.00000 ? 201 A1CKZ A C13 1 
HETATM 1115 C C14 . A1CKZ B 2 .   ? 0.06845   0.28637   -6.65192  1.000 30.00000 ? 201 A1CKZ A C14 1 
HETATM 1116 C C15 . A1CKZ B 2 .   ? -0.53370  1.18093   -5.75681  1.000 30.00000 ? 201 A1CKZ A C15 1 
HETATM 1117 C C18 . A1CKZ B 2 .   ? -1.90455  1.27222   -10.26936 1.000 30.00000 ? 201 A1CKZ A C18 1 
HETATM 1118 C C19 . A1CKZ B 2 .   ? -2.80493  3.14479   -8.95157  1.000 30.00000 ? 201 A1CKZ A C19 1 
HETATM 1119 N N17 . A1CKZ B 2 .   ? -2.04276  2.00930   -9.05330  1.000 30.00000 ? 201 A1CKZ A N17 1 
HETATM 1120 S S02 . A1CKZ B 2 .   ? -0.93587  1.83136   -3.25058  1.000 30.00000 ? 201 A1CKZ A S02 1 
HETATM 1121 S S16 . A1CKZ B 2 .   ? -1.49731  2.07426   -6.48436  1.000 30.00000 ? 201 A1CKZ A S16 1 
HETATM 1122 H H20 . A1CKZ B 2 .   ? 1.77222   0.32789   -1.91688  1.000 30.00000 ? 201 A1CKZ A H20 1 
HETATM 1123 H H21 . A1CKZ B 2 .   ? 1.55277   0.04873   -4.55255  1.000 30.00000 ? 201 A1CKZ A H21 1 
HETATM 1124 H H22 . A1CKZ B 2 .   ? 1.55008   0.92256   0.02552   1.000 30.00000 ? 201 A1CKZ A H22 1 
HETATM 1125 H H10 . A1CKZ B 2 .   ? -0.06188  2.13647   2.12045   1.000 30.00000 ? 201 A1CKZ A H10 1 
HETATM 1126 H H24 . A1CKZ B 2 .   ? -2.01656  2.31995   -0.79028  1.000 30.00000 ? 201 A1CKZ A H24 1 
HETATM 1127 H H23 . A1CKZ B 2 .   ? -1.15933  3.39221   -0.10729  1.000 30.00000 ? 201 A1CKZ A H23 1 
HETATM 1128 H H25 . A1CKZ B 2 .   ? -1.63560  2.16996   0.68675   1.000 30.00000 ? 201 A1CKZ A H25 1 
HETATM 1129 H H26 . A1CKZ B 2 .   ? -0.22529  0.04491   -8.81107  1.000 30.00000 ? 201 A1CKZ A H26 1 
HETATM 1130 H H27 . A1CKZ B 2 .   ? 0.69193   -0.36045  -6.41746  1.000 30.00000 ? 201 A1CKZ A H27 1 
HETATM 1131 H H29 . A1CKZ B 2 .   ? -1.86727  0.32401   -10.07085 1.000 30.00000 ? 201 A1CKZ A H29 1 
HETATM 1132 H H28 . A1CKZ B 2 .   ? -1.08805  1.54132   -10.71986 1.000 30.00000 ? 201 A1CKZ A H28 1 
HETATM 1133 H H30 . A1CKZ B 2 .   ? -2.66421  1.45281   -10.84514 1.000 30.00000 ? 201 A1CKZ A H30 1 
HETATM 1134 H H31 . A1CKZ B 2 .   ? -2.32898  3.80743   -8.42745  1.000 30.00000 ? 201 A1CKZ A H31 1 
HETATM 1135 H H33 . A1CKZ B 2 .   ? -3.64560  2.93148   -8.51586  1.000 30.00000 ? 201 A1CKZ A H33 1 
HETATM 1136 H H32 . A1CKZ B 2 .   ? -2.98066  3.49720   -9.83764  1.000 30.00000 ? 201 A1CKZ A H32 1 
HETATM 1137 C C   . ACT   C 3 .   ? -5.40453  2.54236   0.92896   1.000 27.11000 ? 202 ACT   A C   1 
HETATM 1138 O O   . ACT   C 3 .   ? -4.34119  1.94547   0.69928   1.000 27.53000 ? 202 ACT   A O   1 
HETATM 1139 O OXT . ACT   C 3 .   ? -5.78514  2.70700   2.12341   1.000 30.83000 ? 202 ACT   A OXT 1 
HETATM 1140 C CH3 . ACT   C 3 .   ? -6.17424  3.02585   -0.23603  1.000 22.05000 ? 202 ACT   A CH3 1 
HETATM 1141 O O   . HOH   D 4 .   ? -6.17102  11.16027  16.50384  1.000 42.47000 ? 301 HOH   A O   1 
HETATM 1142 O O   . HOH   D 4 .   ? -7.79851  -2.45234  -15.33116 1.000 32.86000 ? 302 HOH   A O   1 
HETATM 1143 O O   . HOH   D 4 .   ? 10.45528  -10.76748 -1.12531  1.000 27.74000 ? 303 HOH   A O   1 
HETATM 1144 O O   . HOH   D 4 .   ? 14.93391  -8.66805  6.53304   1.000 27.06000 ? 304 HOH   A O   1 
HETATM 1145 O O   . HOH   D 4 .   ? 2.04507   -7.06831  14.83173  1.000 24.72000 ? 305 HOH   A O   1 
HETATM 1146 O O   . HOH   D 4 .   ? 9.64238   5.63786   -8.38930  1.000 27.66000 ? 306 HOH   A O   1 
HETATM 1147 O O   . HOH   D 4 .   ? 8.76134   -3.69525  -9.47677  1.000 32.94000 ? 307 HOH   A O   1 
HETATM 1148 O O   . HOH   D 4 .   ? 4.53004   2.17940   -3.96541  1.000 21.22000 ? 308 HOH   A O   1 
HETATM 1149 O O   . HOH   D 4 .   ? 6.45479   0.21356   11.81959  1.000 21.99000 ? 309 HOH   A O   1 
HETATM 1150 O O   . HOH   D 4 .   ? -8.28154  4.52390   9.47205   1.000 14.44000 ? 310 HOH   A O   1 
HETATM 1151 O O   . HOH   D 4 .   ? -15.59936 7.56372   10.33381  1.000 23.12000 ? 311 HOH   A O   1 
HETATM 1152 O O   . HOH   D 4 .   ? -4.00413  -12.72182 0.55397   1.000 26.75000 ? 312 HOH   A O   1 
HETATM 1153 O O   . HOH   D 4 .   ? 9.10452   3.61523   -12.14181 1.000 19.68000 ? 313 HOH   A O   1 
HETATM 1154 O O   . HOH   D 4 .   ? 6.00598   -2.37930  -9.87584  1.000 19.50000 ? 314 HOH   A O   1 
HETATM 1155 O O   . HOH   D 4 .   ? -6.36471  -4.63008  13.46787  1.000 27.18000 ? 315 HOH   A O   1 
HETATM 1156 O O   . HOH   D 4 .   ? 7.63437   -11.75688 -8.16054  1.000 28.31000 ? 316 HOH   A O   1 
HETATM 1157 O O   . HOH   D 4 .   ? -12.52981 -5.42990  -0.26249  1.000 17.89000 ? 317 HOH   A O   1 
HETATM 1158 O O   . HOH   D 4 .   ? 10.26052  -8.28248  -1.86824  1.000 20.87000 ? 318 HOH   A O   1 
HETATM 1159 O O   . HOH   D 4 .   ? -13.66620 -7.52162  2.20110   1.000 22.97000 ? 319 HOH   A O   1 
HETATM 1160 O O   . HOH   D 4 .   ? 10.84861  -7.79441  8.37058   1.000 27.07000 ? 320 HOH   A O   1 
HETATM 1161 O O   . HOH   D 4 .   ? 5.73882   4.01812   -17.18146 1.000 28.21000 ? 321 HOH   A O   1 
HETATM 1162 O O   . HOH   D 4 .   ? -5.92048  -1.92348  -2.13483  1.000 25.58000 ? 322 HOH   A O   1 
HETATM 1163 O O   . HOH   D 4 .   ? -4.60584  0.44207   -1.64042  1.000 36.54000 ? 323 HOH   A O   1 
HETATM 1164 O O   . HOH   D 4 .   ? -9.30398  8.11301   8.59467   1.000 15.83000 ? 324 HOH   A O   1 
HETATM 1165 O O   . HOH   D 4 .   ? -4.84959  -6.37945  6.06815   1.000 22.51000 ? 325 HOH   A O   1 
HETATM 1166 O O   . HOH   D 4 .   ? -4.21557  12.59322  7.26690   1.000 26.86000 ? 326 HOH   A O   1 
HETATM 1167 O O   . HOH   D 4 .   ? -3.48122  -13.50799 -9.02615  1.000 30.55000 ? 327 HOH   A O   1 
HETATM 1168 O O   . HOH   D 4 .   ? -6.98912  -2.32061  10.32707  1.000 18.16000 ? 328 HOH   A O   1 
HETATM 1169 O O   . HOH   D 4 .   ? -0.36943  6.60403   15.27217  1.000 30.04000 ? 329 HOH   A O   1 
HETATM 1170 O O   . HOH   D 4 .   ? -15.26859 -3.31753  -3.26635  1.000 15.41000 ? 330 HOH   A O   1 
HETATM 1171 O O   . HOH   D 4 .   ? -8.12549  8.21515   16.10865  1.000 31.73000 ? 331 HOH   A O   1 
HETATM 1172 O O   . HOH   D 4 .   ? -8.14361  6.23652   -2.51131  1.000 33.65000 ? 332 HOH   A O   1 
HETATM 1173 O O   . HOH   D 4 .   ? -4.54286  -4.28131  -1.42610  1.000 23.48000 ? 333 HOH   A O   1 
HETATM 1174 O O   . HOH   D 4 .   ? 0.71209   -14.99184 -2.74788  1.000 23.09000 ? 334 HOH   A O   1 
HETATM 1175 O O   . HOH   D 4 .   ? 0.68719   -1.76114  21.60221  1.000 32.25000 ? 335 HOH   A O   1 
HETATM 1176 O O   . HOH   D 4 .   ? 13.22664  10.25541  3.94746   1.000 28.69000 ? 336 HOH   A O   1 
HETATM 1177 O O   . HOH   D 4 .   ? -12.13934 -1.96270  7.32288   1.000 25.70000 ? 337 HOH   A O   1 
HETATM 1178 O O   . HOH   D 4 .   ? 4.50503   -13.65073 -2.17447  1.000 32.91000 ? 338 HOH   A O   1 
HETATM 1179 O O   . HOH   D 4 .   ? -5.58629  -4.95695  -21.49402 1.000 26.52000 ? 339 HOH   A O   1 
HETATM 1180 O O   . HOH   D 4 .   ? -11.02456 -7.21371  2.98894   1.000 19.29000 ? 340 HOH   A O   1 
HETATM 1181 O O   . HOH   D 4 .   ? -17.40045 -0.76927  -5.96103  1.000 27.60000 ? 341 HOH   A O   1 
HETATM 1182 O O   . HOH   D 4 .   ? 2.89897   11.79966  1.64821   1.000 27.17000 ? 342 HOH   A O   1 
HETATM 1183 O O   . HOH   D 4 .   ? -12.16893 8.24599   -1.82410  1.000 35.85000 ? 343 HOH   A O   1 
HETATM 1184 O O   . HOH   D 4 .   ? 6.80239   -8.36136  -8.45507  1.000 21.45000 ? 344 HOH   A O   1 
HETATM 1185 O O   . HOH   D 4 .   ? 5.11714   -10.16106 -9.98590  1.000 21.14000 ? 345 HOH   A O   1 
HETATM 1186 O O   . HOH   D 4 .   ? -2.67729  -7.09281  4.56115   1.000 23.75000 ? 346 HOH   A O   1 
HETATM 1187 O O   . HOH   D 4 .   ? -9.30539  -11.45276 -5.38485  1.000 34.88000 ? 347 HOH   A O   1 
HETATM 1188 O O   . HOH   D 4 .   ? -11.92773 -10.67611 4.21909   1.000 29.81000 ? 348 HOH   A O   1 
HETATM 1189 O O   . HOH   D 4 .   ? -7.51772  -7.82549  -19.27261 1.000 34.18000 ? 349 HOH   A O   1 
HETATM 1190 O O   . HOH   D 4 .   ? 9.83984   -14.62954 -0.16077  1.000 33.74000 ? 350 HOH   A O   1 
HETATM 1191 O O   . HOH   D 4 .   ? 0.18984   13.66183  8.11520   1.000 27.77000 ? 351 HOH   A O   1 
HETATM 1192 O O   . HOH   D 4 .   ? -13.34054 9.37437   7.99344   1.000 31.17000 ? 352 HOH   A O   1 
HETATM 1193 O O   . HOH   D 4 .   ? 9.45589   12.85278  3.00043   1.000 34.06000 ? 353 HOH   A O   1 
HETATM 1194 O O   . HOH   D 4 .   ? -7.26424  -7.53977  5.03589   1.000 25.73000 ? 354 HOH   A O   1 
HETATM 1195 O O   . HOH   D 4 .   ? -7.68489  10.08905  0.69429   1.000 28.49000 ? 355 HOH   A O   1 
HETATM 1196 O O   . HOH   D 4 .   ? 3.33526   9.36543   -12.50026 1.000 34.50000 ? 356 HOH   A O   1 
HETATM 1197 O O   . HOH   D 4 .   ? -12.77531 -4.56686  -2.93004  1.000 16.56000 ? 357 HOH   A O   1 
HETATM 1198 O O   . HOH   D 4 .   ? -11.60337 -11.86409 -3.55118  1.000 31.44000 ? 358 HOH   A O   1 
HETATM 1199 O O   . HOH   D 4 .   ? 5.44878   16.99236  14.66556  1.000 27.35000 ? 359 HOH   A O   1 
HETATM 1200 O O   . HOH   D 4 .   ? 1.88527   6.57377   16.99227  1.000 40.60000 ? 360 HOH   A O   1 
HETATM 1201 O O   . HOH   D 4 .   ? -8.57114  -4.95173  12.46777  1.000 39.72000 ? 361 HOH   A O   1 
HETATM 1202 O O   . HOH   D 4 .   ? -5.12938  -7.82829  8.43114   1.000 34.53000 ? 362 HOH   A O   1 
# 
